data_8APM
#
_entry.id   8APM
#
_cell.length_a   1.00
_cell.length_b   1.00
_cell.length_c   1.00
_cell.angle_alpha   90.00
_cell.angle_beta   90.00
_cell.angle_gamma   90.00
#
_symmetry.space_group_name_H-M   'P 1'
#
loop_
_entity.id
_entity.type
_entity.pdbx_description
1 polymer 'Primase D5'
2 polymer "DNA (5'-D(P*CP*CP*GP*AP*AP*TP*CP*A)-3')"
3 polymer "DNA (5'-D(P*TP*GP*AP*TP*TP*CP*GP*G)-3')"
#
loop_
_entity_poly.entity_id
_entity_poly.type
_entity_poly.pdbx_seq_one_letter_code
_entity_poly.pdbx_strand_id
1 'polypeptide(L)'
;AMGNKLFNIAQRILDTNSVLLTERGDYIVWINNSWKFNSEEPLITKLILSIRHQLPKEYSSELLCPRKRKTVEANIRDML
VDSVETDTYPDKLPFKNGVLDLVDGMFYSGDDAKKYTCTVSTGFKFDDTKFVEDSPEMEELMNIINDIQPLTDENKKNRE
LYEKTLSSCLCGATKGCLTFFFGETATGKSTTKRLLKSAIGDLFVETGQTILTDVLDKGPNPFIANMHLKRSVFCSELPD
FACSGSKKIRSDNIKKLTEPCVIGRPCFSNKINNRNHATIIIDTNYKPVFDRIDNALMRRIAVVRFRTHFSQPSGREAAE
NNDAYDKVKLLDEGLDGKIQNNRYRFAFLYLLVKWYKKYHVPIMKLYPTPEEIPDFAFYLKIGTLLVSSSVKHIPLMTDL
SKKGYILYDNVVTLPLTTFQQKISKYFNSRLFGHDIESFINRHKKFANVSDEYLQYIFIEDISSP
;
A,E,D,B,C,F
2 'polydeoxyribonucleotide'
;(DC)(DC)(DG)(DA)(DA)(DT)(DC)(DA)(DG)(DG)(DA)(DA)(DG)(DA)(DT)(DA)(DA)(DC)(DA)(DG)
(DC)(DG)(DG)(DT)(DT)(DT)(DA)(DG)(DC)(DC)
;
X
3 'polydeoxyribonucleotide'
;(DG)(DG)(DC)(DT)(DT)(DA)(DG)(DT)(DC)(DC)(DT)(DT)(DC)(DT)(DA)(DT)(DT)(DG)(DT)(DC)
(DG)(DC)(DA)(DG)(DA)(DT)(DT)(DC)(DG)(DG)
;
Y
#
# COMPACT_ATOMS: atom_id res chain seq x y z
N ALA A 1 -1.68 -13.47 -44.55
CA ALA A 1 -1.09 -12.89 -45.75
C ALA A 1 0.16 -12.08 -45.42
N MET A 2 1.30 -12.75 -45.38
CA MET A 2 2.57 -12.13 -45.03
C MET A 2 3.65 -12.68 -45.96
N GLY A 3 4.90 -12.41 -45.63
CA GLY A 3 6.03 -12.83 -46.44
C GLY A 3 6.70 -14.07 -45.89
N ASN A 4 7.06 -14.98 -46.81
CA ASN A 4 7.71 -16.22 -46.41
C ASN A 4 9.15 -16.01 -45.94
N LYS A 5 9.84 -15.02 -46.50
CA LYS A 5 11.25 -14.82 -46.21
C LYS A 5 11.52 -14.52 -44.75
N LEU A 6 10.53 -13.99 -44.02
CA LEU A 6 10.75 -13.59 -42.65
C LEU A 6 11.11 -14.79 -41.77
N PHE A 7 10.41 -15.92 -41.97
CA PHE A 7 10.74 -17.12 -41.21
C PHE A 7 12.14 -17.61 -41.53
N ASN A 8 12.53 -17.54 -42.80
CA ASN A 8 13.89 -17.94 -43.17
C ASN A 8 14.92 -17.05 -42.51
N ILE A 9 14.66 -15.74 -42.44
CA ILE A 9 15.58 -14.82 -41.78
C ILE A 9 15.67 -15.14 -40.30
N ALA A 10 14.53 -15.43 -39.67
CA ALA A 10 14.54 -15.80 -38.26
C ALA A 10 15.34 -17.08 -38.03
N GLN A 11 15.17 -18.07 -38.91
CA GLN A 11 15.94 -19.30 -38.81
C GLN A 11 17.43 -19.03 -38.94
N ARG A 12 17.81 -18.18 -39.90
CA ARG A 12 19.22 -17.85 -40.06
C ARG A 12 19.77 -17.15 -38.83
N ILE A 13 18.99 -16.24 -38.25
CA ILE A 13 19.42 -15.55 -37.05
C ILE A 13 19.63 -16.55 -35.91
N LEU A 14 18.68 -17.47 -35.74
CA LEU A 14 18.81 -18.48 -34.71
C LEU A 14 19.95 -19.44 -34.98
N ASP A 15 20.38 -19.59 -36.23
CA ASP A 15 21.57 -20.37 -36.52
C ASP A 15 22.79 -19.75 -35.87
N THR A 16 22.89 -18.42 -35.91
CA THR A 16 23.99 -17.72 -35.24
C THR A 16 23.95 -17.84 -33.73
N ASN A 17 22.81 -18.25 -33.16
CA ASN A 17 22.64 -18.40 -31.71
C ASN A 17 22.88 -17.08 -30.99
N SER A 18 22.56 -15.96 -31.63
CA SER A 18 22.75 -14.65 -31.02
C SER A 18 21.71 -14.34 -29.97
N VAL A 19 20.61 -15.09 -29.91
CA VAL A 19 19.56 -14.89 -28.93
C VAL A 19 19.28 -16.23 -28.27
N LEU A 20 19.17 -16.24 -26.94
CA LEU A 20 18.96 -17.47 -26.19
C LEU A 20 17.85 -17.26 -25.17
N LEU A 21 17.17 -18.34 -24.83
CA LEU A 21 16.11 -18.34 -23.85
C LEU A 21 16.65 -18.81 -22.51
N THR A 22 16.56 -17.96 -21.49
CA THR A 22 17.14 -18.27 -20.20
C THR A 22 16.28 -19.29 -19.45
N GLU A 23 16.88 -19.89 -18.42
CA GLU A 23 16.15 -20.82 -17.57
C GLU A 23 15.03 -20.13 -16.79
N ARG A 24 15.11 -18.81 -16.61
CA ARG A 24 14.09 -18.04 -15.92
C ARG A 24 12.99 -17.56 -16.85
N GLY A 25 12.91 -18.10 -18.06
CA GLY A 25 11.89 -17.66 -19.00
C GLY A 25 12.14 -16.31 -19.61
N ASP A 26 13.39 -15.85 -19.65
CA ASP A 26 13.75 -14.57 -20.23
C ASP A 26 14.64 -14.77 -21.45
N TYR A 27 14.84 -13.69 -22.18
CA TYR A 27 15.63 -13.71 -23.41
C TYR A 27 16.86 -12.83 -23.27
N ILE A 28 17.96 -13.27 -23.86
CA ILE A 28 19.19 -12.51 -23.91
C ILE A 28 19.63 -12.37 -25.36
N VAL A 29 20.37 -11.31 -25.65
CA VAL A 29 20.86 -11.04 -26.99
C VAL A 29 22.35 -10.79 -26.93
N TRP A 30 23.01 -11.06 -28.05
CA TRP A 30 24.46 -10.92 -28.18
C TRP A 30 24.74 -9.73 -29.09
N ILE A 31 24.89 -8.55 -28.48
CA ILE A 31 25.16 -7.32 -29.21
C ILE A 31 26.41 -6.68 -28.65
N ASN A 32 27.27 -6.20 -29.55
CA ASN A 32 28.50 -5.48 -29.18
C ASN A 32 29.36 -6.29 -28.23
N ASN A 33 29.53 -7.59 -28.55
CA ASN A 33 30.35 -8.50 -27.75
C ASN A 33 29.87 -8.55 -26.30
N SER A 34 28.57 -8.67 -26.12
CA SER A 34 27.99 -8.71 -24.78
C SER A 34 26.61 -9.36 -24.84
N TRP A 35 26.34 -10.22 -23.87
CA TRP A 35 25.03 -10.86 -23.75
C TRP A 35 24.08 -9.91 -23.03
N LYS A 36 23.58 -8.95 -23.81
CA LYS A 36 22.66 -7.96 -23.26
C LYS A 36 21.32 -8.59 -22.94
N PHE A 37 20.70 -8.13 -21.85
CA PHE A 37 19.47 -8.72 -21.36
C PHE A 37 18.61 -7.62 -20.74
N ASN A 38 17.30 -7.70 -20.99
CA ASN A 38 16.36 -6.74 -20.40
C ASN A 38 14.98 -7.38 -20.41
N SER A 39 14.41 -7.60 -19.21
CA SER A 39 13.07 -8.17 -19.12
C SER A 39 12.01 -7.12 -19.45
N GLU A 40 12.26 -5.86 -19.10
CA GLU A 40 11.28 -4.81 -19.34
C GLU A 40 11.00 -4.63 -20.83
N GLU A 41 12.06 -4.63 -21.64
CA GLU A 41 11.94 -4.45 -23.08
C GLU A 41 12.65 -5.59 -23.80
N PRO A 42 11.95 -6.33 -24.68
CA PRO A 42 12.62 -7.39 -25.44
C PRO A 42 13.63 -6.80 -26.40
N LEU A 43 14.90 -7.18 -26.22
CA LEU A 43 15.99 -6.68 -27.04
C LEU A 43 16.13 -7.42 -28.36
N ILE A 44 15.16 -8.27 -28.70
CA ILE A 44 15.25 -9.07 -29.91
C ILE A 44 15.25 -8.18 -31.14
N THR A 45 14.39 -7.16 -31.16
CA THR A 45 14.34 -6.24 -32.29
C THR A 45 15.67 -5.53 -32.48
N LYS A 46 16.26 -5.07 -31.38
CA LYS A 46 17.56 -4.41 -31.46
C LYS A 46 18.63 -5.37 -31.96
N LEU A 47 18.57 -6.64 -31.53
CA LEU A 47 19.53 -7.63 -32.03
C LEU A 47 19.37 -7.84 -33.53
N ILE A 48 18.13 -7.92 -34.00
CA ILE A 48 17.89 -8.10 -35.43
C ILE A 48 18.44 -6.91 -36.21
N LEU A 49 18.19 -5.70 -35.71
CA LEU A 49 18.73 -4.52 -36.38
C LEU A 49 20.25 -4.53 -36.38
N SER A 50 20.86 -4.98 -35.27
CA SER A 50 22.32 -5.02 -35.20
C SER A 50 22.91 -6.01 -36.19
N ILE A 51 22.30 -7.19 -36.31
CA ILE A 51 22.86 -8.26 -37.13
C ILE A 51 22.27 -8.29 -38.53
N ARG A 52 21.49 -7.26 -38.90
CA ARG A 52 21.00 -7.19 -40.27
C ARG A 52 22.14 -7.09 -41.28
N HIS A 53 23.27 -6.52 -40.85
CA HIS A 53 24.42 -6.38 -41.74
C HIS A 53 25.15 -7.70 -41.94
N GLN A 54 24.95 -8.67 -41.05
CA GLN A 54 25.56 -9.98 -41.17
C GLN A 54 24.73 -10.91 -42.06
N LEU A 55 23.84 -10.37 -42.86
CA LEU A 55 22.89 -11.11 -43.67
C LEU A 55 22.93 -10.61 -45.10
N PRO A 56 22.47 -11.41 -46.05
CA PRO A 56 22.44 -10.95 -47.45
C PRO A 56 21.57 -9.71 -47.61
N LYS A 57 21.91 -8.91 -48.61
CA LYS A 57 21.22 -7.64 -48.84
C LYS A 57 19.72 -7.86 -49.07
N GLU A 58 19.34 -9.03 -49.58
CA GLU A 58 17.92 -9.34 -49.76
C GLU A 58 17.18 -9.40 -48.43
N TYR A 59 17.88 -9.64 -47.33
CA TYR A 59 17.25 -9.73 -46.01
C TYR A 59 17.38 -8.45 -45.20
N SER A 60 18.51 -7.74 -45.33
CA SER A 60 18.69 -6.50 -44.59
C SER A 60 17.65 -5.47 -44.96
N SER A 61 17.30 -5.38 -46.25
CA SER A 61 16.25 -4.47 -46.68
C SER A 61 14.91 -4.82 -46.05
N GLU A 62 14.60 -6.12 -45.96
CA GLU A 62 13.37 -6.54 -45.31
C GLU A 62 13.36 -6.18 -43.84
N LEU A 63 14.50 -6.35 -43.17
CA LEU A 63 14.58 -6.10 -41.73
C LEU A 63 14.45 -4.63 -41.37
N LEU A 64 14.54 -3.72 -42.34
CA LEU A 64 14.46 -2.30 -42.03
C LEU A 64 13.09 -1.92 -41.50
N CYS A 65 12.03 -2.58 -41.97
CA CYS A 65 10.70 -2.28 -41.49
C CYS A 65 10.54 -2.70 -40.04
N PRO A 66 10.15 -1.80 -39.13
CA PRO A 66 9.94 -2.21 -37.74
C PRO A 66 8.88 -3.29 -37.59
N ARG A 67 7.83 -3.24 -38.40
CA ARG A 67 6.79 -4.27 -38.31
C ARG A 67 7.34 -5.63 -38.75
N LYS A 68 8.09 -5.65 -39.85
CA LYS A 68 8.71 -6.90 -40.29
C LYS A 68 9.72 -7.39 -39.26
N ARG A 69 10.47 -6.46 -38.65
CA ARG A 69 11.43 -6.84 -37.63
C ARG A 69 10.73 -7.45 -36.41
N LYS A 70 9.61 -6.87 -36.00
CA LYS A 70 8.83 -7.43 -34.90
C LYS A 70 8.26 -8.79 -35.28
N THR A 71 7.85 -8.96 -36.54
CA THR A 71 7.37 -10.26 -37.01
C THR A 71 8.47 -11.31 -36.91
N VAL A 72 9.68 -10.96 -37.33
CA VAL A 72 10.81 -11.88 -37.22
C VAL A 72 11.12 -12.17 -35.77
N GLU A 73 10.98 -11.17 -34.90
CA GLU A 73 11.15 -11.38 -33.47
C GLU A 73 10.13 -12.39 -32.93
N ALA A 74 8.88 -12.26 -33.36
CA ALA A 74 7.86 -13.22 -32.95
C ALA A 74 8.18 -14.61 -33.46
N ASN A 75 8.66 -14.72 -34.70
CA ASN A 75 9.08 -16.01 -35.24
C ASN A 75 10.20 -16.61 -34.39
N ILE A 76 11.18 -15.79 -34.00
CA ILE A 76 12.28 -16.27 -33.17
C ILE A 76 11.76 -16.74 -31.83
N ARG A 77 10.85 -15.97 -31.23
CA ARG A 77 10.27 -16.38 -29.95
C ARG A 77 9.56 -17.71 -30.08
N ASP A 78 8.80 -17.90 -31.16
CA ASP A 78 8.12 -19.18 -31.37
C ASP A 78 9.12 -20.32 -31.53
N MET A 79 10.19 -20.08 -32.28
CA MET A 79 11.20 -21.12 -32.48
C MET A 79 12.09 -21.33 -31.26
N LEU A 80 12.27 -20.29 -30.43
CA LEU A 80 13.02 -20.43 -29.19
C LEU A 80 12.14 -21.15 -28.17
N VAL A 81 12.45 -22.41 -27.89
CA VAL A 81 11.64 -23.24 -27.01
C VAL A 81 12.46 -23.71 -25.81
N ASP A 82 13.67 -24.22 -26.05
CA ASP A 82 14.51 -24.73 -24.98
C ASP A 82 15.03 -23.59 -24.12
N SER A 83 14.64 -23.58 -22.84
CA SER A 83 15.09 -22.56 -21.90
C SER A 83 16.47 -22.95 -21.39
N VAL A 84 17.48 -22.71 -22.22
CA VAL A 84 18.84 -23.09 -21.88
C VAL A 84 19.38 -22.16 -20.81
N GLU A 85 19.89 -22.73 -19.73
CA GLU A 85 20.45 -21.95 -18.65
C GLU A 85 21.83 -21.42 -19.03
N THR A 86 22.26 -20.37 -18.34
CA THR A 86 23.47 -19.63 -18.67
C THR A 86 24.30 -19.40 -17.42
N ASP A 87 25.53 -18.91 -17.65
CA ASP A 87 26.45 -18.53 -16.57
C ASP A 87 26.74 -19.72 -15.65
N THR A 88 27.34 -20.76 -16.21
CA THR A 88 27.69 -21.96 -15.47
C THR A 88 29.12 -21.93 -14.97
N TYR A 89 30.05 -21.56 -15.84
CA TYR A 89 31.46 -21.54 -15.50
C TYR A 89 31.73 -20.55 -14.38
N PRO A 90 32.52 -20.91 -13.38
CA PRO A 90 32.91 -19.94 -12.36
C PRO A 90 34.27 -19.29 -12.64
N ASP A 91 34.94 -19.76 -13.69
CA ASP A 91 36.30 -19.36 -13.99
C ASP A 91 36.39 -18.30 -15.09
N LYS A 92 35.27 -17.75 -15.53
CA LYS A 92 35.24 -16.78 -16.61
C LYS A 92 34.75 -15.45 -16.09
N LEU A 93 35.48 -14.38 -16.41
CA LEU A 93 35.14 -13.03 -15.97
C LEU A 93 34.66 -12.19 -17.14
N PRO A 94 33.39 -11.81 -17.19
CA PRO A 94 32.89 -11.03 -18.32
C PRO A 94 33.26 -9.56 -18.22
N PHE A 95 33.34 -8.93 -19.40
CA PHE A 95 33.59 -7.50 -19.51
C PHE A 95 32.64 -6.89 -20.53
N LYS A 96 32.80 -5.60 -20.82
CA LYS A 96 32.05 -4.99 -21.90
C LYS A 96 32.68 -5.24 -23.27
N ASN A 97 33.91 -5.75 -23.31
CA ASN A 97 34.57 -6.10 -24.55
C ASN A 97 34.73 -7.61 -24.72
N GLY A 98 34.21 -8.41 -23.80
CA GLY A 98 34.35 -9.85 -23.88
C GLY A 98 34.51 -10.51 -22.53
N VAL A 99 35.19 -11.65 -22.48
CA VAL A 99 35.35 -12.42 -21.26
C VAL A 99 36.82 -12.71 -21.04
N LEU A 100 37.29 -12.52 -19.81
CA LEU A 100 38.65 -12.86 -19.43
C LEU A 100 38.65 -14.13 -18.59
N ASP A 101 39.46 -15.11 -19.00
CA ASP A 101 39.55 -16.37 -18.28
C ASP A 101 40.47 -16.25 -17.08
N LEU A 102 40.06 -16.85 -15.97
CA LEU A 102 40.87 -16.88 -14.77
C LEU A 102 41.90 -18.00 -14.76
N VAL A 103 41.82 -18.94 -15.70
CA VAL A 103 42.73 -20.08 -15.71
C VAL A 103 44.03 -19.71 -16.41
N ASP A 104 43.96 -19.39 -17.69
CA ASP A 104 45.15 -19.05 -18.47
C ASP A 104 45.41 -17.54 -18.53
N GLY A 105 44.49 -16.72 -18.01
CA GLY A 105 44.64 -15.29 -18.10
C GLY A 105 44.38 -14.70 -19.47
N MET A 106 43.83 -15.49 -20.40
CA MET A 106 43.56 -15.01 -21.74
C MET A 106 42.16 -14.41 -21.81
N PHE A 107 42.07 -13.23 -22.43
CA PHE A 107 40.83 -12.51 -22.58
C PHE A 107 40.20 -12.84 -23.93
N TYR A 108 38.93 -13.19 -23.92
CA TYR A 108 38.20 -13.54 -25.12
C TYR A 108 37.28 -12.40 -25.52
N SER A 109 36.99 -12.31 -26.81
CA SER A 109 36.16 -11.25 -27.35
C SER A 109 35.44 -11.75 -28.60
N GLY A 110 34.35 -11.07 -28.93
CA GLY A 110 33.60 -11.44 -30.12
C GLY A 110 33.00 -12.83 -29.98
N ASP A 111 33.07 -13.61 -31.06
CA ASP A 111 32.50 -14.95 -31.06
C ASP A 111 33.16 -15.85 -30.03
N ASP A 112 34.43 -15.59 -29.71
CA ASP A 112 35.10 -16.36 -28.66
C ASP A 112 34.41 -16.13 -27.32
N ALA A 113 34.07 -14.87 -27.01
CA ALA A 113 33.29 -14.57 -25.82
C ALA A 113 31.82 -14.93 -25.98
N LYS A 114 31.34 -15.06 -27.23
CA LYS A 114 29.95 -15.44 -27.44
C LYS A 114 29.67 -16.86 -26.99
N LYS A 115 30.66 -17.75 -27.13
CA LYS A 115 30.51 -19.12 -26.62
C LYS A 115 30.17 -19.12 -25.15
N TYR A 116 30.66 -18.13 -24.41
CA TYR A 116 30.31 -17.96 -23.01
C TYR A 116 29.06 -17.09 -22.91
N THR A 117 28.08 -17.55 -22.12
CA THR A 117 26.80 -16.88 -21.96
C THR A 117 26.76 -16.25 -20.57
N CYS A 118 27.07 -14.97 -20.50
CA CYS A 118 27.14 -14.24 -19.23
C CYS A 118 26.06 -13.17 -19.22
N THR A 119 25.05 -13.34 -18.37
CA THR A 119 24.01 -12.34 -18.23
C THR A 119 24.55 -11.03 -17.66
N VAL A 120 25.48 -11.13 -16.72
CA VAL A 120 26.06 -9.95 -16.08
C VAL A 120 27.46 -9.73 -16.63
N SER A 121 28.03 -8.57 -16.30
CA SER A 121 29.37 -8.22 -16.75
C SER A 121 29.98 -7.27 -15.73
N THR A 122 31.28 -7.01 -15.89
CA THR A 122 31.98 -6.13 -14.97
C THR A 122 31.55 -4.68 -15.09
N GLY A 123 30.78 -4.33 -16.12
CA GLY A 123 30.30 -2.98 -16.27
C GLY A 123 31.25 -2.01 -16.92
N PHE A 124 32.39 -2.46 -17.44
CA PHE A 124 33.30 -1.59 -18.15
C PHE A 124 34.09 -2.39 -19.16
N LYS A 125 34.66 -1.68 -20.13
CA LYS A 125 35.43 -2.34 -21.18
C LYS A 125 36.77 -2.81 -20.65
N PHE A 126 37.20 -3.98 -21.09
CA PHE A 126 38.48 -4.53 -20.70
C PHE A 126 39.62 -3.82 -21.43
N ASP A 127 40.75 -3.69 -20.74
CA ASP A 127 41.94 -3.07 -21.30
C ASP A 127 43.16 -3.85 -20.84
N ASP A 128 43.77 -4.62 -21.75
CA ASP A 128 44.95 -5.40 -21.40
C ASP A 128 46.16 -4.52 -21.18
N THR A 129 46.20 -3.35 -21.81
CA THR A 129 47.35 -2.45 -21.64
C THR A 129 47.50 -2.02 -20.19
N LYS A 130 46.39 -1.66 -19.54
CA LYS A 130 46.41 -1.39 -18.11
C LYS A 130 46.47 -2.66 -17.28
N PHE A 131 46.08 -3.80 -17.87
CA PHE A 131 46.12 -5.09 -17.19
C PHE A 131 47.50 -5.71 -17.38
N VAL A 132 48.49 -5.08 -16.74
CA VAL A 132 49.88 -5.51 -16.80
C VAL A 132 50.46 -5.51 -15.40
N GLU A 133 51.56 -6.23 -15.24
CA GLU A 133 52.23 -6.33 -13.94
C GLU A 133 53.29 -5.27 -13.75
N ASP A 134 54.02 -4.91 -14.81
CA ASP A 134 55.10 -3.92 -14.71
C ASP A 134 54.52 -2.52 -14.92
N SER A 135 53.74 -2.08 -13.95
CA SER A 135 53.16 -0.75 -13.94
C SER A 135 53.38 -0.12 -12.59
N PRO A 136 53.56 1.21 -12.54
CA PRO A 136 53.68 1.88 -11.24
C PRO A 136 52.47 1.69 -10.35
N GLU A 137 51.28 1.64 -10.94
CA GLU A 137 50.07 1.42 -10.15
C GLU A 137 50.11 0.07 -9.45
N MET A 138 50.62 -0.96 -10.14
CA MET A 138 50.73 -2.28 -9.53
C MET A 138 51.63 -2.24 -8.30
N GLU A 139 52.78 -1.59 -8.41
CA GLU A 139 53.71 -1.50 -7.28
C GLU A 139 53.09 -0.70 -6.14
N GLU A 140 52.44 0.42 -6.45
CA GLU A 140 51.81 1.23 -5.41
C GLU A 140 50.73 0.44 -4.70
N LEU A 141 49.90 -0.29 -5.46
CA LEU A 141 48.84 -1.07 -4.84
C LEU A 141 49.40 -2.25 -4.04
N MET A 142 50.51 -2.83 -4.49
CA MET A 142 51.16 -3.86 -3.69
C MET A 142 51.63 -3.28 -2.36
N ASN A 143 52.21 -2.07 -2.38
CA ASN A 143 52.59 -1.41 -1.15
C ASN A 143 51.39 -1.17 -0.26
N ILE A 144 50.27 -0.74 -0.85
CA ILE A 144 49.05 -0.49 -0.09
C ILE A 144 48.56 -1.77 0.58
N ILE A 145 48.55 -2.88 -0.16
CA ILE A 145 48.09 -4.15 0.39
C ILE A 145 49.02 -4.63 1.49
N ASN A 146 50.33 -4.50 1.29
CA ASN A 146 51.28 -4.87 2.33
C ASN A 146 51.07 -4.04 3.58
N ASP A 147 50.74 -2.75 3.42
CA ASP A 147 50.37 -1.93 4.56
C ASP A 147 49.12 -2.47 5.24
N ILE A 148 48.11 -2.82 4.44
CA ILE A 148 46.85 -3.34 5.00
C ILE A 148 47.10 -4.68 5.69
N GLN A 149 47.83 -5.57 5.03
CA GLN A 149 48.18 -6.87 5.59
C GLN A 149 49.68 -7.09 5.42
N PRO A 150 50.46 -7.05 6.50
CA PRO A 150 51.91 -7.22 6.35
C PRO A 150 52.28 -8.61 5.84
N LEU A 151 53.38 -8.66 5.10
CA LEU A 151 53.93 -9.93 4.63
C LEU A 151 54.84 -10.57 5.69
N THR A 152 54.31 -10.72 6.89
CA THR A 152 55.05 -11.26 8.02
C THR A 152 54.56 -12.67 8.32
N ASP A 153 55.47 -13.49 8.87
CA ASP A 153 55.14 -14.87 9.19
C ASP A 153 54.04 -14.96 10.24
N GLU A 154 53.99 -13.99 11.16
CA GLU A 154 52.92 -13.97 12.16
C GLU A 154 51.57 -13.78 11.51
N ASN A 155 51.49 -12.91 10.50
CA ASN A 155 50.26 -12.67 9.75
C ASN A 155 50.24 -13.42 8.43
N LYS A 156 51.18 -14.35 8.21
CA LYS A 156 51.25 -15.06 6.95
C LYS A 156 49.98 -15.86 6.69
N LYS A 157 49.47 -16.55 7.72
CA LYS A 157 48.21 -17.26 7.56
C LYS A 157 47.05 -16.30 7.32
N ASN A 158 46.98 -15.21 8.10
CA ASN A 158 45.92 -14.23 7.90
C ASN A 158 46.03 -13.56 6.54
N ARG A 159 47.24 -13.18 6.14
CA ARG A 159 47.44 -12.57 4.83
C ARG A 159 47.06 -13.54 3.72
N GLU A 160 47.44 -14.81 3.84
CA GLU A 160 47.12 -15.80 2.82
C GLU A 160 45.61 -16.01 2.73
N LEU A 161 44.93 -16.07 3.88
CA LEU A 161 43.48 -16.20 3.87
C LEU A 161 42.81 -15.00 3.23
N TYR A 162 43.31 -13.79 3.52
CA TYR A 162 42.79 -12.58 2.91
C TYR A 162 42.98 -12.60 1.40
N GLU A 163 44.16 -13.03 0.94
CA GLU A 163 44.41 -13.13 -0.49
C GLU A 163 43.51 -14.16 -1.14
N LYS A 164 43.29 -15.29 -0.47
CA LYS A 164 42.39 -16.32 -1.00
C LYS A 164 40.97 -15.78 -1.11
N THR A 165 40.51 -15.04 -0.10
CA THR A 165 39.17 -14.45 -0.15
C THR A 165 39.06 -13.46 -1.30
N LEU A 166 40.07 -12.61 -1.49
CA LEU A 166 40.02 -11.64 -2.58
C LEU A 166 40.02 -12.34 -3.93
N SER A 167 40.81 -13.41 -4.07
CA SER A 167 40.81 -14.17 -5.31
C SER A 167 39.46 -14.83 -5.55
N SER A 168 38.85 -15.38 -4.48
CA SER A 168 37.55 -16.02 -4.61
C SER A 168 36.43 -15.02 -4.84
N CYS A 169 36.68 -13.74 -4.61
CA CYS A 169 35.69 -12.72 -4.97
C CYS A 169 35.35 -12.74 -6.44
N LEU A 170 36.23 -13.28 -7.29
CA LEU A 170 35.97 -13.43 -8.71
C LEU A 170 35.28 -14.74 -9.07
N CYS A 171 35.02 -15.60 -8.08
CA CYS A 171 34.44 -16.90 -8.37
C CYS A 171 32.98 -16.76 -8.80
N GLY A 172 32.58 -17.58 -9.76
CA GLY A 172 31.21 -17.60 -10.24
C GLY A 172 30.42 -18.77 -9.69
N ALA A 173 30.93 -19.39 -8.63
CA ALA A 173 30.28 -20.51 -7.99
C ALA A 173 29.89 -20.13 -6.56
N THR A 174 29.27 -21.09 -5.87
CA THR A 174 28.78 -20.83 -4.52
C THR A 174 29.93 -20.70 -3.53
N LYS A 175 29.75 -19.86 -2.52
CA LYS A 175 30.72 -19.73 -1.45
C LYS A 175 30.35 -20.68 -0.32
N GLY A 176 31.20 -21.69 -0.09
CA GLY A 176 30.95 -22.68 0.93
C GLY A 176 31.38 -22.32 2.33
N CYS A 177 31.95 -21.14 2.52
CA CYS A 177 32.42 -20.72 3.84
C CYS A 177 32.45 -19.20 3.90
N LEU A 178 31.60 -18.63 4.75
CA LEU A 178 31.55 -17.18 4.90
C LEU A 178 32.85 -16.65 5.48
N THR A 179 33.25 -15.47 5.03
CA THR A 179 34.49 -14.83 5.46
C THR A 179 34.19 -13.58 6.27
N PHE A 180 34.91 -13.40 7.37
CA PHE A 180 34.73 -12.27 8.26
C PHE A 180 35.97 -11.38 8.22
N PHE A 181 35.76 -10.07 8.19
CA PHE A 181 36.82 -9.09 8.31
C PHE A 181 36.71 -8.45 9.70
N PHE A 182 37.57 -8.89 10.61
CA PHE A 182 37.54 -8.45 12.00
C PHE A 182 38.67 -7.46 12.26
N GLY A 183 38.42 -6.53 13.18
CA GLY A 183 39.41 -5.54 13.55
C GLY A 183 38.81 -4.35 14.24
N GLU A 184 39.25 -3.15 13.86
CA GLU A 184 38.71 -1.91 14.39
C GLU A 184 38.27 -1.02 13.22
N THR A 185 37.86 0.20 13.57
CA THR A 185 37.41 1.14 12.55
C THR A 185 38.61 1.67 11.77
N ALA A 186 38.46 1.73 10.44
CA ALA A 186 39.48 2.28 9.54
C ALA A 186 40.82 1.56 9.69
N THR A 187 40.76 0.23 9.73
CA THR A 187 41.96 -0.59 9.76
C THR A 187 42.39 -1.03 8.37
N GLY A 188 41.70 -0.58 7.32
CA GLY A 188 41.99 -0.99 5.95
C GLY A 188 40.88 -1.78 5.29
N LYS A 189 39.85 -2.20 6.04
CA LYS A 189 38.75 -2.95 5.45
C LYS A 189 38.01 -2.11 4.41
N SER A 190 37.75 -0.84 4.72
CA SER A 190 37.05 0.03 3.78
C SER A 190 37.87 0.24 2.51
N THR A 191 39.18 0.43 2.66
CA THR A 191 40.03 0.61 1.49
C THR A 191 40.02 -0.62 0.59
N THR A 192 40.12 -1.81 1.18
CA THR A 192 40.07 -3.04 0.39
C THR A 192 38.72 -3.20 -0.28
N LYS A 193 37.63 -2.88 0.43
CA LYS A 193 36.31 -2.98 -0.16
C LYS A 193 36.15 -2.04 -1.34
N ARG A 194 36.63 -0.80 -1.19
CA ARG A 194 36.55 0.16 -2.29
C ARG A 194 37.40 -0.27 -3.47
N LEU A 195 38.60 -0.81 -3.21
CA LEU A 195 39.44 -1.32 -4.28
C LEU A 195 38.75 -2.44 -5.04
N LEU A 196 38.16 -3.38 -4.30
CA LEU A 196 37.46 -4.49 -4.95
C LEU A 196 36.28 -3.99 -5.77
N LYS A 197 35.51 -3.05 -5.22
CA LYS A 197 34.36 -2.52 -5.95
C LYS A 197 34.80 -1.82 -7.23
N SER A 198 35.85 -1.00 -7.15
CA SER A 198 36.36 -0.34 -8.34
C SER A 198 36.91 -1.32 -9.35
N ALA A 199 37.48 -2.44 -8.87
CA ALA A 199 38.06 -3.41 -9.80
C ALA A 199 36.98 -4.21 -10.51
N ILE A 200 35.91 -4.59 -9.82
CA ILE A 200 34.94 -5.52 -10.38
C ILE A 200 33.68 -4.82 -10.88
N GLY A 201 33.56 -3.50 -10.71
CA GLY A 201 32.47 -2.78 -11.35
C GLY A 201 31.11 -3.25 -10.88
N ASP A 202 30.24 -3.59 -11.85
CA ASP A 202 28.86 -3.94 -11.53
C ASP A 202 28.77 -5.21 -10.70
N LEU A 203 29.75 -6.09 -10.80
CA LEU A 203 29.70 -7.36 -10.07
C LEU A 203 29.74 -7.16 -8.56
N PHE A 204 30.15 -5.98 -8.10
CA PHE A 204 30.17 -5.70 -6.67
C PHE A 204 28.77 -5.35 -6.17
N VAL A 205 28.49 -5.74 -4.93
CA VAL A 205 27.28 -5.34 -4.24
C VAL A 205 27.58 -5.32 -2.74
N GLU A 206 27.09 -4.30 -2.06
CA GLU A 206 27.33 -4.12 -0.63
C GLU A 206 26.01 -3.91 0.09
N THR A 207 25.90 -4.47 1.29
CA THR A 207 24.71 -4.33 2.11
C THR A 207 25.13 -4.14 3.56
N GLY A 208 24.13 -3.94 4.41
CA GLY A 208 24.34 -3.71 5.83
C GLY A 208 24.12 -4.96 6.65
N GLN A 209 23.56 -4.77 7.84
CA GLN A 209 23.29 -5.86 8.78
C GLN A 209 21.91 -6.47 8.61
N THR A 210 21.14 -6.02 7.61
CA THR A 210 19.77 -6.49 7.46
C THR A 210 19.71 -7.98 7.17
N ILE A 211 20.50 -8.44 6.19
CA ILE A 211 20.45 -9.84 5.79
C ILE A 211 21.13 -10.77 6.78
N LEU A 212 21.87 -10.22 7.76
CA LEU A 212 22.61 -11.03 8.71
C LEU A 212 21.83 -11.33 9.99
N THR A 213 20.94 -10.42 10.40
CA THR A 213 20.22 -10.57 11.67
C THR A 213 18.72 -10.64 11.51
N ASP A 214 18.20 -10.70 10.28
CA ASP A 214 16.77 -10.74 10.03
C ASP A 214 16.43 -11.92 9.12
N VAL A 215 15.14 -12.20 9.01
CA VAL A 215 14.64 -13.30 8.19
C VAL A 215 14.56 -12.83 6.74
N LEU A 216 15.30 -13.50 5.86
CA LEU A 216 15.32 -13.09 4.46
C LEU A 216 14.02 -13.45 3.76
N ASP A 217 13.52 -14.67 3.97
CA ASP A 217 12.35 -15.17 3.26
C ASP A 217 11.08 -14.67 3.96
N LYS A 218 10.73 -13.42 3.68
CA LYS A 218 9.48 -12.85 4.19
C LYS A 218 8.99 -11.84 3.15
N GLY A 219 8.12 -12.30 2.27
CA GLY A 219 7.58 -11.48 1.21
C GLY A 219 8.65 -11.01 0.26
N PRO A 220 8.45 -9.86 -0.37
CA PRO A 220 9.48 -9.30 -1.24
C PRO A 220 10.76 -8.99 -0.46
N ASN A 221 11.90 -9.23 -1.11
CA ASN A 221 13.20 -8.95 -0.51
C ASN A 221 14.12 -8.38 -1.58
N PRO A 222 14.18 -7.05 -1.70
CA PRO A 222 15.03 -6.45 -2.73
C PRO A 222 16.50 -6.77 -2.57
N PHE A 223 16.98 -6.95 -1.34
CA PHE A 223 18.40 -7.23 -1.11
C PHE A 223 18.81 -8.53 -1.76
N ILE A 224 18.06 -9.61 -1.49
CA ILE A 224 18.39 -10.91 -2.06
C ILE A 224 18.22 -10.87 -3.58
N ALA A 225 17.21 -10.14 -4.08
CA ALA A 225 17.03 -10.02 -5.52
C ALA A 225 18.23 -9.35 -6.17
N ASN A 226 18.78 -8.31 -5.54
CA ASN A 226 19.98 -7.67 -6.07
C ASN A 226 21.19 -8.58 -5.95
N MET A 227 21.25 -9.40 -4.90
CA MET A 227 22.40 -10.28 -4.68
C MET A 227 22.51 -11.40 -5.71
N HIS A 228 21.48 -11.62 -6.52
CA HIS A 228 21.52 -12.69 -7.51
C HIS A 228 22.56 -12.40 -8.57
N LEU A 229 23.22 -13.46 -9.05
CA LEU A 229 24.20 -13.38 -10.13
C LEU A 229 25.32 -12.38 -9.82
N LYS A 230 25.71 -12.30 -8.56
CA LYS A 230 26.77 -11.40 -8.12
C LYS A 230 28.05 -12.18 -7.87
N ARG A 231 29.15 -11.44 -7.74
CA ARG A 231 30.46 -12.03 -7.52
C ARG A 231 30.97 -11.85 -6.09
N SER A 232 30.53 -10.80 -5.39
CA SER A 232 30.95 -10.59 -4.02
C SER A 232 29.96 -9.69 -3.32
N VAL A 233 29.70 -9.98 -2.04
CA VAL A 233 28.80 -9.18 -1.21
C VAL A 233 29.57 -8.72 0.02
N PHE A 234 29.46 -7.43 0.33
CA PHE A 234 30.09 -6.85 1.52
C PHE A 234 28.98 -6.50 2.51
N CYS A 235 29.07 -7.05 3.72
CA CYS A 235 28.08 -6.85 4.77
C CYS A 235 28.74 -6.07 5.91
N SER A 236 28.64 -4.74 5.83
CA SER A 236 29.21 -3.86 6.82
C SER A 236 28.16 -3.48 7.86
N GLU A 237 28.50 -2.50 8.71
CA GLU A 237 27.58 -1.95 9.71
C GLU A 237 27.13 -3.01 10.71
N LEU A 238 28.11 -3.66 11.36
CA LEU A 238 27.66 -4.52 12.45
C LEU A 238 27.73 -3.79 13.77
N PRO A 239 26.69 -3.92 14.59
CA PRO A 239 26.64 -3.20 15.87
C PRO A 239 27.51 -3.87 16.93
N ASP A 240 27.69 -3.15 18.04
CA ASP A 240 28.44 -3.68 19.17
C ASP A 240 27.64 -4.80 19.82
N PHE A 241 28.16 -6.03 19.73
CA PHE A 241 27.43 -7.18 20.26
C PHE A 241 27.28 -7.10 21.77
N ALA A 242 28.28 -6.57 22.47
CA ALA A 242 28.19 -6.45 23.92
C ALA A 242 27.05 -5.53 24.34
N CYS A 243 26.86 -4.42 23.62
CA CYS A 243 25.79 -3.49 23.95
C CYS A 243 24.43 -4.12 23.69
N SER A 244 23.47 -3.79 24.55
CA SER A 244 22.11 -4.28 24.40
C SER A 244 21.42 -3.60 23.21
N GLY A 245 20.36 -4.24 22.74
CA GLY A 245 19.65 -3.75 21.58
C GLY A 245 20.28 -4.10 20.25
N SER A 246 21.38 -4.84 20.24
CA SER A 246 22.05 -5.28 19.02
C SER A 246 21.78 -6.76 18.82
N LYS A 247 21.18 -7.09 17.68
CA LYS A 247 20.80 -8.48 17.42
C LYS A 247 22.04 -9.30 17.07
N LYS A 248 21.95 -10.59 17.35
CA LYS A 248 23.02 -11.52 17.03
C LYS A 248 22.92 -11.98 15.57
N ILE A 249 24.02 -12.51 15.07
CA ILE A 249 24.07 -13.04 13.70
C ILE A 249 23.32 -14.36 13.68
N ARG A 250 22.31 -14.46 12.83
CA ARG A 250 21.48 -15.66 12.77
C ARG A 250 22.21 -16.74 11.98
N SER A 251 22.43 -17.89 12.62
CA SER A 251 23.05 -19.01 11.91
C SER A 251 22.16 -19.51 10.78
N ASP A 252 20.85 -19.37 10.93
CA ASP A 252 19.93 -19.73 9.84
C ASP A 252 20.19 -18.88 8.61
N ASN A 253 20.40 -17.58 8.80
CA ASN A 253 20.72 -16.72 7.66
C ASN A 253 22.03 -17.14 6.99
N ILE A 254 23.04 -17.47 7.80
CA ILE A 254 24.34 -17.86 7.24
C ILE A 254 24.19 -19.14 6.43
N LYS A 255 23.45 -20.12 6.97
CA LYS A 255 23.23 -21.36 6.23
C LYS A 255 22.40 -21.13 4.98
N LYS A 256 21.48 -20.16 5.02
CA LYS A 256 20.71 -19.83 3.83
C LYS A 256 21.59 -19.23 2.75
N LEU A 257 22.57 -18.41 3.13
CA LEU A 257 23.46 -17.82 2.13
C LEU A 257 24.66 -18.72 1.85
N THR A 258 24.38 -19.99 1.57
CA THR A 258 25.43 -20.95 1.22
C THR A 258 24.99 -21.90 0.11
N GLU A 259 23.87 -21.63 -0.55
CA GLU A 259 23.35 -22.49 -1.60
C GLU A 259 23.55 -21.86 -2.97
N PRO A 260 23.68 -22.68 -4.02
CA PRO A 260 23.87 -22.11 -5.36
C PRO A 260 22.74 -21.21 -5.80
N CYS A 261 21.51 -21.49 -5.39
CA CYS A 261 20.34 -20.70 -5.78
C CYS A 261 19.55 -20.38 -4.51
N VAL A 262 19.87 -19.25 -3.89
CA VAL A 262 19.21 -18.83 -2.65
C VAL A 262 17.84 -18.26 -2.99
N ILE A 263 16.84 -18.67 -2.21
CA ILE A 263 15.46 -18.26 -2.43
C ILE A 263 15.26 -16.83 -1.96
N GLY A 264 14.10 -16.24 -2.30
CA GLY A 264 13.78 -14.89 -1.91
C GLY A 264 12.95 -14.18 -2.97
N ARG A 265 11.85 -13.56 -2.57
CA ARG A 265 10.92 -12.98 -3.53
C ARG A 265 11.40 -11.60 -3.96
N PRO A 266 11.51 -11.34 -5.26
CA PRO A 266 11.76 -9.98 -5.74
C PRO A 266 10.48 -9.15 -5.69
N CYS A 267 10.57 -7.92 -6.20
CA CYS A 267 9.46 -6.99 -6.16
C CYS A 267 8.68 -7.08 -7.47
N PHE A 268 7.42 -7.51 -7.37
CA PHE A 268 6.50 -7.56 -8.52
C PHE A 268 7.06 -8.39 -9.67
N SER A 269 7.73 -9.49 -9.33
CA SER A 269 8.29 -10.39 -10.34
C SER A 269 8.49 -11.76 -9.71
N ASN A 270 8.65 -12.76 -10.57
CA ASN A 270 8.86 -14.14 -10.14
C ASN A 270 10.30 -14.53 -10.46
N LYS A 271 11.21 -14.17 -9.54
CA LYS A 271 12.61 -14.52 -9.61
C LYS A 271 13.08 -15.05 -8.27
N ILE A 272 12.30 -15.95 -7.68
CA ILE A 272 12.59 -16.46 -6.35
C ILE A 272 13.92 -17.21 -6.34
N ASN A 273 14.16 -18.04 -7.37
CA ASN A 273 15.41 -18.80 -7.47
C ASN A 273 16.51 -17.84 -7.91
N ASN A 274 17.21 -17.28 -6.92
CA ASN A 274 18.29 -16.34 -7.16
C ASN A 274 19.62 -17.06 -7.05
N ARG A 275 20.35 -17.14 -8.15
CA ARG A 275 21.64 -17.82 -8.15
C ARG A 275 22.63 -17.05 -7.27
N ASN A 276 23.34 -17.77 -6.42
CA ASN A 276 24.28 -17.19 -5.47
C ASN A 276 25.69 -17.59 -5.87
N HIS A 277 26.39 -16.68 -6.54
CA HIS A 277 27.79 -16.89 -6.92
C HIS A 277 28.71 -15.88 -6.24
N ALA A 278 28.21 -15.18 -5.23
CA ALA A 278 28.91 -14.03 -4.66
C ALA A 278 29.72 -14.43 -3.44
N THR A 279 30.92 -13.88 -3.35
CA THR A 279 31.80 -14.06 -2.19
C THR A 279 31.39 -13.07 -1.12
N ILE A 280 30.67 -13.57 -0.10
CA ILE A 280 30.10 -12.72 0.94
C ILE A 280 31.17 -12.41 1.97
N ILE A 281 31.39 -11.12 2.21
CA ILE A 281 32.37 -10.65 3.17
C ILE A 281 31.67 -9.73 4.17
N ILE A 282 31.95 -9.94 5.46
CA ILE A 282 31.29 -9.19 6.53
C ILE A 282 32.32 -8.25 7.13
N ASP A 283 31.97 -6.96 7.20
CA ASP A 283 32.83 -5.93 7.80
C ASP A 283 32.30 -5.59 9.18
N THR A 284 33.15 -5.70 10.19
CA THR A 284 32.76 -5.43 11.56
C THR A 284 33.99 -5.02 12.37
N ASN A 285 33.72 -4.40 13.53
CA ASN A 285 34.76 -3.99 14.46
C ASN A 285 34.69 -4.76 15.78
N TYR A 286 33.88 -5.80 15.87
CA TYR A 286 33.72 -6.55 17.10
C TYR A 286 33.74 -8.04 16.77
N LYS A 287 34.08 -8.84 17.77
CA LYS A 287 34.04 -10.29 17.60
C LYS A 287 32.59 -10.73 17.41
N PRO A 288 32.30 -11.51 16.37
CA PRO A 288 30.90 -11.87 16.09
C PRO A 288 30.29 -12.71 17.18
N VAL A 289 28.98 -12.51 17.39
CA VAL A 289 28.19 -13.27 18.34
C VAL A 289 26.99 -13.84 17.60
N PHE A 290 26.78 -15.14 17.74
CA PHE A 290 25.76 -15.86 16.99
C PHE A 290 24.69 -16.39 17.92
N ASP A 291 23.46 -16.45 17.41
CA ASP A 291 22.35 -17.01 18.19
C ASP A 291 22.58 -18.48 18.49
N ARG A 292 23.08 -19.23 17.52
CA ARG A 292 23.35 -20.65 17.68
C ARG A 292 24.78 -20.94 17.28
N ILE A 293 25.40 -21.90 17.96
CA ILE A 293 26.77 -22.33 17.66
C ILE A 293 26.75 -23.82 17.36
N ASP A 294 27.32 -24.19 16.22
CA ASP A 294 27.35 -25.58 15.80
C ASP A 294 28.51 -25.77 14.84
N ASN A 295 28.80 -27.05 14.54
CA ASN A 295 29.95 -27.36 13.71
C ASN A 295 29.81 -26.78 12.31
N ALA A 296 28.63 -26.93 11.69
CA ALA A 296 28.44 -26.46 10.33
C ALA A 296 28.65 -24.95 10.23
N LEU A 297 28.09 -24.20 11.18
CA LEU A 297 28.34 -22.76 11.20
C LEU A 297 29.82 -22.47 11.42
N MET A 298 30.45 -23.20 12.35
CA MET A 298 31.89 -23.06 12.53
C MET A 298 32.66 -23.53 11.30
N ARG A 299 32.10 -24.46 10.54
CA ARG A 299 32.67 -24.88 9.27
C ARG A 299 32.26 -23.98 8.12
N ARG A 300 31.40 -23.00 8.37
CA ARG A 300 30.98 -22.03 7.36
C ARG A 300 31.57 -20.64 7.59
N ILE A 301 32.43 -20.46 8.59
CA ILE A 301 32.90 -19.15 9.00
C ILE A 301 34.42 -19.10 8.86
N ALA A 302 34.91 -18.07 8.17
CA ALA A 302 36.32 -17.76 8.09
C ALA A 302 36.56 -16.36 8.63
N VAL A 303 37.61 -16.19 9.43
CA VAL A 303 37.89 -14.94 10.11
C VAL A 303 39.21 -14.39 9.59
N VAL A 304 39.18 -13.16 9.11
CA VAL A 304 40.37 -12.42 8.69
C VAL A 304 40.49 -11.20 9.57
N ARG A 305 41.64 -11.04 10.22
CA ARG A 305 41.86 -9.93 11.14
C ARG A 305 42.70 -8.86 10.48
N PHE A 306 42.26 -7.61 10.61
CA PHE A 306 43.00 -6.45 10.12
C PHE A 306 43.78 -5.85 11.29
N ARG A 307 45.10 -5.86 11.18
CA ARG A 307 45.99 -5.50 12.28
C ARG A 307 46.96 -4.40 11.85
N THR A 308 46.43 -3.38 11.19
CA THR A 308 47.24 -2.21 10.84
C THR A 308 46.34 -0.99 10.77
N HIS A 309 46.38 -0.16 11.81
CA HIS A 309 45.65 1.09 11.80
C HIS A 309 46.41 2.15 11.02
N PHE A 310 45.67 3.07 10.40
CA PHE A 310 46.24 4.14 9.59
C PHE A 310 45.77 5.47 10.16
N SER A 311 46.52 5.99 11.12
CA SER A 311 46.17 7.25 11.77
C SER A 311 46.48 8.44 10.86
N TYR A 325 46.70 -3.84 16.95
CA TYR A 325 47.14 -4.04 15.56
C TYR A 325 48.54 -4.64 15.53
N ASP A 326 49.07 -4.83 14.32
CA ASP A 326 50.46 -5.23 14.14
C ASP A 326 51.34 -4.11 13.61
N LYS A 327 50.76 -3.05 13.04
CA LYS A 327 51.52 -1.92 12.56
C LYS A 327 50.65 -0.68 12.69
N VAL A 328 51.30 0.48 12.79
CA VAL A 328 50.62 1.77 12.81
C VAL A 328 51.33 2.67 11.80
N LYS A 329 50.60 3.11 10.79
CA LYS A 329 51.15 3.96 9.73
C LYS A 329 50.31 5.22 9.58
N LEU A 330 50.77 6.12 8.73
CA LEU A 330 50.10 7.39 8.49
C LEU A 330 48.94 7.21 7.52
N LEU A 331 48.09 8.23 7.48
CA LEU A 331 46.90 8.21 6.63
C LEU A 331 47.20 8.85 5.27
N ASP A 332 46.78 8.17 4.22
CA ASP A 332 46.90 8.67 2.84
C ASP A 332 45.51 9.14 2.43
N GLU A 333 45.29 10.45 2.52
CA GLU A 333 43.97 11.00 2.22
C GLU A 333 43.68 10.97 0.73
N GLY A 334 44.70 11.18 -0.11
CA GLY A 334 44.51 11.22 -1.54
C GLY A 334 44.38 9.89 -2.23
N LEU A 335 44.54 8.78 -1.50
CA LEU A 335 44.42 7.47 -2.12
C LEU A 335 42.99 7.15 -2.53
N ASP A 336 42.01 7.65 -1.76
CA ASP A 336 40.61 7.39 -2.11
C ASP A 336 40.25 8.05 -3.43
N GLY A 337 40.85 9.20 -3.74
CA GLY A 337 40.64 9.81 -5.03
C GLY A 337 41.15 8.95 -6.17
N LYS A 338 42.33 8.36 -6.00
CA LYS A 338 42.86 7.44 -7.00
C LYS A 338 41.95 6.22 -7.15
N ILE A 339 41.45 5.71 -6.03
CA ILE A 339 40.56 4.55 -6.07
C ILE A 339 39.29 4.87 -6.84
N GLN A 340 38.68 6.04 -6.55
CA GLN A 340 37.47 6.44 -7.24
C GLN A 340 37.74 6.79 -8.71
N ASN A 341 38.99 7.10 -9.06
CA ASN A 341 39.36 7.35 -10.44
C ASN A 341 39.72 6.08 -11.19
N ASN A 342 39.60 4.92 -10.54
CA ASN A 342 39.90 3.62 -11.14
C ASN A 342 41.36 3.53 -11.58
N ARG A 343 42.23 4.28 -10.91
CA ARG A 343 43.66 4.21 -11.21
C ARG A 343 44.22 2.84 -10.92
N TYR A 344 43.81 2.23 -9.81
CA TYR A 344 44.28 0.91 -9.39
C TYR A 344 43.27 -0.18 -9.72
N ARG A 345 42.37 0.06 -10.66
CA ARG A 345 41.37 -0.95 -11.02
C ARG A 345 42.02 -2.14 -11.71
N PHE A 346 42.78 -1.88 -12.79
CA PHE A 346 43.38 -2.97 -13.53
C PHE A 346 44.53 -3.62 -12.77
N ALA A 347 45.26 -2.83 -11.96
CA ALA A 347 46.28 -3.43 -11.10
C ALA A 347 45.65 -4.37 -10.08
N PHE A 348 44.54 -3.95 -9.48
CA PHE A 348 43.83 -4.81 -8.54
C PHE A 348 43.31 -6.05 -9.24
N LEU A 349 42.81 -5.90 -10.46
CA LEU A 349 42.33 -7.05 -11.23
C LEU A 349 43.47 -8.03 -11.51
N TYR A 350 44.64 -7.51 -11.89
CA TYR A 350 45.79 -8.37 -12.14
C TYR A 350 46.21 -9.09 -10.86
N LEU A 351 46.20 -8.39 -9.72
CA LEU A 351 46.53 -9.03 -8.45
C LEU A 351 45.53 -10.13 -8.12
N LEU A 352 44.24 -9.87 -8.36
CA LEU A 352 43.22 -10.88 -8.09
C LEU A 352 43.39 -12.10 -8.98
N VAL A 353 43.72 -11.88 -10.25
CA VAL A 353 43.93 -13.01 -11.16
C VAL A 353 45.15 -13.81 -10.73
N LYS A 354 46.22 -13.12 -10.32
CA LYS A 354 47.41 -13.81 -9.83
C LYS A 354 47.08 -14.64 -8.60
N TRP A 355 46.31 -14.08 -7.67
CA TRP A 355 45.94 -14.83 -6.47
C TRP A 355 45.03 -16.00 -6.80
N TYR A 356 44.13 -15.83 -7.77
CA TYR A 356 43.25 -16.92 -8.19
C TYR A 356 44.05 -18.06 -8.77
N LYS A 357 45.04 -17.75 -9.61
CA LYS A 357 45.91 -18.79 -10.16
C LYS A 357 46.76 -19.43 -9.06
N LYS A 358 47.19 -18.65 -8.08
CA LYS A 358 47.98 -19.18 -6.98
C LYS A 358 47.17 -20.13 -6.10
N TYR A 359 45.89 -19.82 -5.87
CA TYR A 359 45.07 -20.54 -4.92
C TYR A 359 44.00 -21.39 -5.59
N HIS A 360 43.16 -20.78 -6.42
CA HIS A 360 41.92 -21.39 -6.87
C HIS A 360 42.06 -22.18 -8.17
N VAL A 361 43.23 -22.16 -8.80
CA VAL A 361 43.52 -22.98 -9.96
C VAL A 361 44.06 -24.32 -9.48
N PRO A 362 43.45 -25.45 -9.87
CA PRO A 362 42.28 -25.58 -10.73
C PRO A 362 40.97 -25.68 -9.97
N ILE A 363 40.98 -25.73 -8.64
CA ILE A 363 39.80 -26.01 -7.83
C ILE A 363 39.62 -24.88 -6.82
N MET A 364 38.39 -24.40 -6.69
CA MET A 364 38.05 -23.43 -5.66
C MET A 364 38.22 -24.04 -4.26
N LYS A 365 38.68 -23.23 -3.33
CA LYS A 365 38.90 -23.67 -1.96
C LYS A 365 38.42 -22.61 -0.99
N LEU A 366 37.64 -23.05 0.01
CA LEU A 366 37.10 -22.18 1.06
C LEU A 366 37.15 -22.96 2.38
N TYR A 367 38.22 -22.77 3.14
CA TYR A 367 38.40 -23.50 4.38
C TYR A 367 38.06 -22.62 5.57
N PRO A 368 37.18 -23.07 6.48
CA PRO A 368 36.81 -22.24 7.63
C PRO A 368 37.94 -22.10 8.64
N THR A 369 37.87 -21.01 9.39
CA THR A 369 38.79 -20.73 10.49
C THR A 369 37.98 -20.35 11.71
N PRO A 370 37.31 -21.32 12.35
CA PRO A 370 36.44 -21.00 13.48
C PRO A 370 37.18 -20.76 14.79
N GLU A 371 38.46 -21.11 14.88
CA GLU A 371 39.20 -20.93 16.13
C GLU A 371 39.44 -19.46 16.46
N GLU A 372 39.25 -18.56 15.49
CA GLU A 372 39.42 -17.14 15.74
C GLU A 372 38.12 -16.50 16.20
N ALA B 1 -19.84 -2.01 -44.88
CA ALA B 1 -18.44 -2.36 -45.15
C ALA B 1 -18.05 -3.64 -44.43
N MET B 2 -19.01 -4.24 -43.73
CA MET B 2 -18.78 -5.46 -42.99
C MET B 2 -19.91 -6.43 -43.30
N GLY B 3 -19.94 -7.55 -42.57
CA GLY B 3 -20.94 -8.58 -42.82
C GLY B 3 -22.23 -8.35 -42.06
N ASN B 4 -23.30 -8.08 -42.82
CA ASN B 4 -24.61 -7.93 -42.21
C ASN B 4 -25.09 -9.23 -41.59
N LYS B 5 -24.73 -10.37 -42.18
CA LYS B 5 -25.15 -11.67 -41.67
C LYS B 5 -24.58 -11.96 -40.28
N LEU B 6 -23.47 -11.31 -39.91
CA LEU B 6 -22.87 -11.56 -38.60
C LEU B 6 -23.82 -11.17 -37.48
N PHE B 7 -24.49 -10.03 -37.62
CA PHE B 7 -25.47 -9.64 -36.61
C PHE B 7 -26.65 -10.60 -36.58
N ASN B 8 -27.04 -11.14 -37.74
CA ASN B 8 -28.11 -12.13 -37.77
C ASN B 8 -27.69 -13.38 -37.02
N ILE B 9 -26.43 -13.80 -37.19
CA ILE B 9 -25.93 -14.96 -36.46
C ILE B 9 -25.93 -14.69 -34.96
N ALA B 10 -25.51 -13.47 -34.56
CA ALA B 10 -25.53 -13.12 -33.15
C ALA B 10 -26.95 -13.14 -32.60
N GLN B 11 -27.90 -12.63 -33.37
CA GLN B 11 -29.30 -12.65 -32.94
C GLN B 11 -29.80 -14.08 -32.77
N ARG B 12 -29.47 -14.95 -33.74
CA ARG B 12 -29.87 -16.35 -33.63
C ARG B 12 -29.25 -17.03 -32.42
N ILE B 13 -27.98 -16.73 -32.14
CA ILE B 13 -27.32 -17.29 -30.97
C ILE B 13 -28.01 -16.83 -29.70
N LEU B 14 -28.32 -15.54 -29.61
CA LEU B 14 -28.99 -15.02 -28.41
C LEU B 14 -30.43 -15.49 -28.30
N ASP B 15 -31.03 -15.94 -29.40
CA ASP B 15 -32.34 -16.58 -29.31
C ASP B 15 -32.25 -17.86 -28.49
N THR B 16 -31.17 -18.62 -28.66
CA THR B 16 -30.95 -19.81 -27.85
C THR B 16 -30.69 -19.49 -26.39
N ASN B 17 -30.32 -18.25 -26.07
CA ASN B 17 -30.00 -17.84 -24.71
C ASN B 17 -28.87 -18.68 -24.12
N SER B 18 -27.91 -19.05 -24.97
CA SER B 18 -26.76 -19.84 -24.53
C SER B 18 -25.75 -19.03 -23.75
N VAL B 19 -25.81 -17.70 -23.83
CA VAL B 19 -24.91 -16.81 -23.10
C VAL B 19 -25.75 -15.77 -22.38
N LEU B 20 -25.47 -15.59 -21.08
CA LEU B 20 -26.24 -14.68 -20.26
C LEU B 20 -25.30 -13.73 -19.52
N LEU B 21 -25.78 -12.51 -19.30
CA LEU B 21 -25.04 -11.49 -18.56
C LEU B 21 -25.42 -11.58 -17.09
N THR B 22 -24.45 -11.91 -16.25
CA THR B 22 -24.72 -12.10 -14.83
C THR B 22 -25.00 -10.76 -14.15
N GLU B 23 -25.58 -10.85 -12.95
CA GLU B 23 -25.82 -9.64 -12.16
C GLU B 23 -24.53 -8.92 -11.81
N ARG B 24 -23.41 -9.66 -11.72
CA ARG B 24 -22.12 -9.06 -11.44
C ARG B 24 -21.44 -8.52 -12.69
N GLY B 25 -22.18 -8.35 -13.78
CA GLY B 25 -21.58 -7.85 -15.01
C GLY B 25 -20.66 -8.82 -15.71
N ASP B 26 -20.82 -10.12 -15.46
CA ASP B 26 -19.99 -11.14 -16.07
C ASP B 26 -20.79 -11.91 -17.11
N TYR B 27 -20.06 -12.62 -17.97
CA TYR B 27 -20.67 -13.41 -19.02
C TYR B 27 -20.48 -14.90 -18.73
N ILE B 28 -21.53 -15.67 -18.99
CA ILE B 28 -21.51 -17.12 -18.84
C ILE B 28 -21.89 -17.74 -20.17
N VAL B 29 -21.45 -18.98 -20.38
CA VAL B 29 -21.75 -19.72 -21.60
C VAL B 29 -22.30 -21.09 -21.21
N TRP B 30 -23.11 -21.65 -22.10
CA TRP B 30 -23.72 -22.96 -21.91
C TRP B 30 -23.05 -23.94 -22.88
N ILE B 31 -21.98 -24.57 -22.42
CA ILE B 31 -21.19 -25.48 -23.23
C ILE B 31 -21.09 -26.83 -22.53
N ASN B 32 -21.27 -27.91 -23.28
CA ASN B 32 -21.14 -29.27 -22.77
C ASN B 32 -22.05 -29.51 -21.57
N ASN B 33 -23.28 -29.04 -21.66
CA ASN B 33 -24.28 -29.19 -20.60
C ASN B 33 -23.77 -28.62 -19.28
N SER B 34 -23.17 -27.43 -19.37
CA SER B 34 -22.61 -26.78 -18.18
C SER B 34 -22.54 -25.29 -18.42
N TRP B 35 -22.87 -24.50 -17.40
CA TRP B 35 -22.79 -23.05 -17.47
C TRP B 35 -21.37 -22.63 -17.13
N LYS B 36 -20.48 -22.77 -18.11
CA LYS B 36 -19.10 -22.37 -17.93
C LYS B 36 -18.98 -20.85 -17.84
N PHE B 37 -18.02 -20.39 -17.06
CA PHE B 37 -17.84 -18.97 -16.81
C PHE B 37 -16.38 -18.69 -16.49
N ASN B 38 -15.88 -17.58 -17.02
CA ASN B 38 -14.50 -17.15 -16.73
C ASN B 38 -14.40 -15.65 -16.97
N SER B 39 -14.12 -14.89 -15.91
CA SER B 39 -13.96 -13.45 -16.06
C SER B 39 -12.66 -13.12 -16.77
N GLU B 40 -11.60 -13.88 -16.52
CA GLU B 40 -10.30 -13.59 -17.11
C GLU B 40 -10.35 -13.70 -18.63
N GLU B 41 -10.99 -14.75 -19.14
CA GLU B 41 -11.10 -14.96 -20.58
C GLU B 41 -12.56 -15.08 -20.97
N PRO B 42 -13.08 -14.21 -21.85
CA PRO B 42 -14.47 -14.33 -22.29
C PRO B 42 -14.66 -15.59 -23.12
N LEU B 43 -15.54 -16.47 -22.64
CA LEU B 43 -15.80 -17.74 -23.30
C LEU B 43 -16.82 -17.62 -24.44
N ILE B 44 -17.18 -16.39 -24.81
CA ILE B 44 -18.19 -16.19 -25.85
C ILE B 44 -17.72 -16.77 -27.17
N THR B 45 -16.45 -16.53 -27.52
CA THR B 45 -15.91 -17.08 -28.77
C THR B 45 -15.94 -18.60 -28.74
N LYS B 46 -15.59 -19.21 -27.61
CA LYS B 46 -15.68 -20.66 -27.47
C LYS B 46 -17.12 -21.14 -27.60
N LEU B 47 -18.07 -20.40 -27.05
CA LEU B 47 -19.48 -20.76 -27.21
C LEU B 47 -19.89 -20.71 -28.67
N ILE B 48 -19.45 -19.67 -29.39
CA ILE B 48 -19.77 -19.56 -30.81
C ILE B 48 -19.21 -20.75 -31.57
N LEU B 49 -17.97 -21.13 -31.28
CA LEU B 49 -17.39 -22.31 -31.92
C LEU B 49 -18.17 -23.57 -31.55
N SER B 50 -18.65 -23.66 -30.32
CA SER B 50 -19.38 -24.84 -29.90
C SER B 50 -20.71 -24.97 -30.62
N ILE B 51 -21.42 -23.86 -30.80
CA ILE B 51 -22.78 -23.90 -31.34
C ILE B 51 -22.82 -23.55 -32.82
N ARG B 52 -21.66 -23.46 -33.48
CA ARG B 52 -21.66 -23.22 -34.92
C ARG B 52 -22.32 -24.36 -35.68
N HIS B 53 -22.19 -25.59 -35.17
CA HIS B 53 -22.81 -26.74 -35.82
C HIS B 53 -24.33 -26.73 -35.71
N GLN B 54 -24.87 -25.99 -34.73
CA GLN B 54 -26.31 -25.86 -34.57
C GLN B 54 -26.90 -24.75 -35.44
N LEU B 55 -26.18 -24.33 -36.47
CA LEU B 55 -26.56 -23.23 -37.33
C LEU B 55 -26.45 -23.67 -38.78
N PRO B 56 -27.16 -22.98 -39.68
CA PRO B 56 -27.06 -23.33 -41.11
C PRO B 56 -25.64 -23.20 -41.62
N LYS B 57 -25.31 -24.02 -42.63
CA LYS B 57 -23.97 -24.06 -43.18
C LYS B 57 -23.52 -22.68 -43.67
N GLU B 58 -24.47 -21.86 -44.13
CA GLU B 58 -24.15 -20.49 -44.53
C GLU B 58 -23.61 -19.67 -43.36
N TYR B 59 -23.94 -20.04 -42.12
CA TYR B 59 -23.47 -19.33 -40.95
C TYR B 59 -22.28 -20.01 -40.28
N SER B 60 -22.25 -21.35 -40.26
CA SER B 60 -21.12 -22.04 -39.65
C SER B 60 -19.83 -21.73 -40.40
N SER B 61 -19.88 -21.64 -41.73
CA SER B 61 -18.71 -21.28 -42.50
C SER B 61 -18.22 -19.87 -42.15
N GLU B 62 -19.16 -18.94 -41.98
CA GLU B 62 -18.77 -17.58 -41.61
C GLU B 62 -18.15 -17.54 -40.23
N LEU B 63 -18.68 -18.36 -39.29
CA LEU B 63 -18.14 -18.38 -37.93
C LEU B 63 -16.72 -18.91 -37.86
N LEU B 64 -16.22 -19.54 -38.93
CA LEU B 64 -14.86 -20.04 -38.92
C LEU B 64 -13.82 -18.92 -38.87
N CYS B 65 -14.18 -17.73 -39.34
CA CYS B 65 -13.25 -16.61 -39.30
C CYS B 65 -13.14 -16.07 -37.89
N PRO B 66 -11.94 -16.04 -37.29
CA PRO B 66 -11.81 -15.47 -35.95
C PRO B 66 -12.20 -14.01 -35.87
N ARG B 67 -11.95 -13.24 -36.92
CA ARG B 67 -12.35 -11.84 -36.92
C ARG B 67 -13.87 -11.71 -36.89
N LYS B 68 -14.55 -12.45 -37.76
CA LYS B 68 -16.01 -12.44 -37.77
C LYS B 68 -16.55 -13.01 -36.46
N ARG B 69 -15.89 -14.01 -35.91
CA ARG B 69 -16.33 -14.59 -34.64
C ARG B 69 -16.23 -13.58 -33.52
N LYS B 70 -15.14 -12.81 -33.46
CA LYS B 70 -15.02 -11.76 -32.47
C LYS B 70 -16.03 -10.65 -32.70
N THR B 71 -16.33 -10.35 -33.96
CA THR B 71 -17.38 -9.39 -34.27
C THR B 71 -18.73 -9.84 -33.73
N VAL B 72 -19.05 -11.12 -33.92
CA VAL B 72 -20.31 -11.66 -33.40
C VAL B 72 -20.29 -11.65 -31.87
N GLU B 73 -19.14 -11.92 -31.27
CA GLU B 73 -19.02 -11.85 -29.82
C GLU B 73 -19.30 -10.44 -29.30
N ALA B 74 -18.75 -9.44 -29.98
CA ALA B 74 -19.00 -8.06 -29.59
C ALA B 74 -20.47 -7.71 -29.78
N ASN B 75 -21.08 -8.19 -30.86
CA ASN B 75 -22.52 -7.97 -31.06
C ASN B 75 -23.33 -8.57 -29.93
N ILE B 76 -22.98 -9.79 -29.52
CA ILE B 76 -23.67 -10.44 -28.41
C ILE B 76 -23.49 -9.64 -27.12
N ARG B 77 -22.27 -9.15 -26.88
CA ARG B 77 -22.03 -8.33 -25.70
C ARG B 77 -22.90 -7.08 -25.71
N ASP B 78 -23.01 -6.43 -26.86
CA ASP B 78 -23.80 -5.20 -26.95
C ASP B 78 -25.29 -5.50 -26.77
N MET B 79 -25.79 -6.57 -27.40
CA MET B 79 -27.19 -6.91 -27.27
C MET B 79 -27.55 -7.31 -25.84
N LEU B 80 -26.67 -8.05 -25.17
CA LEU B 80 -26.90 -8.45 -23.79
C LEU B 80 -26.74 -7.23 -22.89
N VAL B 81 -27.87 -6.69 -22.44
CA VAL B 81 -27.89 -5.51 -21.59
C VAL B 81 -28.42 -5.83 -20.20
N ASP B 82 -29.53 -6.57 -20.13
CA ASP B 82 -30.11 -6.94 -18.84
C ASP B 82 -29.18 -7.90 -18.10
N SER B 83 -28.63 -7.44 -16.98
CA SER B 83 -27.73 -8.26 -16.16
C SER B 83 -28.58 -9.24 -15.36
N VAL B 84 -29.01 -10.30 -16.04
CA VAL B 84 -29.89 -11.29 -15.41
C VAL B 84 -29.10 -12.09 -14.38
N GLU B 85 -29.64 -12.18 -13.17
CA GLU B 85 -28.98 -12.93 -12.11
C GLU B 85 -29.26 -14.42 -12.26
N THR B 86 -28.46 -15.22 -11.58
CA THR B 86 -28.51 -16.68 -11.68
C THR B 86 -28.44 -17.29 -10.29
N ASP B 87 -28.51 -18.63 -10.28
CA ASP B 87 -28.36 -19.42 -9.05
C ASP B 87 -29.41 -19.01 -8.00
N THR B 88 -30.68 -19.10 -8.39
CA THR B 88 -31.79 -18.74 -7.51
C THR B 88 -32.30 -19.94 -6.72
N TYR B 89 -32.58 -21.03 -7.41
CA TYR B 89 -33.13 -22.22 -6.78
C TYR B 89 -32.13 -22.81 -5.79
N PRO B 90 -32.58 -23.23 -4.60
CA PRO B 90 -31.68 -23.94 -3.69
C PRO B 90 -31.81 -25.46 -3.78
N ASP B 91 -32.76 -25.95 -4.57
CA ASP B 91 -33.10 -27.36 -4.62
C ASP B 91 -32.52 -28.08 -5.83
N LYS B 92 -31.64 -27.43 -6.59
CA LYS B 92 -31.07 -28.02 -7.80
C LYS B 92 -29.58 -28.25 -7.59
N LEU B 93 -29.12 -29.45 -7.92
CA LEU B 93 -27.72 -29.82 -7.75
C LEU B 93 -27.03 -29.92 -9.11
N PRO B 94 -26.17 -28.98 -9.47
CA PRO B 94 -25.51 -29.04 -10.76
C PRO B 94 -24.42 -30.10 -10.82
N PHE B 95 -24.17 -30.58 -12.03
CA PHE B 95 -23.12 -31.55 -12.31
C PHE B 95 -22.40 -31.14 -13.58
N LYS B 96 -21.36 -31.90 -13.94
CA LYS B 96 -20.69 -31.70 -15.22
C LYS B 96 -21.49 -32.26 -16.39
N ASN B 97 -22.55 -33.01 -16.12
CA ASN B 97 -23.43 -33.53 -17.16
C ASN B 97 -24.82 -32.89 -17.11
N GLY B 98 -25.04 -31.94 -16.19
CA GLY B 98 -26.35 -31.33 -16.07
C GLY B 98 -26.72 -31.00 -14.64
N VAL B 99 -28.01 -31.04 -14.33
CA VAL B 99 -28.54 -30.62 -13.03
C VAL B 99 -29.36 -31.75 -12.45
N LEU B 100 -29.13 -32.07 -11.18
CA LEU B 100 -29.91 -33.07 -10.46
C LEU B 100 -30.84 -32.36 -9.47
N ASP B 101 -32.13 -32.68 -9.54
CA ASP B 101 -33.09 -32.08 -8.63
C ASP B 101 -33.09 -32.82 -7.29
N LEU B 102 -33.15 -32.05 -6.21
CA LEU B 102 -33.23 -32.63 -4.87
C LEU B 102 -34.65 -32.99 -4.47
N VAL B 103 -35.66 -32.54 -5.21
CA VAL B 103 -37.05 -32.80 -4.85
C VAL B 103 -37.45 -34.21 -5.27
N ASP B 104 -37.43 -34.48 -6.57
CA ASP B 104 -37.82 -35.78 -7.09
C ASP B 104 -36.65 -36.71 -7.32
N GLY B 105 -35.42 -36.24 -7.14
CA GLY B 105 -34.26 -37.07 -7.42
C GLY B 105 -33.97 -37.29 -8.89
N MET B 106 -34.59 -36.53 -9.78
CA MET B 106 -34.39 -36.68 -11.21
C MET B 106 -33.27 -35.76 -11.68
N PHE B 107 -32.36 -36.32 -12.47
CA PHE B 107 -31.23 -35.59 -13.02
C PHE B 107 -31.56 -35.11 -14.42
N TYR B 108 -31.29 -33.84 -14.70
CA TYR B 108 -31.56 -33.24 -15.99
C TYR B 108 -30.25 -32.97 -16.72
N SER B 109 -30.34 -32.91 -18.05
CA SER B 109 -29.18 -32.71 -18.89
C SER B 109 -29.59 -31.99 -20.16
N GLY B 110 -28.60 -31.41 -20.83
CA GLY B 110 -28.87 -30.70 -22.06
C GLY B 110 -29.74 -29.48 -21.84
N ASP B 111 -30.68 -29.26 -22.76
CA ASP B 111 -31.58 -28.11 -22.64
C ASP B 111 -32.41 -28.17 -21.36
N ASP B 112 -32.69 -29.37 -20.86
CA ASP B 112 -33.36 -29.49 -19.57
C ASP B 112 -32.52 -28.87 -18.46
N ALA B 113 -31.22 -29.12 -18.46
CA ALA B 113 -30.32 -28.47 -17.53
C ALA B 113 -30.06 -27.01 -17.89
N LYS B 114 -30.18 -26.65 -19.17
CA LYS B 114 -29.99 -25.26 -19.57
C LYS B 114 -31.03 -24.34 -18.96
N LYS B 115 -32.24 -24.86 -18.70
CA LYS B 115 -33.25 -24.06 -18.02
C LYS B 115 -32.76 -23.59 -16.66
N TYR B 116 -31.83 -24.31 -16.06
CA TYR B 116 -31.22 -23.91 -14.80
C TYR B 116 -29.87 -23.26 -15.08
N THR B 117 -29.62 -22.13 -14.43
CA THR B 117 -28.41 -21.35 -14.62
C THR B 117 -27.55 -21.49 -13.36
N CYS B 118 -26.63 -22.45 -13.39
CA CYS B 118 -25.76 -22.74 -12.25
C CYS B 118 -24.34 -22.35 -12.60
N THR B 119 -23.83 -21.30 -11.93
CA THR B 119 -22.46 -20.87 -12.17
C THR B 119 -21.44 -21.92 -11.75
N VAL B 120 -21.68 -22.62 -10.64
CA VAL B 120 -20.77 -23.62 -10.14
C VAL B 120 -21.39 -25.00 -10.36
N SER B 121 -20.61 -26.04 -10.08
CA SER B 121 -21.08 -27.41 -10.23
C SER B 121 -20.30 -28.30 -9.29
N THR B 122 -20.72 -29.56 -9.21
CA THR B 122 -20.08 -30.52 -8.32
C THR B 122 -18.67 -30.89 -8.77
N GLY B 123 -18.28 -30.50 -9.99
CA GLY B 123 -16.93 -30.77 -10.46
C GLY B 123 -16.70 -32.14 -11.05
N PHE B 124 -17.75 -32.94 -11.25
CA PHE B 124 -17.59 -34.23 -11.89
C PHE B 124 -18.90 -34.61 -12.58
N LYS B 125 -18.78 -35.54 -13.53
CA LYS B 125 -19.94 -35.98 -14.28
C LYS B 125 -20.87 -36.82 -13.41
N PHE B 126 -22.17 -36.67 -13.65
CA PHE B 126 -23.17 -37.45 -12.94
C PHE B 126 -23.26 -38.85 -13.51
N ASP B 127 -23.41 -39.83 -12.63
CA ASP B 127 -23.56 -41.23 -13.02
C ASP B 127 -24.72 -41.83 -12.24
N ASP B 128 -25.84 -42.07 -12.92
CA ASP B 128 -27.00 -42.66 -12.25
C ASP B 128 -26.75 -44.12 -11.89
N THR B 129 -25.92 -44.82 -12.66
CA THR B 129 -25.63 -46.21 -12.36
C THR B 129 -24.97 -46.36 -10.99
N LYS B 130 -24.00 -45.48 -10.68
CA LYS B 130 -23.44 -45.45 -9.34
C LYS B 130 -24.37 -44.78 -8.34
N PHE B 131 -25.30 -43.94 -8.81
CA PHE B 131 -26.26 -43.28 -7.94
C PHE B 131 -27.45 -44.21 -7.69
N VAL B 132 -27.17 -45.25 -6.91
CA VAL B 132 -28.16 -46.27 -6.57
C VAL B 132 -28.06 -46.57 -5.07
N GLU B 133 -29.13 -47.15 -4.55
CA GLU B 133 -29.19 -47.51 -3.13
C GLU B 133 -28.83 -48.97 -2.89
N ASP B 134 -29.20 -49.87 -3.79
CA ASP B 134 -28.92 -51.30 -3.63
C ASP B 134 -27.53 -51.61 -4.17
N SER B 135 -26.53 -51.09 -3.47
CA SER B 135 -25.14 -51.29 -3.81
C SER B 135 -24.35 -51.65 -2.56
N PRO B 136 -23.29 -52.45 -2.69
CA PRO B 136 -22.45 -52.74 -1.52
C PRO B 136 -21.84 -51.48 -0.91
N GLU B 137 -21.48 -50.51 -1.74
CA GLU B 137 -20.91 -49.27 -1.23
C GLU B 137 -21.91 -48.53 -0.35
N MET B 138 -23.19 -48.51 -0.74
CA MET B 138 -24.20 -47.86 0.07
C MET B 138 -24.32 -48.52 1.44
N GLU B 139 -24.34 -49.86 1.48
CA GLU B 139 -24.44 -50.56 2.75
C GLU B 139 -23.22 -50.32 3.62
N GLU B 140 -22.02 -50.35 3.01
CA GLU B 140 -20.80 -50.10 3.77
C GLU B 140 -20.79 -48.69 4.34
N LEU B 141 -21.21 -47.71 3.54
CA LEU B 141 -21.23 -46.33 4.02
C LEU B 141 -22.29 -46.13 5.09
N MET B 142 -23.44 -46.82 4.98
CA MET B 142 -24.43 -46.78 6.04
C MET B 142 -23.87 -47.34 7.34
N ASN B 143 -23.12 -48.44 7.26
CA ASN B 143 -22.46 -48.98 8.44
C ASN B 143 -21.47 -47.98 9.01
N ILE B 144 -20.71 -47.31 8.14
CA ILE B 144 -19.74 -46.32 8.60
C ILE B 144 -20.44 -45.18 9.32
N ILE B 145 -21.54 -44.68 8.76
CA ILE B 145 -22.27 -43.59 9.38
C ILE B 145 -22.86 -44.02 10.72
N ASN B 146 -23.41 -45.23 10.78
CA ASN B 146 -23.93 -45.73 12.06
C ASN B 146 -22.81 -45.85 13.08
N ASP B 147 -21.62 -46.23 12.65
CA ASP B 147 -20.47 -46.24 13.55
C ASP B 147 -20.16 -44.83 14.05
N ILE B 148 -20.16 -43.85 13.14
CA ILE B 148 -19.86 -42.48 13.52
C ILE B 148 -20.95 -41.94 14.45
N GLN B 149 -22.20 -42.11 14.07
CA GLN B 149 -23.34 -41.68 14.88
C GLN B 149 -24.25 -42.88 15.10
N PRO B 150 -24.28 -43.45 16.30
CA PRO B 150 -25.13 -44.61 16.55
C PRO B 150 -26.61 -44.29 16.38
N LEU B 151 -27.35 -45.27 15.88
CA LEU B 151 -28.81 -45.16 15.75
C LEU B 151 -29.51 -45.50 17.06
N THR B 152 -29.10 -44.84 18.13
CA THR B 152 -29.64 -45.07 19.46
C THR B 152 -30.57 -43.93 19.84
N ASP B 153 -31.59 -44.26 20.65
CA ASP B 153 -32.57 -43.26 21.06
C ASP B 153 -31.92 -42.14 21.86
N GLU B 154 -30.87 -42.45 22.62
CA GLU B 154 -30.14 -41.40 23.34
C GLU B 154 -29.49 -40.43 22.35
N ASN B 155 -28.93 -40.95 21.26
CA ASN B 155 -28.33 -40.13 20.22
C ASN B 155 -29.29 -39.87 19.06
N LYS B 156 -30.56 -40.26 19.20
CA LYS B 156 -31.51 -40.12 18.11
C LYS B 156 -31.67 -38.66 17.69
N LYS B 157 -31.80 -37.76 18.66
CA LYS B 157 -31.87 -36.35 18.34
C LYS B 157 -30.56 -35.85 17.74
N ASN B 158 -29.43 -36.26 18.32
CA ASN B 158 -28.14 -35.84 17.78
C ASN B 158 -27.91 -36.42 16.39
N ARG B 159 -28.23 -37.70 16.20
CA ARG B 159 -28.09 -38.32 14.88
C ARG B 159 -28.99 -37.65 13.86
N GLU B 160 -30.23 -37.33 14.25
CA GLU B 160 -31.15 -36.69 13.33
C GLU B 160 -30.68 -35.28 12.97
N LEU B 161 -30.15 -34.54 13.94
CA LEU B 161 -29.60 -33.22 13.66
C LEU B 161 -28.41 -33.31 12.72
N TYR B 162 -27.55 -34.31 12.94
CA TYR B 162 -26.41 -34.53 12.05
C TYR B 162 -26.87 -34.84 10.63
N GLU B 163 -27.89 -35.69 10.49
CA GLU B 163 -28.43 -36.00 9.18
C GLU B 163 -29.04 -34.78 8.52
N LYS B 164 -29.76 -33.96 9.30
CA LYS B 164 -30.33 -32.74 8.76
C LYS B 164 -29.25 -31.78 8.27
N THR B 165 -28.16 -31.65 9.04
CA THR B 165 -27.06 -30.80 8.62
C THR B 165 -26.42 -31.32 7.33
N LEU B 166 -26.22 -32.63 7.24
CA LEU B 166 -25.63 -33.20 6.03
C LEU B 166 -26.54 -33.00 4.83
N SER B 167 -27.86 -33.15 5.02
CA SER B 167 -28.80 -32.88 3.94
C SER B 167 -28.79 -31.41 3.54
N SER B 168 -28.72 -30.51 4.51
CA SER B 168 -28.67 -29.08 4.23
C SER B 168 -27.34 -28.66 3.59
N CYS B 169 -26.33 -29.52 3.67
CA CYS B 169 -25.09 -29.23 2.93
C CYS B 169 -25.34 -29.10 1.43
N LEU B 170 -26.43 -29.66 0.93
CA LEU B 170 -26.80 -29.53 -0.48
C LEU B 170 -27.64 -28.29 -0.75
N CYS B 171 -27.98 -27.52 0.26
CA CYS B 171 -28.84 -26.36 0.08
C CYS B 171 -28.13 -25.28 -0.72
N GLY B 172 -28.88 -24.65 -1.63
CA GLY B 172 -28.35 -23.56 -2.43
C GLY B 172 -28.79 -22.20 -1.90
N ALA B 173 -29.22 -22.17 -0.65
CA ALA B 173 -29.67 -20.94 0.00
C ALA B 173 -28.83 -20.68 1.25
N THR B 174 -29.14 -19.57 1.92
CA THR B 174 -28.39 -19.16 3.10
C THR B 174 -28.67 -20.10 4.27
N LYS B 175 -27.64 -20.32 5.08
CA LYS B 175 -27.78 -21.12 6.29
C LYS B 175 -28.16 -20.20 7.46
N GLY B 176 -29.35 -20.41 8.00
CA GLY B 176 -29.86 -19.59 9.07
C GLY B 176 -29.41 -19.95 10.47
N CYS B 177 -28.64 -21.03 10.62
CA CYS B 177 -28.18 -21.45 11.94
C CYS B 177 -26.89 -22.23 11.79
N LEU B 178 -25.81 -21.69 12.37
CA LEU B 178 -24.52 -22.36 12.31
C LEU B 178 -24.56 -23.69 13.06
N THR B 179 -23.81 -24.65 12.55
CA THR B 179 -23.74 -25.99 13.11
C THR B 179 -22.35 -26.26 13.66
N PHE B 180 -22.29 -26.84 14.85
CA PHE B 180 -21.04 -27.18 15.52
C PHE B 180 -20.91 -28.69 15.62
N PHE B 181 -19.77 -29.22 15.20
CA PHE B 181 -19.44 -30.63 15.37
C PHE B 181 -18.51 -30.74 16.57
N PHE B 182 -19.08 -31.08 17.72
CA PHE B 182 -18.33 -31.20 18.96
C PHE B 182 -18.01 -32.65 19.26
N GLY B 183 -16.86 -32.89 19.88
CA GLY B 183 -16.44 -34.21 20.27
C GLY B 183 -14.97 -34.23 20.64
N GLU B 184 -14.32 -35.36 20.39
CA GLU B 184 -12.88 -35.48 20.60
C GLU B 184 -12.20 -35.70 19.26
N THR B 185 -10.88 -35.86 19.30
CA THR B 185 -10.11 -36.06 18.08
C THR B 185 -10.44 -37.42 17.46
N ALA B 186 -10.62 -37.43 16.14
CA ALA B 186 -10.86 -38.65 15.37
C ALA B 186 -12.10 -39.40 15.88
N THR B 187 -13.17 -38.64 16.11
CA THR B 187 -14.45 -39.22 16.48
C THR B 187 -15.37 -39.44 15.28
N GLY B 188 -14.88 -39.18 14.06
CA GLY B 188 -15.67 -39.30 12.87
C GLY B 188 -15.94 -37.98 12.16
N LYS B 189 -15.62 -36.85 12.78
CA LYS B 189 -15.85 -35.56 12.13
C LYS B 189 -15.00 -35.42 10.88
N SER B 190 -13.72 -35.79 10.96
CA SER B 190 -12.85 -35.72 9.79
C SER B 190 -13.29 -36.69 8.70
N THR B 191 -13.73 -37.89 9.10
CA THR B 191 -14.22 -38.86 8.12
C THR B 191 -15.46 -38.32 7.41
N THR B 192 -16.39 -37.74 8.17
CA THR B 192 -17.57 -37.15 7.57
C THR B 192 -17.21 -36.00 6.62
N LYS B 193 -16.26 -35.16 7.04
CA LYS B 193 -15.83 -34.06 6.18
C LYS B 193 -15.23 -34.58 4.88
N ARG B 194 -14.37 -35.59 4.96
CA ARG B 194 -13.77 -36.15 3.76
C ARG B 194 -14.81 -36.80 2.86
N LEU B 195 -15.77 -37.51 3.45
CA LEU B 195 -16.84 -38.12 2.67
C LEU B 195 -17.67 -37.06 1.94
N LEU B 196 -18.03 -35.99 2.65
CA LEU B 196 -18.79 -34.92 2.02
C LEU B 196 -17.99 -34.26 0.90
N LYS B 197 -16.70 -34.02 1.13
CA LYS B 197 -15.86 -33.41 0.11
C LYS B 197 -15.78 -34.29 -1.13
N SER B 198 -15.57 -35.59 -0.94
CA SER B 198 -15.52 -36.51 -2.07
C SER B 198 -16.86 -36.59 -2.79
N ALA B 199 -17.96 -36.47 -2.04
CA ALA B 199 -19.27 -36.58 -2.65
C ALA B 199 -19.63 -35.35 -3.47
N ILE B 200 -19.23 -34.16 -3.01
CA ILE B 200 -19.68 -32.92 -3.64
C ILE B 200 -18.61 -32.24 -4.47
N GLY B 201 -17.38 -32.75 -4.51
CA GLY B 201 -16.39 -32.23 -5.42
C GLY B 201 -16.07 -30.76 -5.22
N ASP B 202 -16.19 -29.98 -6.30
CA ASP B 202 -15.81 -28.58 -6.27
C ASP B 202 -16.69 -27.77 -5.33
N LEU B 203 -17.91 -28.23 -5.06
CA LEU B 203 -18.81 -27.50 -4.17
C LEU B 203 -18.27 -27.44 -2.75
N PHE B 204 -17.37 -28.34 -2.38
CA PHE B 204 -16.80 -28.34 -1.04
C PHE B 204 -15.76 -27.23 -0.90
N VAL B 205 -15.66 -26.68 0.31
CA VAL B 205 -14.60 -25.76 0.67
C VAL B 205 -14.41 -25.83 2.18
N GLU B 206 -13.16 -25.73 2.63
CA GLU B 206 -12.81 -25.80 4.03
C GLU B 206 -11.97 -24.59 4.41
N THR B 207 -12.02 -24.23 5.68
CA THR B 207 -11.24 -23.12 6.20
C THR B 207 -10.90 -23.38 7.66
N GLY B 208 -9.98 -22.60 8.18
CA GLY B 208 -9.50 -22.73 9.54
C GLY B 208 -10.27 -21.86 10.52
N GLN B 209 -9.56 -21.39 11.54
CA GLN B 209 -10.13 -20.55 12.58
C GLN B 209 -10.04 -19.07 12.27
N THR B 210 -9.51 -18.70 11.10
CA THR B 210 -9.29 -17.29 10.78
C THR B 210 -10.60 -16.52 10.72
N ILE B 211 -11.61 -17.07 10.03
CA ILE B 211 -12.87 -16.36 9.88
C ILE B 211 -13.68 -16.33 11.17
N LEU B 212 -13.35 -17.18 12.13
CA LEU B 212 -14.13 -17.27 13.36
C LEU B 212 -13.64 -16.33 14.45
N THR B 213 -12.36 -15.97 14.44
CA THR B 213 -11.78 -15.13 15.48
C THR B 213 -11.19 -13.83 14.96
N ASP B 214 -11.32 -13.53 13.66
CA ASP B 214 -10.77 -12.32 13.08
C ASP B 214 -11.84 -11.59 12.30
N VAL B 215 -11.65 -10.29 12.12
CA VAL B 215 -12.59 -9.46 11.38
C VAL B 215 -12.40 -9.69 9.90
N LEU B 216 -13.46 -10.15 9.23
CA LEU B 216 -13.34 -10.46 7.80
C LEU B 216 -13.29 -9.22 6.95
N ASP B 217 -14.08 -8.20 7.30
CA ASP B 217 -14.18 -6.98 6.50
C ASP B 217 -12.99 -6.08 6.80
N LYS B 218 -11.84 -6.47 6.26
CA LYS B 218 -10.61 -5.68 6.41
C LYS B 218 -9.80 -5.86 5.12
N GLY B 219 -9.97 -4.94 4.19
CA GLY B 219 -9.30 -5.00 2.92
C GLY B 219 -9.69 -6.22 2.12
N PRO B 220 -8.78 -6.74 1.31
CA PRO B 220 -9.04 -7.98 0.58
C PRO B 220 -9.22 -9.14 1.54
N ASN B 221 -10.06 -10.10 1.14
CA ASN B 221 -10.32 -11.30 1.94
C ASN B 221 -10.51 -12.48 1.00
N PRO B 222 -9.47 -13.28 0.80
CA PRO B 222 -9.62 -14.47 -0.07
C PRO B 222 -10.64 -15.47 0.44
N PHE B 223 -10.78 -15.60 1.76
CA PHE B 223 -11.71 -16.60 2.31
C PHE B 223 -13.14 -16.32 1.88
N ILE B 224 -13.58 -15.07 1.98
CA ILE B 224 -14.94 -14.72 1.59
C ILE B 224 -15.14 -14.93 0.10
N ALA B 225 -14.13 -14.59 -0.71
CA ALA B 225 -14.23 -14.79 -2.15
C ALA B 225 -14.37 -16.28 -2.48
N ASN B 226 -13.62 -17.14 -1.79
CA ASN B 226 -13.73 -18.57 -2.04
C ASN B 226 -15.07 -19.13 -1.56
N MET B 227 -15.58 -18.63 -0.43
CA MET B 227 -16.81 -19.16 0.13
C MET B 227 -18.05 -18.75 -0.65
N HIS B 228 -17.95 -17.78 -1.56
CA HIS B 228 -19.11 -17.35 -2.32
C HIS B 228 -19.56 -18.45 -3.27
N LEU B 229 -20.88 -18.55 -3.46
CA LEU B 229 -21.48 -19.52 -4.38
C LEU B 229 -21.05 -20.95 -4.05
N LYS B 230 -20.96 -21.26 -2.76
CA LYS B 230 -20.56 -22.58 -2.30
C LYS B 230 -21.75 -23.32 -1.71
N ARG B 231 -21.54 -24.61 -1.42
CA ARG B 231 -22.57 -25.46 -0.84
C ARG B 231 -22.30 -25.84 0.60
N SER B 232 -21.04 -25.92 1.02
CA SER B 232 -20.72 -26.32 2.38
C SER B 232 -19.35 -25.78 2.76
N VAL B 233 -19.22 -25.34 4.00
CA VAL B 233 -17.97 -24.81 4.54
C VAL B 233 -17.64 -25.54 5.83
N PHE B 234 -16.39 -25.96 5.97
CA PHE B 234 -15.91 -26.64 7.17
C PHE B 234 -14.90 -25.74 7.86
N CYS B 235 -15.14 -25.47 9.14
CA CYS B 235 -14.27 -24.64 9.97
C CYS B 235 -13.69 -25.52 11.07
N SER B 236 -12.51 -26.08 10.81
CA SER B 236 -11.85 -26.98 11.74
C SER B 236 -10.73 -26.26 12.47
N GLU B 237 -9.96 -27.02 13.26
CA GLU B 237 -8.76 -26.52 13.94
C GLU B 237 -9.10 -25.37 14.90
N LEU B 238 -9.93 -25.68 15.89
CA LEU B 238 -10.20 -24.68 16.92
C LEU B 238 -9.29 -24.89 18.12
N PRO B 239 -8.93 -23.82 18.81
CA PRO B 239 -7.98 -23.92 19.92
C PRO B 239 -8.67 -24.24 21.25
N ASP B 240 -7.85 -24.48 22.26
CA ASP B 240 -8.34 -24.67 23.61
C ASP B 240 -8.80 -23.32 24.16
N PHE B 241 -10.11 -23.09 24.14
CA PHE B 241 -10.64 -21.79 24.52
C PHE B 241 -10.46 -21.50 26.01
N ALA B 242 -10.44 -22.54 26.83
CA ALA B 242 -10.24 -22.36 28.27
C ALA B 242 -8.82 -21.92 28.61
N CYS B 243 -7.87 -22.13 27.70
CA CYS B 243 -6.48 -21.79 27.95
C CYS B 243 -6.13 -20.45 27.31
N SER B 244 -5.05 -19.85 27.82
CA SER B 244 -4.60 -18.56 27.31
C SER B 244 -3.99 -18.70 25.93
N GLY B 245 -3.94 -17.58 25.22
CA GLY B 245 -3.42 -17.56 23.86
C GLY B 245 -4.40 -17.99 22.80
N SER B 246 -5.65 -18.29 23.18
CA SER B 246 -6.68 -18.71 22.24
C SER B 246 -7.78 -17.66 22.19
N LYS B 247 -8.10 -17.19 20.99
CA LYS B 247 -9.14 -16.18 20.83
C LYS B 247 -10.52 -16.82 20.98
N LYS B 248 -11.51 -15.96 21.20
CA LYS B 248 -12.90 -16.38 21.32
C LYS B 248 -13.62 -16.24 19.99
N ILE B 249 -14.66 -17.03 19.81
CA ILE B 249 -15.44 -16.97 18.58
C ILE B 249 -16.23 -15.68 18.56
N ARG B 250 -16.00 -14.87 17.52
CA ARG B 250 -16.65 -13.57 17.43
C ARG B 250 -18.10 -13.74 16.99
N SER B 251 -19.03 -13.36 17.86
CA SER B 251 -20.45 -13.41 17.50
C SER B 251 -20.74 -12.49 16.31
N ASP B 252 -19.98 -11.40 16.18
CA ASP B 252 -20.16 -10.52 15.03
C ASP B 252 -19.85 -11.25 13.73
N ASN B 253 -18.77 -12.05 13.73
CA ASN B 253 -18.45 -12.83 12.53
C ASN B 253 -19.53 -13.85 12.22
N ILE B 254 -20.06 -14.51 13.26
CA ILE B 254 -21.11 -15.50 13.08
C ILE B 254 -22.34 -14.87 12.47
N LYS B 255 -22.74 -13.70 12.99
CA LYS B 255 -23.88 -12.99 12.41
C LYS B 255 -23.59 -12.48 11.01
N LYS B 256 -22.32 -12.16 10.71
CA LYS B 256 -21.96 -11.77 9.35
C LYS B 256 -22.15 -12.94 8.38
N LEU B 257 -21.80 -14.14 8.80
CA LEU B 257 -21.98 -15.31 7.94
C LEU B 257 -23.38 -15.91 8.11
N THR B 258 -24.40 -15.05 7.94
CA THR B 258 -25.78 -15.51 7.99
C THR B 258 -26.65 -14.78 6.97
N GLU B 259 -26.05 -14.07 6.02
CA GLU B 259 -26.81 -13.29 5.05
C GLU B 259 -26.69 -13.89 3.66
N PRO B 260 -27.69 -13.69 2.80
CA PRO B 260 -27.59 -14.21 1.43
C PRO B 260 -26.40 -13.68 0.66
N CYS B 261 -26.01 -12.43 0.90
CA CYS B 261 -24.87 -11.82 0.23
C CYS B 261 -23.93 -11.26 1.31
N VAL B 262 -22.93 -12.05 1.68
CA VAL B 262 -21.97 -11.66 2.70
C VAL B 262 -20.90 -10.77 2.06
N ILE B 263 -20.62 -9.65 2.71
CA ILE B 263 -19.66 -8.67 2.20
C ILE B 263 -18.24 -9.21 2.34
N GLY B 264 -17.29 -8.56 1.70
CA GLY B 264 -15.90 -8.96 1.73
C GLY B 264 -15.20 -8.76 0.41
N ARG B 265 -14.07 -8.06 0.42
CA ARG B 265 -13.41 -7.68 -0.83
C ARG B 265 -12.55 -8.82 -1.35
N PRO B 266 -12.69 -9.20 -2.62
CA PRO B 266 -11.76 -10.17 -3.21
C PRO B 266 -10.41 -9.55 -3.55
N CYS B 267 -9.54 -10.32 -4.19
CA CYS B 267 -8.19 -9.87 -4.50
C CYS B 267 -8.17 -9.21 -5.87
N PHE B 268 -7.85 -7.91 -5.90
CA PHE B 268 -7.71 -7.14 -7.13
C PHE B 268 -8.96 -7.23 -8.00
N SER B 269 -10.12 -7.20 -7.36
CA SER B 269 -11.39 -7.24 -8.07
C SER B 269 -12.48 -6.69 -7.16
N ASN B 270 -13.60 -6.32 -7.77
CA ASN B 270 -14.74 -5.75 -7.05
C ASN B 270 -15.88 -6.78 -7.10
N LYS B 271 -15.86 -7.72 -6.16
CA LYS B 271 -16.90 -8.72 -5.99
C LYS B 271 -17.28 -8.82 -4.51
N ILE B 272 -17.50 -7.67 -3.88
CA ILE B 272 -17.79 -7.64 -2.45
C ILE B 272 -19.10 -8.36 -2.16
N ASN B 273 -20.06 -8.26 -3.07
CA ASN B 273 -21.36 -8.94 -2.92
C ASN B 273 -21.14 -10.42 -3.17
N ASN B 274 -20.70 -11.12 -2.14
CA ASN B 274 -20.44 -12.56 -2.21
C ASN B 274 -21.67 -13.31 -1.74
N ARG B 275 -22.31 -14.03 -2.65
CA ARG B 275 -23.51 -14.78 -2.31
C ARG B 275 -23.16 -15.97 -1.42
N ASN B 276 -23.86 -16.10 -0.31
CA ASN B 276 -23.60 -17.13 0.68
C ASN B 276 -24.72 -18.17 0.60
N HIS B 277 -24.42 -19.32 -0.01
CA HIS B 277 -25.35 -20.42 -0.12
C HIS B 277 -24.80 -21.70 0.51
N ALA B 278 -23.73 -21.59 1.28
CA ALA B 278 -23.00 -22.75 1.78
C ALA B 278 -23.42 -23.09 3.20
N THR B 279 -23.39 -24.39 3.51
CA THR B 279 -23.67 -24.88 4.85
C THR B 279 -22.37 -24.87 5.65
N ILE B 280 -22.27 -23.95 6.60
CA ILE B 280 -21.05 -23.77 7.38
C ILE B 280 -21.08 -24.73 8.57
N ILE B 281 -20.07 -25.59 8.67
CA ILE B 281 -19.96 -26.56 9.74
C ILE B 281 -18.63 -26.34 10.44
N ILE B 282 -18.65 -26.34 11.77
CA ILE B 282 -17.46 -26.07 12.58
C ILE B 282 -17.01 -27.38 13.21
N ASP B 283 -15.75 -27.75 12.95
CA ASP B 283 -15.14 -28.94 13.54
C ASP B 283 -14.26 -28.50 14.70
N THR B 284 -14.50 -29.08 15.87
CA THR B 284 -13.74 -28.73 17.06
C THR B 284 -13.68 -29.92 18.00
N ASN B 285 -12.66 -29.90 18.87
CA ASN B 285 -12.52 -30.90 19.92
C ASN B 285 -12.86 -30.34 21.29
N TYR B 286 -13.21 -29.07 21.39
CA TYR B 286 -13.52 -28.42 22.66
C TYR B 286 -14.81 -27.63 22.52
N LYS B 287 -15.47 -27.41 23.65
CA LYS B 287 -16.69 -26.61 23.68
C LYS B 287 -16.33 -25.14 23.48
N PRO B 288 -16.88 -24.48 22.47
CA PRO B 288 -16.44 -23.12 22.15
C PRO B 288 -16.84 -22.09 23.18
N VAL B 289 -16.06 -21.01 23.25
CA VAL B 289 -16.34 -19.87 24.11
C VAL B 289 -16.42 -18.63 23.22
N PHE B 290 -17.47 -17.84 23.40
CA PHE B 290 -17.74 -16.70 22.55
C PHE B 290 -17.46 -15.40 23.29
N ASP B 291 -16.96 -14.40 22.55
CA ASP B 291 -16.74 -13.08 23.14
C ASP B 291 -18.04 -12.40 23.53
N ARG B 292 -19.07 -12.53 22.71
CA ARG B 292 -20.39 -11.98 22.98
C ARG B 292 -21.42 -13.08 22.82
N ILE B 293 -22.40 -13.11 23.73
CA ILE B 293 -23.47 -14.09 23.71
C ILE B 293 -24.80 -13.35 23.83
N ASP B 294 -25.74 -13.69 22.95
CA ASP B 294 -27.06 -13.08 22.97
C ASP B 294 -28.07 -14.10 22.45
N ASN B 295 -29.34 -13.72 22.53
CA ASN B 295 -30.40 -14.62 22.06
C ASN B 295 -30.28 -14.89 20.58
N ALA B 296 -29.95 -13.88 19.78
CA ALA B 296 -29.81 -14.06 18.34
C ALA B 296 -28.69 -15.04 18.01
N LEU B 297 -27.55 -14.93 18.70
CA LEU B 297 -26.45 -15.86 18.45
C LEU B 297 -26.84 -17.28 18.85
N MET B 298 -27.50 -17.44 19.99
CA MET B 298 -27.94 -18.77 20.42
C MET B 298 -28.96 -19.37 19.46
N ARG B 299 -29.75 -18.52 18.78
CA ARG B 299 -30.65 -19.00 17.75
C ARG B 299 -29.97 -19.17 16.40
N ARG B 300 -28.71 -18.75 16.28
CA ARG B 300 -27.93 -18.94 15.06
C ARG B 300 -26.92 -20.08 15.17
N ILE B 301 -26.91 -20.82 16.28
CA ILE B 301 -25.87 -21.80 16.55
C ILE B 301 -26.53 -23.12 16.95
N ALA B 302 -26.10 -24.21 16.31
CA ALA B 302 -26.48 -25.56 16.67
C ALA B 302 -25.23 -26.39 16.88
N VAL B 303 -25.33 -27.40 17.76
CA VAL B 303 -24.19 -28.23 18.13
C VAL B 303 -24.56 -29.69 17.90
N VAL B 304 -23.66 -30.42 17.26
CA VAL B 304 -23.78 -31.85 17.06
C VAL B 304 -22.61 -32.53 17.77
N ARG B 305 -22.91 -33.53 18.59
CA ARG B 305 -21.90 -34.23 19.37
C ARG B 305 -21.56 -35.57 18.73
N PHE B 306 -20.27 -35.85 18.59
CA PHE B 306 -19.78 -37.13 18.11
C PHE B 306 -19.36 -37.96 19.31
N ARG B 307 -20.05 -39.07 19.53
CA ARG B 307 -19.89 -39.86 20.75
C ARG B 307 -19.50 -41.30 20.44
N THR B 308 -18.58 -41.49 19.49
CA THR B 308 -18.09 -42.83 19.19
C THR B 308 -16.65 -42.70 18.69
N HIS B 309 -15.70 -43.10 19.53
CA HIS B 309 -14.29 -43.08 19.14
C HIS B 309 -13.97 -44.30 18.26
N PHE B 310 -12.86 -44.20 17.53
CA PHE B 310 -12.40 -45.25 16.63
C PHE B 310 -10.91 -45.47 16.89
N SER B 311 -10.60 -46.40 17.79
CA SER B 311 -9.21 -46.71 18.11
C SER B 311 -8.60 -47.63 17.07
N TYR B 325 -17.41 -41.21 25.16
CA TYR B 325 -18.17 -41.60 23.98
C TYR B 325 -19.29 -42.56 24.34
N ASP B 326 -20.19 -42.82 23.39
CA ASP B 326 -21.23 -43.82 23.57
C ASP B 326 -20.80 -45.20 23.09
N LYS B 327 -19.67 -45.29 22.39
CA LYS B 327 -19.17 -46.57 21.89
C LYS B 327 -17.73 -46.39 21.44
N VAL B 328 -16.96 -47.47 21.49
CA VAL B 328 -15.57 -47.46 21.06
C VAL B 328 -15.37 -48.64 20.10
N LYS B 329 -14.79 -48.36 18.94
CA LYS B 329 -14.52 -49.37 17.93
C LYS B 329 -13.08 -49.22 17.45
N LEU B 330 -12.68 -50.10 16.54
CA LEU B 330 -11.34 -50.08 15.97
C LEU B 330 -11.30 -49.17 14.74
N LEU B 331 -10.08 -48.81 14.35
CA LEU B 331 -9.86 -47.92 13.22
C LEU B 331 -9.67 -48.71 11.93
N ASP B 332 -10.28 -48.22 10.85
CA ASP B 332 -10.14 -48.81 9.53
C ASP B 332 -9.15 -47.95 8.74
N GLU B 333 -7.94 -48.46 8.56
CA GLU B 333 -6.90 -47.69 7.87
C GLU B 333 -7.21 -47.55 6.38
N GLY B 334 -7.72 -48.59 5.75
CA GLY B 334 -7.98 -48.58 4.32
C GLY B 334 -9.21 -47.84 3.88
N LEU B 335 -10.05 -47.38 4.82
CA LEU B 335 -11.25 -46.64 4.44
C LEU B 335 -10.90 -45.26 3.90
N ASP B 336 -9.81 -44.66 4.39
CA ASP B 336 -9.42 -43.34 3.89
C ASP B 336 -9.07 -43.40 2.42
N GLY B 337 -8.39 -44.47 1.99
CA GLY B 337 -8.10 -44.63 0.58
C GLY B 337 -9.35 -44.75 -0.27
N LYS B 338 -10.33 -45.52 0.22
CA LYS B 338 -11.60 -45.64 -0.50
C LYS B 338 -12.30 -44.29 -0.60
N ILE B 339 -12.26 -43.50 0.47
CA ILE B 339 -12.84 -42.16 0.44
C ILE B 339 -12.12 -41.31 -0.60
N GLN B 340 -10.79 -41.35 -0.61
CA GLN B 340 -10.01 -40.60 -1.58
C GLN B 340 -10.21 -41.10 -3.00
N ASN B 341 -10.63 -42.35 -3.17
CA ASN B 341 -10.92 -42.90 -4.48
C ASN B 341 -12.36 -42.62 -4.91
N ASN B 342 -13.13 -41.92 -4.10
CA ASN B 342 -14.54 -41.60 -4.39
C ASN B 342 -15.36 -42.86 -4.58
N ARG B 343 -14.99 -43.93 -3.87
CA ARG B 343 -15.77 -45.17 -3.92
C ARG B 343 -17.17 -44.96 -3.36
N TYR B 344 -17.28 -44.20 -2.27
CA TYR B 344 -18.56 -43.94 -1.62
C TYR B 344 -19.12 -42.56 -1.97
N ARG B 345 -18.61 -41.94 -3.04
CA ARG B 345 -19.08 -40.62 -3.44
C ARG B 345 -20.56 -40.66 -3.81
N PHE B 346 -20.93 -41.57 -4.71
CA PHE B 346 -22.32 -41.64 -5.15
C PHE B 346 -23.23 -42.20 -4.06
N ALA B 347 -22.72 -43.13 -3.25
CA ALA B 347 -23.49 -43.60 -2.10
C ALA B 347 -23.77 -42.47 -1.12
N PHE B 348 -22.75 -41.66 -0.84
CA PHE B 348 -22.94 -40.50 0.04
C PHE B 348 -23.93 -39.52 -0.58
N LEU B 349 -23.83 -39.30 -1.89
CA LEU B 349 -24.75 -38.41 -2.57
C LEU B 349 -26.19 -38.91 -2.47
N TYR B 350 -26.40 -40.21 -2.66
CA TYR B 350 -27.73 -40.79 -2.55
C TYR B 350 -28.26 -40.67 -1.13
N LEU B 351 -27.39 -40.90 -0.13
CA LEU B 351 -27.82 -40.74 1.25
C LEU B 351 -28.19 -39.31 1.56
N LEU B 352 -27.42 -38.35 1.04
CA LEU B 352 -27.75 -36.93 1.25
C LEU B 352 -29.07 -36.57 0.58
N VAL B 353 -29.32 -37.11 -0.62
CA VAL B 353 -30.59 -36.86 -1.29
C VAL B 353 -31.74 -37.42 -0.48
N LYS B 354 -31.58 -38.63 0.05
CA LYS B 354 -32.62 -39.24 0.87
C LYS B 354 -32.88 -38.40 2.12
N TRP B 355 -31.82 -37.93 2.77
CA TRP B 355 -31.99 -37.10 3.96
C TRP B 355 -32.64 -35.76 3.62
N TYR B 356 -32.29 -35.18 2.49
CA TYR B 356 -32.90 -33.92 2.07
C TYR B 356 -34.39 -34.10 1.81
N LYS B 357 -34.77 -35.20 1.17
CA LYS B 357 -36.18 -35.49 0.97
C LYS B 357 -36.88 -35.76 2.30
N LYS B 358 -36.21 -36.42 3.23
CA LYS B 358 -36.80 -36.72 4.52
C LYS B 358 -37.01 -35.46 5.36
N TYR B 359 -36.09 -34.50 5.28
CA TYR B 359 -36.08 -33.35 6.18
C TYR B 359 -36.45 -32.06 5.46
N HIS B 360 -35.71 -31.70 4.41
CA HIS B 360 -35.77 -30.36 3.84
C HIS B 360 -36.78 -30.23 2.71
N VAL B 361 -37.43 -31.31 2.33
CA VAL B 361 -38.50 -31.26 1.32
C VAL B 361 -39.82 -31.00 2.05
N PRO B 362 -40.57 -29.97 1.66
CA PRO B 362 -40.31 -29.02 0.57
C PRO B 362 -39.60 -27.75 1.03
N ILE B 363 -39.42 -27.54 2.33
CA ILE B 363 -38.89 -26.28 2.86
C ILE B 363 -37.69 -26.58 3.74
N MET B 364 -36.65 -25.77 3.60
CA MET B 364 -35.46 -25.90 4.45
C MET B 364 -35.81 -25.62 5.90
N LYS B 365 -35.20 -26.38 6.80
CA LYS B 365 -35.37 -26.21 8.24
C LYS B 365 -34.01 -26.24 8.92
N LEU B 366 -33.72 -25.18 9.67
CA LEU B 366 -32.44 -25.03 10.39
C LEU B 366 -32.76 -24.51 11.79
N TYR B 367 -32.92 -25.43 12.73
CA TYR B 367 -33.28 -25.04 14.09
C TYR B 367 -32.04 -25.04 14.97
N PRO B 368 -31.94 -24.11 15.93
CA PRO B 368 -30.74 -24.01 16.75
C PRO B 368 -30.76 -24.97 17.94
N THR B 369 -29.58 -25.46 18.28
CA THR B 369 -29.37 -26.27 19.49
C THR B 369 -28.16 -25.71 20.23
N PRO B 370 -28.33 -24.61 20.96
CA PRO B 370 -27.19 -24.01 21.67
C PRO B 370 -26.96 -24.57 23.06
N GLU B 371 -27.81 -25.48 23.52
CA GLU B 371 -27.75 -25.99 24.89
C GLU B 371 -26.62 -26.99 25.11
N GLU B 372 -25.73 -27.14 24.13
CA GLU B 372 -24.62 -28.08 24.24
C GLU B 372 -23.30 -27.31 24.38
N ILE B 373 -23.37 -26.15 25.00
CA ILE B 373 -22.20 -25.29 25.20
C ILE B 373 -22.28 -24.70 26.60
N PRO B 374 -21.19 -24.76 27.40
CA PRO B 374 -21.28 -24.33 28.80
C PRO B 374 -21.72 -22.88 28.98
N ASP B 375 -21.06 -21.95 28.30
CA ASP B 375 -21.46 -20.55 28.36
C ASP B 375 -22.86 -20.35 27.78
N PHE B 376 -23.15 -21.01 26.67
CA PHE B 376 -24.49 -20.92 26.09
C PHE B 376 -25.54 -21.50 27.03
N ALA B 377 -25.23 -22.63 27.69
CA ALA B 377 -26.16 -23.20 28.66
C ALA B 377 -26.37 -22.26 29.83
N PHE B 378 -25.29 -21.61 30.30
CA PHE B 378 -25.42 -20.64 31.38
C PHE B 378 -26.33 -19.49 30.98
N TYR B 379 -26.13 -18.96 29.77
CA TYR B 379 -26.96 -17.85 29.31
C TYR B 379 -28.41 -18.27 29.10
N LEU B 380 -28.63 -19.50 28.62
CA LEU B 380 -29.99 -20.00 28.47
C LEU B 380 -30.68 -20.13 29.81
N LYS B 381 -29.98 -20.68 30.80
CA LYS B 381 -30.56 -20.77 32.14
C LYS B 381 -30.82 -19.40 32.74
N ILE B 382 -29.91 -18.44 32.51
CA ILE B 382 -30.14 -17.07 32.94
C ILE B 382 -31.41 -16.52 32.32
N GLY B 383 -31.54 -16.64 31.00
CA GLY B 383 -32.71 -16.12 30.32
C GLY B 383 -34.00 -16.78 30.79
N THR B 384 -33.95 -18.06 31.12
CA THR B 384 -35.12 -18.73 31.67
C THR B 384 -35.40 -18.26 33.09
N LEU B 385 -34.37 -17.80 33.80
CA LEU B 385 -34.52 -17.38 35.19
C LEU B 385 -34.43 -15.87 35.38
N LEU B 386 -33.97 -15.12 34.39
CA LEU B 386 -33.72 -13.68 34.52
C LEU B 386 -34.44 -12.91 33.43
N VAL B 387 -35.75 -13.16 33.30
CA VAL B 387 -36.55 -12.41 32.34
C VAL B 387 -36.44 -10.92 32.65
N SER B 388 -36.26 -10.12 31.59
CA SER B 388 -35.97 -8.71 31.77
C SER B 388 -37.16 -7.97 32.36
N SER B 389 -36.86 -6.98 33.19
CA SER B 389 -37.91 -6.14 33.79
C SER B 389 -38.55 -5.26 32.73
N SER B 390 -39.82 -4.93 32.96
CA SER B 390 -40.58 -4.14 32.01
C SER B 390 -41.72 -3.44 32.75
N VAL B 391 -42.44 -2.58 32.02
CA VAL B 391 -43.61 -1.92 32.58
C VAL B 391 -44.69 -2.94 32.90
N LYS B 392 -44.81 -3.99 32.08
CA LYS B 392 -45.74 -5.07 32.38
C LYS B 392 -45.42 -5.76 33.70
N HIS B 393 -44.17 -5.71 34.15
CA HIS B 393 -43.76 -6.29 35.42
C HIS B 393 -43.84 -5.29 36.56
N ILE B 394 -44.16 -4.03 36.29
CA ILE B 394 -44.34 -3.05 37.37
C ILE B 394 -45.43 -3.43 38.35
N PRO B 395 -46.62 -3.90 37.91
CA PRO B 395 -47.65 -4.29 38.89
C PRO B 395 -47.21 -5.39 39.83
N LEU B 396 -46.14 -6.13 39.53
CA LEU B 396 -45.60 -7.12 40.44
C LEU B 396 -44.82 -6.50 41.59
N MET B 397 -44.59 -5.19 41.56
CA MET B 397 -43.82 -4.54 42.62
C MET B 397 -44.47 -4.69 43.99
N THR B 398 -45.80 -4.86 44.03
CA THR B 398 -46.49 -5.03 45.30
C THR B 398 -45.95 -6.26 46.05
N ASP B 399 -45.71 -7.35 45.33
CA ASP B 399 -45.13 -8.54 45.93
C ASP B 399 -43.61 -8.55 45.90
N LEU B 400 -42.99 -7.80 44.98
CA LEU B 400 -41.54 -7.81 44.84
C LEU B 400 -40.82 -6.82 45.76
N SER B 401 -41.55 -5.89 46.39
CA SER B 401 -40.90 -4.94 47.29
C SER B 401 -40.32 -5.62 48.52
N LYS B 402 -41.04 -6.60 49.07
CA LYS B 402 -40.58 -7.34 50.24
C LYS B 402 -39.51 -8.37 49.93
N LYS B 403 -39.23 -8.61 48.65
CA LYS B 403 -38.24 -9.60 48.24
C LYS B 403 -36.94 -8.96 47.77
N GLY B 404 -36.75 -7.68 48.08
CA GLY B 404 -35.53 -6.98 47.72
C GLY B 404 -35.58 -6.24 46.40
N TYR B 405 -36.61 -6.47 45.57
CA TYR B 405 -36.74 -5.78 44.30
C TYR B 405 -37.28 -4.38 44.54
N ILE B 406 -36.47 -3.37 44.21
CA ILE B 406 -36.84 -1.98 44.40
C ILE B 406 -37.14 -1.36 43.04
N LEU B 407 -38.25 -0.63 42.95
CA LEU B 407 -38.65 0.01 41.70
C LEU B 407 -37.79 1.24 41.48
N TYR B 408 -36.96 1.19 40.44
CA TYR B 408 -36.04 2.28 40.12
C TYR B 408 -36.29 2.70 38.68
N ASP B 409 -36.79 3.93 38.49
CA ASP B 409 -37.09 4.48 37.17
C ASP B 409 -38.05 3.57 36.41
N ASN B 410 -39.14 3.19 37.07
CA ASN B 410 -40.17 2.32 36.50
C ASN B 410 -39.59 0.98 36.03
N VAL B 411 -38.54 0.51 36.70
CA VAL B 411 -37.90 -0.76 36.39
C VAL B 411 -37.74 -1.54 37.69
N VAL B 412 -38.14 -2.81 37.67
CA VAL B 412 -37.97 -3.68 38.83
C VAL B 412 -36.48 -4.04 38.90
N THR B 413 -35.80 -3.54 39.92
CA THR B 413 -34.35 -3.67 40.06
C THR B 413 -34.01 -4.49 41.28
N LEU B 414 -33.12 -5.47 41.11
CA LEU B 414 -32.63 -6.30 42.21
C LEU B 414 -31.21 -5.90 42.55
N PRO B 415 -30.88 -5.72 43.83
CA PRO B 415 -29.52 -5.30 44.19
C PRO B 415 -28.48 -6.30 43.72
N LEU B 416 -27.28 -5.79 43.41
CA LEU B 416 -26.22 -6.64 42.93
C LEU B 416 -25.82 -7.67 43.98
N THR B 417 -25.80 -7.28 45.25
CA THR B 417 -25.48 -8.23 46.31
C THR B 417 -26.50 -9.37 46.35
N THR B 418 -27.79 -9.04 46.30
CA THR B 418 -28.82 -10.06 46.30
C THR B 418 -28.74 -10.93 45.05
N PHE B 419 -28.47 -10.31 43.90
CA PHE B 419 -28.35 -11.07 42.66
C PHE B 419 -27.20 -12.05 42.73
N GLN B 420 -26.05 -11.63 43.25
CA GLN B 420 -24.91 -12.52 43.38
C GLN B 420 -25.17 -13.63 44.40
N GLN B 421 -25.88 -13.30 45.49
CA GLN B 421 -26.21 -14.32 46.47
C GLN B 421 -27.14 -15.38 45.89
N LYS B 422 -28.15 -14.95 45.13
CA LYS B 422 -29.11 -15.89 44.59
C LYS B 422 -28.65 -16.58 43.31
N ILE B 423 -27.62 -16.05 42.64
CA ILE B 423 -27.09 -16.72 41.46
C ILE B 423 -26.21 -17.91 41.84
N SER B 424 -25.75 -17.96 43.09
CA SER B 424 -25.00 -19.12 43.57
C SER B 424 -25.90 -20.31 43.86
N LYS B 425 -27.21 -20.08 44.00
CA LYS B 425 -28.13 -21.19 44.26
C LYS B 425 -28.35 -22.03 43.00
N TYR B 426 -28.52 -21.37 41.85
CA TYR B 426 -28.77 -22.07 40.60
C TYR B 426 -27.49 -22.40 39.84
N PHE B 427 -26.49 -21.54 39.90
CA PHE B 427 -25.21 -21.74 39.24
C PHE B 427 -24.12 -21.85 40.29
N ASN B 428 -23.08 -22.62 39.98
CA ASN B 428 -21.90 -22.66 40.83
C ASN B 428 -21.21 -21.30 40.75
N SER B 429 -21.20 -20.56 41.87
CA SER B 429 -20.61 -19.22 41.87
C SER B 429 -19.12 -19.26 41.58
N ARG B 430 -18.48 -20.42 41.72
CA ARG B 430 -17.05 -20.56 41.44
C ARG B 430 -16.80 -21.08 40.03
N LEU B 431 -17.51 -22.13 39.61
CA LEU B 431 -17.35 -22.64 38.26
C LEU B 431 -17.75 -21.58 37.23
N PHE B 432 -18.88 -20.92 37.45
CA PHE B 432 -19.35 -19.84 36.58
C PHE B 432 -18.85 -18.48 37.05
N GLY B 433 -17.85 -18.45 37.93
CA GLY B 433 -17.42 -17.18 38.50
C GLY B 433 -16.96 -16.19 37.45
N HIS B 434 -16.12 -16.63 36.53
CA HIS B 434 -15.78 -15.78 35.39
C HIS B 434 -17.00 -15.48 34.54
N ASP B 435 -17.83 -16.49 34.28
CA ASP B 435 -19.04 -16.29 33.48
C ASP B 435 -20.02 -15.35 34.18
N ILE B 436 -20.24 -15.55 35.48
CA ILE B 436 -21.15 -14.69 36.23
C ILE B 436 -20.64 -13.27 36.25
N GLU B 437 -19.33 -13.09 36.49
CA GLU B 437 -18.76 -11.74 36.52
C GLU B 437 -18.88 -11.06 35.16
N SER B 438 -18.60 -11.80 34.08
CA SER B 438 -18.72 -11.22 32.75
C SER B 438 -20.15 -10.83 32.44
N PHE B 439 -21.11 -11.70 32.79
CA PHE B 439 -22.52 -11.39 32.57
C PHE B 439 -22.95 -10.16 33.35
N ILE B 440 -22.51 -10.07 34.61
CA ILE B 440 -22.85 -8.89 35.43
C ILE B 440 -22.27 -7.63 34.81
N ASN B 441 -20.97 -7.65 34.49
CA ASN B 441 -20.33 -6.47 33.91
C ASN B 441 -20.97 -6.08 32.59
N ARG B 442 -21.47 -7.05 31.83
CA ARG B 442 -22.15 -6.76 30.57
C ARG B 442 -23.58 -6.30 30.79
N HIS B 443 -24.18 -6.57 31.95
CA HIS B 443 -25.58 -6.29 32.16
C HIS B 443 -25.92 -5.59 33.47
N LYS B 444 -24.93 -5.13 34.23
CA LYS B 444 -25.23 -4.43 35.48
C LYS B 444 -25.47 -2.95 35.21
N LYS B 445 -26.32 -2.35 36.05
CA LYS B 445 -26.55 -0.91 36.03
C LYS B 445 -26.56 -0.41 37.46
N PHE B 446 -26.12 0.83 37.64
CA PHE B 446 -25.98 1.44 38.96
C PHE B 446 -27.17 2.35 39.23
N ALA B 447 -27.78 2.19 40.40
CA ALA B 447 -28.87 3.10 40.77
C ALA B 447 -28.33 4.49 41.03
N ASN B 448 -27.48 4.65 42.06
CA ASN B 448 -26.71 5.88 42.20
C ASN B 448 -25.21 5.61 42.12
N VAL B 449 -24.63 4.84 43.05
CA VAL B 449 -23.25 4.37 42.90
C VAL B 449 -23.15 2.90 43.30
N SER B 450 -24.03 2.47 44.21
CA SER B 450 -23.80 1.21 44.90
C SER B 450 -24.98 0.25 44.84
N ASP B 451 -26.19 0.75 44.66
CA ASP B 451 -27.36 -0.10 44.51
C ASP B 451 -27.39 -0.66 43.08
N GLU B 452 -26.29 -1.31 42.72
CA GLU B 452 -26.13 -1.86 41.39
C GLU B 452 -27.18 -2.93 41.12
N TYR B 453 -27.76 -2.89 39.93
CA TYR B 453 -28.84 -3.79 39.58
C TYR B 453 -28.68 -4.26 38.14
N LEU B 454 -29.28 -5.41 37.86
CA LEU B 454 -29.43 -5.93 36.51
C LEU B 454 -30.92 -6.00 36.21
N GLN B 455 -31.31 -5.43 35.08
CA GLN B 455 -32.74 -5.28 34.74
C GLN B 455 -33.34 -6.63 34.33
N TYR B 456 -33.33 -7.56 35.28
CA TYR B 456 -33.87 -8.90 35.08
C TYR B 456 -34.57 -9.33 36.36
N ILE B 457 -35.60 -10.16 36.22
CA ILE B 457 -36.43 -10.58 37.33
C ILE B 457 -36.45 -12.10 37.40
N PHE B 458 -36.32 -12.63 38.62
CA PHE B 458 -36.52 -14.05 38.84
C PHE B 458 -37.99 -14.42 38.64
N ILE B 459 -38.22 -15.62 38.11
CA ILE B 459 -39.57 -16.15 38.00
C ILE B 459 -40.02 -16.81 39.29
N GLU B 460 -39.08 -17.19 40.18
CA GLU B 460 -39.45 -17.72 41.48
C GLU B 460 -40.21 -16.71 42.33
N ASP B 461 -40.11 -15.41 42.01
CA ASP B 461 -40.78 -14.37 42.75
C ASP B 461 -41.92 -13.70 41.98
N ILE B 462 -41.99 -13.89 40.67
CA ILE B 462 -43.06 -13.32 39.87
C ILE B 462 -44.39 -14.00 40.21
N ALA C 1 -12.69 9.79 -46.26
CA ALA C 1 -12.33 8.40 -46.41
C ALA C 1 -13.17 7.51 -45.50
N MET C 2 -14.10 8.13 -44.77
CA MET C 2 -14.98 7.43 -43.85
C MET C 2 -16.40 7.91 -44.08
N GLY C 3 -17.32 7.48 -43.22
CA GLY C 3 -18.72 7.81 -43.37
C GLY C 3 -19.09 9.15 -42.73
N ASN C 4 -19.45 10.12 -43.58
CA ASN C 4 -19.92 11.41 -43.07
C ASN C 4 -21.22 11.26 -42.30
N LYS C 5 -22.07 10.32 -42.70
CA LYS C 5 -23.35 10.12 -42.04
C LYS C 5 -23.20 9.65 -40.61
N LEU C 6 -22.05 9.05 -40.26
CA LEU C 6 -21.86 8.56 -38.90
C LEU C 6 -21.88 9.70 -37.90
N PHE C 7 -21.23 10.81 -38.23
CA PHE C 7 -21.28 11.98 -37.34
C PHE C 7 -22.70 12.53 -37.25
N ASN C 8 -23.46 12.48 -38.34
CA ASN C 8 -24.85 12.92 -38.29
C ASN C 8 -25.66 12.04 -37.36
N ILE C 9 -25.42 10.74 -37.39
CA ILE C 9 -26.10 9.82 -36.48
C ILE C 9 -25.72 10.13 -35.03
N ALA C 10 -24.43 10.39 -34.80
CA ALA C 10 -23.99 10.75 -33.44
C ALA C 10 -24.67 12.04 -32.97
N GLN C 11 -24.77 13.02 -33.85
CA GLN C 11 -25.43 14.27 -33.51
C GLN C 11 -26.89 14.04 -33.18
N ARG C 12 -27.59 13.22 -33.99
CA ARG C 12 -28.98 12.91 -33.71
C ARG C 12 -29.14 12.18 -32.38
N ILE C 13 -28.23 11.26 -32.07
CA ILE C 13 -28.28 10.54 -30.80
C ILE C 13 -28.11 11.52 -29.64
N LEU C 14 -27.14 12.42 -29.75
CA LEU C 14 -26.91 13.39 -28.69
C LEU C 14 -28.01 14.43 -28.59
N ASP C 15 -28.80 14.60 -29.65
CA ASP C 15 -30.00 15.44 -29.54
C ASP C 15 -30.97 14.85 -28.54
N THR C 16 -31.12 13.52 -28.55
CA THR C 16 -31.97 12.84 -27.57
C THR C 16 -31.42 12.94 -26.16
N ASN C 17 -30.14 13.26 -26.00
CA ASN C 17 -29.49 13.34 -24.68
C ASN C 17 -29.61 12.02 -23.93
N SER C 18 -29.54 10.91 -24.66
CA SER C 18 -29.61 9.59 -24.06
C SER C 18 -28.33 9.19 -23.34
N VAL C 19 -27.22 9.88 -23.61
CA VAL C 19 -25.94 9.61 -22.95
C VAL C 19 -25.40 10.92 -22.43
N LEU C 20 -24.97 10.92 -21.17
CA LEU C 20 -24.49 12.12 -20.51
C LEU C 20 -23.13 11.85 -19.86
N LEU C 21 -22.30 12.88 -19.84
CA LEU C 21 -20.99 12.81 -19.22
C LEU C 21 -21.10 13.27 -17.77
N THR C 22 -20.83 12.37 -16.83
CA THR C 22 -21.00 12.68 -15.43
C THR C 22 -19.91 13.65 -14.96
N GLU C 23 -20.16 14.24 -13.80
CA GLU C 23 -19.17 15.13 -13.19
C GLU C 23 -17.88 14.39 -12.87
N ARG C 24 -17.95 13.09 -12.62
CA ARG C 24 -16.78 12.28 -12.34
C ARG C 24 -16.08 11.82 -13.63
N GLY C 25 -16.41 12.41 -14.77
CA GLY C 25 -15.79 11.99 -16.01
C GLY C 25 -16.24 10.63 -16.52
N ASP C 26 -17.42 10.18 -16.11
CA ASP C 26 -17.95 8.89 -16.52
C ASP C 26 -19.11 9.09 -17.48
N TYR C 27 -19.45 8.02 -18.19
CA TYR C 27 -20.53 8.03 -19.17
C TYR C 27 -21.69 7.20 -18.66
N ILE C 28 -22.90 7.71 -18.86
CA ILE C 28 -24.13 7.00 -18.52
C ILE C 28 -24.99 6.88 -19.76
N VAL C 29 -25.87 5.87 -19.76
CA VAL C 29 -26.76 5.63 -20.88
C VAL C 29 -28.18 5.49 -20.35
N TRP C 30 -29.14 5.82 -21.20
CA TRP C 30 -30.57 5.75 -20.86
C TRP C 30 -31.17 4.58 -21.64
N ILE C 31 -31.15 3.40 -21.04
CA ILE C 31 -31.63 2.18 -21.67
C ILE C 31 -32.67 1.53 -20.78
N ASN C 32 -33.76 1.07 -21.39
CA ASN C 32 -34.83 0.36 -20.68
C ASN C 32 -35.37 1.17 -19.51
N ASN C 33 -35.58 2.46 -19.74
CA ASN C 33 -36.11 3.38 -18.73
C ASN C 33 -35.23 3.36 -17.47
N SER C 34 -33.92 3.41 -17.68
CA SER C 34 -32.97 3.38 -16.58
C SER C 34 -31.67 4.00 -17.03
N TRP C 35 -31.06 4.79 -16.14
CA TRP C 35 -29.77 5.41 -16.41
C TRP C 35 -28.66 4.42 -16.04
N LYS C 36 -28.44 3.47 -16.94
CA LYS C 36 -27.40 2.48 -16.74
C LYS C 36 -26.02 3.13 -16.87
N PHE C 37 -25.07 2.60 -16.10
CA PHE C 37 -23.74 3.16 -16.04
C PHE C 37 -22.74 2.06 -15.69
N ASN C 38 -21.57 2.11 -16.33
CA ASN C 38 -20.50 1.15 -16.04
C ASN C 38 -19.18 1.76 -16.48
N SER C 39 -18.29 2.01 -15.51
CA SER C 39 -16.98 2.55 -15.85
C SER C 39 -16.11 1.49 -16.53
N GLU C 40 -16.23 0.24 -16.12
CA GLU C 40 -15.39 -0.82 -16.67
C GLU C 40 -15.65 -1.01 -18.16
N GLU C 41 -16.91 -1.02 -18.56
CA GLU C 41 -17.30 -1.20 -19.95
C GLU C 41 -18.15 -0.03 -20.40
N PRO C 42 -17.73 0.73 -21.42
CA PRO C 42 -18.57 1.84 -21.92
C PRO C 42 -19.84 1.29 -22.57
N LEU C 43 -20.99 1.69 -22.03
CA LEU C 43 -22.28 1.22 -22.52
C LEU C 43 -22.77 2.04 -23.70
N ILE C 44 -21.93 2.90 -24.28
CA ILE C 44 -22.34 3.76 -25.38
C ILE C 44 -22.74 2.90 -26.59
N THR C 45 -21.95 1.88 -26.89
CA THR C 45 -22.28 1.01 -28.01
C THR C 45 -23.61 0.30 -27.79
N LYS C 46 -23.85 -0.16 -26.56
CA LYS C 46 -25.13 -0.78 -26.23
C LYS C 46 -26.26 0.22 -26.37
N LEU C 47 -26.04 1.47 -25.98
CA LEU C 47 -27.07 2.50 -26.16
C LEU C 47 -27.37 2.72 -27.64
N ILE C 48 -26.32 2.74 -28.47
CA ILE C 48 -26.51 2.91 -29.91
C ILE C 48 -27.34 1.77 -30.46
N LEU C 49 -27.02 0.54 -30.05
CA LEU C 49 -27.81 -0.61 -30.49
C LEU C 49 -29.26 -0.50 -29.99
N SER C 50 -29.46 0.02 -28.79
CA SER C 50 -30.80 0.14 -28.24
C SER C 50 -31.64 1.14 -29.03
N ILE C 51 -31.04 2.28 -29.39
CA ILE C 51 -31.79 3.37 -30.00
C ILE C 51 -31.64 3.40 -31.52
N ARG C 52 -31.07 2.36 -32.11
CA ARG C 52 -30.99 2.31 -33.57
C ARG C 52 -32.37 2.25 -34.19
N HIS C 53 -33.33 1.61 -33.52
CA HIS C 53 -34.69 1.50 -34.04
C HIS C 53 -35.42 2.84 -34.01
N GLN C 54 -34.96 3.79 -33.18
CA GLN C 54 -35.54 5.12 -33.12
C GLN C 54 -34.95 6.06 -34.16
N LEU C 55 -34.34 5.52 -35.20
CA LEU C 55 -33.64 6.27 -36.22
C LEU C 55 -34.11 5.81 -37.59
N PRO C 56 -33.94 6.65 -38.62
CA PRO C 56 -34.33 6.22 -39.97
C PRO C 56 -33.56 4.99 -40.41
N LYS C 57 -34.21 4.20 -41.28
CA LYS C 57 -33.63 2.95 -41.75
C LYS C 57 -32.28 3.17 -42.40
N GLU C 58 -32.07 4.33 -43.02
CA GLU C 58 -30.76 4.66 -43.58
C GLU C 58 -29.68 4.72 -42.52
N TYR C 59 -30.05 4.98 -41.26
CA TYR C 59 -29.09 5.05 -40.16
C TYR C 59 -29.03 3.78 -39.35
N SER C 60 -30.16 3.10 -39.15
CA SER C 60 -30.15 1.85 -38.39
C SER C 60 -29.31 0.80 -39.08
N SER C 61 -29.39 0.74 -40.42
CA SER C 61 -28.57 -0.21 -41.16
C SER C 61 -27.08 0.09 -40.99
N GLU C 62 -26.72 1.38 -41.00
CA GLU C 62 -25.32 1.75 -40.80
C GLU C 62 -24.85 1.39 -39.40
N LEU C 63 -25.72 1.55 -38.40
CA LEU C 63 -25.36 1.24 -37.04
C LEU C 63 -25.10 -0.25 -36.80
N LEU C 64 -25.50 -1.11 -37.74
CA LEU C 64 -25.27 -2.53 -37.58
C LEU C 64 -23.79 -2.88 -37.63
N CYS C 65 -22.97 -2.05 -38.28
CA CYS C 65 -21.54 -2.31 -38.36
C CYS C 65 -20.89 -1.99 -37.02
N PRO C 66 -20.21 -2.95 -36.38
CA PRO C 66 -19.53 -2.63 -35.12
C PRO C 66 -18.45 -1.57 -35.27
N ARG C 67 -17.75 -1.54 -36.40
CA ARG C 67 -16.74 -0.51 -36.61
C ARG C 67 -17.38 0.87 -36.69
N LYS C 68 -18.45 1.00 -37.48
CA LYS C 68 -19.16 2.27 -37.57
C LYS C 68 -19.79 2.62 -36.23
N ARG C 69 -20.28 1.62 -35.50
CA ARG C 69 -20.88 1.88 -34.20
C ARG C 69 -19.84 2.42 -33.21
N LYS C 70 -18.64 1.84 -33.21
CA LYS C 70 -17.57 2.35 -32.37
C LYS C 70 -17.14 3.75 -32.81
N THR C 71 -17.14 4.01 -34.12
CA THR C 71 -16.86 5.35 -34.61
C THR C 71 -17.87 6.36 -34.08
N VAL C 72 -19.15 6.00 -34.12
CA VAL C 72 -20.19 6.90 -33.60
C VAL C 72 -20.03 7.07 -32.09
N GLU C 73 -19.64 5.99 -31.39
CA GLU C 73 -19.38 6.11 -29.96
C GLU C 73 -18.25 7.08 -29.66
N ALA C 74 -17.18 7.01 -30.44
CA ALA C 74 -16.07 7.94 -30.26
C ALA C 74 -16.50 9.37 -30.58
N ASN C 75 -17.33 9.55 -31.61
CA ASN C 75 -17.86 10.86 -31.93
C ASN C 75 -18.68 11.41 -30.77
N ILE C 76 -19.52 10.56 -30.17
CA ILE C 76 -20.32 10.98 -29.02
C ILE C 76 -19.42 11.37 -27.86
N ARG C 77 -18.37 10.57 -27.61
CA ARG C 77 -17.43 10.89 -26.55
C ARG C 77 -16.79 12.25 -26.78
N ASP C 78 -16.38 12.52 -28.02
CA ASP C 78 -15.72 13.80 -28.31
C ASP C 78 -16.70 14.97 -28.18
N MET C 79 -17.93 14.81 -28.68
CA MET C 79 -18.91 15.88 -28.58
C MET C 79 -19.28 16.16 -27.13
N LEU C 80 -19.44 15.11 -26.32
CA LEU C 80 -19.76 15.28 -24.91
C LEU C 80 -18.54 15.84 -24.19
N VAL C 81 -18.59 17.13 -23.87
CA VAL C 81 -17.50 17.82 -23.20
C VAL C 81 -17.91 18.28 -21.81
N ASP C 82 -19.09 18.90 -21.69
CA ASP C 82 -19.57 19.37 -20.41
C ASP C 82 -19.88 18.19 -19.49
N SER C 83 -19.10 18.07 -18.41
CA SER C 83 -19.29 17.00 -17.44
C SER C 83 -20.48 17.36 -16.57
N VAL C 84 -21.68 17.14 -17.11
CA VAL C 84 -22.90 17.49 -16.40
C VAL C 84 -23.11 16.54 -15.23
N GLU C 85 -23.34 17.11 -14.05
CA GLU C 85 -23.56 16.30 -12.85
C GLU C 85 -25.00 15.81 -12.82
N THR C 86 -25.24 14.80 -11.98
CA THR C 86 -26.53 14.14 -11.89
C THR C 86 -26.90 13.94 -10.42
N ASP C 87 -28.09 13.35 -10.22
CA ASP C 87 -28.59 13.00 -8.89
C ASP C 87 -28.65 14.22 -7.97
N THR C 88 -29.39 15.23 -8.41
CA THR C 88 -29.54 16.47 -7.65
C THR C 88 -30.76 16.42 -6.73
N TYR C 89 -31.91 16.06 -7.28
CA TYR C 89 -33.15 16.05 -6.53
C TYR C 89 -33.07 15.00 -5.41
N PRO C 90 -33.53 15.33 -4.21
CA PRO C 90 -33.63 14.31 -3.15
C PRO C 90 -35.02 13.69 -3.04
N ASP C 91 -35.98 14.18 -3.81
CA ASP C 91 -37.37 13.79 -3.67
C ASP C 91 -37.82 12.79 -4.73
N LYS C 92 -36.90 12.25 -5.52
CA LYS C 92 -37.24 11.34 -6.60
C LYS C 92 -36.69 9.95 -6.29
N LEU C 93 -37.53 8.93 -6.42
CA LEU C 93 -37.14 7.56 -6.12
C LEU C 93 -37.02 6.76 -7.41
N PRO C 94 -35.81 6.42 -7.85
CA PRO C 94 -35.65 5.67 -9.09
C PRO C 94 -36.04 4.20 -8.93
N PHE C 95 -36.45 3.62 -10.05
CA PHE C 95 -36.80 2.21 -10.14
C PHE C 95 -36.21 1.62 -11.41
N LYS C 96 -36.38 0.31 -11.60
CA LYS C 96 -36.00 -0.32 -12.86
C LYS C 96 -36.98 -0.03 -13.97
N ASN C 97 -38.14 0.56 -13.67
CA ASN C 97 -39.11 0.96 -14.67
C ASN C 97 -39.24 2.47 -14.78
N GLY C 98 -38.45 3.23 -14.03
CA GLY C 98 -38.55 4.68 -14.06
C GLY C 98 -38.31 5.32 -12.72
N VAL C 99 -38.95 6.47 -12.47
CA VAL C 99 -38.73 7.27 -11.27
C VAL C 99 -40.07 7.51 -10.59
N LEU C 100 -40.11 7.31 -9.28
CA LEU C 100 -41.28 7.59 -8.48
C LEU C 100 -41.04 8.85 -7.66
N ASP C 101 -41.95 9.80 -7.74
CA ASP C 101 -41.83 11.03 -6.98
C ASP C 101 -42.35 10.83 -5.56
N LEU C 102 -41.61 11.38 -4.60
CA LEU C 102 -42.02 11.33 -3.20
C LEU C 102 -42.99 12.44 -2.83
N VAL C 103 -43.17 13.44 -3.68
CA VAL C 103 -44.05 14.56 -3.35
C VAL C 103 -45.50 14.19 -3.60
N ASP C 104 -45.84 13.89 -4.85
CA ASP C 104 -47.21 13.55 -5.21
C ASP C 104 -47.47 12.04 -5.25
N GLY C 105 -46.43 11.23 -5.06
CA GLY C 105 -46.60 9.79 -5.15
C GLY C 105 -46.78 9.26 -6.56
N MET C 106 -46.52 10.06 -7.57
CA MET C 106 -46.69 9.64 -8.96
C MET C 106 -45.39 9.06 -9.50
N PHE C 107 -45.50 7.91 -10.15
CA PHE C 107 -44.36 7.22 -10.73
C PHE C 107 -44.24 7.56 -12.20
N TYR C 108 -43.02 7.91 -12.63
CA TYR C 108 -42.76 8.29 -14.01
C TYR C 108 -41.96 7.19 -14.70
N SER C 109 -42.07 7.15 -16.03
CA SER C 109 -41.40 6.13 -16.81
C SER C 109 -41.11 6.68 -18.20
N GLY C 110 -40.17 6.03 -18.89
CA GLY C 110 -39.81 6.47 -20.22
C GLY C 110 -39.17 7.84 -20.21
N ASP C 111 -39.53 8.66 -21.20
CA ASP C 111 -38.97 9.99 -21.30
C ASP C 111 -39.31 10.85 -20.08
N ASP C 112 -40.44 10.56 -19.42
CA ASP C 112 -40.74 11.24 -18.17
C ASP C 112 -39.69 10.95 -17.12
N ALA C 113 -39.27 9.68 -17.01
CA ALA C 113 -38.17 9.33 -16.12
C ALA C 113 -36.82 9.76 -16.67
N LYS C 114 -36.68 9.90 -17.99
CA LYS C 114 -35.42 10.35 -18.58
C LYS C 114 -35.08 11.77 -18.16
N LYS C 115 -36.10 12.60 -17.90
CA LYS C 115 -35.86 13.94 -17.39
C LYS C 115 -35.07 13.91 -16.09
N TYR C 116 -35.17 12.82 -15.34
CA TYR C 116 -34.42 12.63 -14.12
C TYR C 116 -33.21 11.74 -14.40
N THR C 117 -32.06 12.15 -13.91
CA THR C 117 -30.80 11.44 -14.13
C THR C 117 -30.38 10.78 -12.82
N CYS C 118 -30.76 9.51 -12.66
CA CYS C 118 -30.48 8.75 -11.44
C CYS C 118 -29.46 7.67 -11.77
N THR C 119 -28.26 7.80 -11.24
CA THR C 119 -27.23 6.79 -11.45
C THR C 119 -27.58 5.46 -10.82
N VAL C 120 -28.20 5.47 -9.65
CA VAL C 120 -28.57 4.24 -8.96
C VAL C 120 -30.09 4.09 -9.02
N SER C 121 -30.58 2.94 -8.56
CA SER C 121 -32.01 2.67 -8.55
C SER C 121 -32.31 1.68 -7.44
N THR C 122 -33.61 1.45 -7.22
CA THR C 122 -34.03 0.53 -6.18
C THR C 122 -33.69 -0.92 -6.48
N GLY C 123 -33.28 -1.22 -7.71
CA GLY C 123 -32.90 -2.57 -8.07
C GLY C 123 -34.02 -3.50 -8.44
N PHE C 124 -35.25 -3.01 -8.60
CA PHE C 124 -36.35 -3.84 -9.04
C PHE C 124 -37.38 -2.97 -9.74
N LYS C 125 -38.23 -3.63 -10.54
CA LYS C 125 -39.25 -2.93 -11.29
C LYS C 125 -40.35 -2.41 -10.36
N PHE C 126 -40.88 -1.25 -10.70
CA PHE C 126 -41.98 -0.67 -9.94
C PHE C 126 -43.30 -1.34 -10.31
N ASP C 127 -44.14 -1.57 -9.31
CA ASP C 127 -45.46 -2.16 -9.52
C ASP C 127 -46.47 -1.36 -8.72
N ASP C 128 -47.29 -0.58 -9.42
CA ASP C 128 -48.31 0.22 -8.74
C ASP C 128 -49.41 -0.66 -8.17
N THR C 129 -49.68 -1.82 -8.79
CA THR C 129 -50.72 -2.71 -8.29
C THR C 129 -50.38 -3.18 -6.87
N LYS C 130 -49.13 -3.56 -6.64
CA LYS C 130 -48.69 -3.87 -5.28
C LYS C 130 -48.48 -2.63 -4.44
N PHE C 131 -48.26 -1.47 -5.08
CA PHE C 131 -48.07 -0.21 -4.36
C PHE C 131 -49.45 0.39 -4.05
N VAL C 132 -50.14 -0.26 -3.11
CA VAL C 132 -51.47 0.15 -2.70
C VAL C 132 -51.54 0.10 -1.18
N GLU C 133 -52.53 0.80 -0.62
CA GLU C 133 -52.74 0.84 0.82
C GLU C 133 -53.79 -0.15 1.29
N ASP C 134 -54.84 -0.36 0.50
CA ASP C 134 -55.92 -1.27 0.88
C ASP C 134 -55.56 -2.69 0.46
N SER C 135 -54.55 -3.23 1.13
CA SER C 135 -54.06 -4.58 0.90
C SER C 135 -53.87 -5.28 2.24
N PRO C 136 -54.05 -6.61 2.27
CA PRO C 136 -53.77 -7.33 3.52
C PRO C 136 -52.33 -7.20 3.98
N GLU C 137 -51.39 -7.12 3.04
CA GLU C 137 -49.98 -6.96 3.41
C GLU C 137 -49.75 -5.64 4.12
N MET C 138 -50.42 -4.57 3.66
CA MET C 138 -50.28 -3.28 4.32
C MET C 138 -50.78 -3.34 5.75
N GLU C 139 -51.94 -3.95 5.97
CA GLU C 139 -52.48 -4.06 7.33
C GLU C 139 -51.58 -4.90 8.22
N GLU C 140 -51.08 -6.03 7.69
CA GLU C 140 -50.19 -6.88 8.47
C GLU C 140 -48.91 -6.13 8.84
N LEU C 141 -48.34 -5.39 7.89
CA LEU C 141 -47.12 -4.65 8.17
C LEU C 141 -47.37 -3.51 9.14
N MET C 142 -48.53 -2.86 9.07
CA MET C 142 -48.89 -1.85 10.06
C MET C 142 -48.96 -2.46 11.44
N ASN C 143 -49.57 -3.66 11.55
CA ASN C 143 -49.60 -4.35 12.84
C ASN C 143 -48.19 -4.67 13.32
N ILE C 144 -47.31 -5.10 12.41
CA ILE C 144 -45.94 -5.41 12.78
C ILE C 144 -45.23 -4.16 13.30
N ILE C 145 -45.40 -3.03 12.61
CA ILE C 145 -44.75 -1.80 13.03
C ILE C 145 -45.29 -1.35 14.39
N ASN C 146 -46.60 -1.44 14.59
CA ASN C 146 -47.17 -1.08 15.88
C ASN C 146 -46.63 -1.99 16.99
N ASP C 147 -46.41 -3.27 16.68
CA ASP C 147 -45.76 -4.16 17.64
C ASP C 147 -44.34 -3.70 17.94
N ILE C 148 -43.59 -3.33 16.91
CA ILE C 148 -42.21 -2.87 17.11
C ILE C 148 -42.20 -1.56 17.88
N GLN C 149 -43.00 -0.60 17.46
CA GLN C 149 -43.11 0.69 18.14
C GLN C 149 -44.58 0.93 18.47
N PRO C 150 -44.96 0.82 19.74
CA PRO C 150 -46.38 1.02 20.10
C PRO C 150 -46.84 2.44 19.81
N LEU C 151 -48.10 2.55 19.41
CA LEU C 151 -48.74 3.85 19.18
C LEU C 151 -49.25 4.45 20.48
N THR C 152 -48.37 4.54 21.47
CA THR C 152 -48.71 5.06 22.80
C THR C 152 -48.15 6.46 22.96
N ASP C 153 -48.87 7.27 23.75
CA ASP C 153 -48.45 8.66 23.96
C ASP C 153 -47.09 8.73 24.64
N GLU C 154 -46.77 7.76 25.49
CA GLU C 154 -45.43 7.71 26.08
C GLU C 154 -44.36 7.51 25.02
N ASN C 155 -44.63 6.64 24.04
CA ASN C 155 -43.73 6.39 22.93
C ASN C 155 -44.08 7.21 21.69
N LYS C 156 -45.04 8.14 21.82
CA LYS C 156 -45.49 8.91 20.67
C LYS C 156 -44.35 9.71 20.04
N LYS C 157 -43.54 10.36 20.87
CA LYS C 157 -42.38 11.07 20.34
C LYS C 157 -41.37 10.10 19.75
N ASN C 158 -41.10 9.00 20.45
CA ASN C 158 -40.16 8.01 19.93
C ASN C 158 -40.67 7.37 18.66
N ARG C 159 -41.96 7.01 18.62
CA ARG C 159 -42.55 6.43 17.41
C ARG C 159 -42.50 7.42 16.25
N GLU C 160 -42.81 8.69 16.53
CA GLU C 160 -42.79 9.70 15.47
C GLU C 160 -41.38 9.92 14.96
N LEU C 161 -40.39 9.94 15.84
CA LEU C 161 -39.00 10.06 15.41
C LEU C 161 -38.57 8.86 14.56
N TYR C 162 -38.99 7.66 14.96
CA TYR C 162 -38.70 6.47 14.18
C TYR C 162 -39.33 6.55 12.79
N GLU C 163 -40.58 7.01 12.72
CA GLU C 163 -41.25 7.17 11.43
C GLU C 163 -40.55 8.22 10.58
N LYS C 164 -40.12 9.33 11.19
CA LYS C 164 -39.40 10.36 10.46
C LYS C 164 -38.09 9.82 9.91
N THR C 165 -37.37 9.03 10.71
CA THR C 165 -36.13 8.43 10.23
C THR C 165 -36.38 7.48 9.06
N LEU C 166 -37.43 6.65 9.17
CA LEU C 166 -37.74 5.73 8.08
C LEU C 166 -38.13 6.48 6.82
N SER C 167 -38.88 7.58 6.96
CA SER C 167 -39.22 8.39 5.80
C SER C 167 -38.00 9.05 5.20
N SER C 168 -37.08 9.53 6.04
CA SER C 168 -35.84 10.14 5.55
C SER C 168 -34.89 9.13 4.95
N CYS C 169 -35.11 7.84 5.20
CA CYS C 169 -34.33 6.82 4.50
C CYS C 169 -34.48 6.92 2.99
N LEU C 170 -35.55 7.53 2.50
CA LEU C 170 -35.76 7.76 1.08
C LEU C 170 -35.12 9.05 0.58
N CYS C 171 -34.52 9.84 1.47
CA CYS C 171 -33.97 11.13 1.07
C CYS C 171 -32.76 10.94 0.17
N GLY C 172 -32.67 11.78 -0.86
CA GLY C 172 -31.53 11.76 -1.76
C GLY C 172 -30.53 12.85 -1.47
N ALA C 173 -30.59 13.39 -0.25
CA ALA C 173 -29.70 14.45 0.19
C ALA C 173 -28.93 13.99 1.44
N THR C 174 -28.07 14.87 1.94
CA THR C 174 -27.23 14.56 3.08
C THR C 174 -28.07 14.49 4.35
N LYS C 175 -27.68 13.58 5.24
CA LYS C 175 -28.32 13.46 6.54
C LYS C 175 -27.61 14.36 7.55
N GLY C 176 -28.33 15.37 8.05
CA GLY C 176 -27.76 16.33 8.96
C GLY C 176 -27.73 15.92 10.42
N CYS C 177 -28.26 14.76 10.76
CA CYS C 177 -28.29 14.31 12.15
C CYS C 177 -28.33 12.79 12.19
N LEU C 178 -27.28 12.19 12.74
CA LEU C 178 -27.22 10.73 12.84
C LEU C 178 -28.33 10.21 13.76
N THR C 179 -28.84 9.03 13.44
CA THR C 179 -29.92 8.39 14.19
C THR C 179 -29.40 7.12 14.85
N PHE C 180 -29.77 6.93 16.11
CA PHE C 180 -29.38 5.76 16.89
C PHE C 180 -30.61 4.94 17.20
N PHE C 181 -30.54 3.64 16.92
CA PHE C 181 -31.58 2.68 17.31
C PHE C 181 -31.10 1.97 18.56
N PHE C 182 -31.57 2.43 19.72
CA PHE C 182 -31.18 1.87 21.00
C PHE C 182 -32.27 0.93 21.51
N GLY C 183 -31.84 -0.11 22.22
CA GLY C 183 -32.75 -1.07 22.82
C GLY C 183 -32.00 -2.30 23.28
N GLU C 184 -32.67 -3.44 23.21
CA GLU C 184 -32.06 -4.73 23.52
C GLU C 184 -32.04 -5.59 22.25
N THR C 185 -31.52 -6.80 22.40
CA THR C 185 -31.44 -7.71 21.26
C THR C 185 -32.82 -8.14 20.82
N ALA C 186 -33.04 -8.17 19.50
CA ALA C 186 -34.29 -8.63 18.90
C ALA C 186 -35.50 -7.85 19.43
N THR C 187 -35.35 -6.54 19.51
CA THR C 187 -36.45 -5.65 19.88
C THR C 187 -37.20 -5.10 18.67
N GLY C 188 -36.85 -5.54 17.47
CA GLY C 188 -37.46 -5.06 16.24
C GLY C 188 -36.52 -4.27 15.36
N LYS C 189 -35.33 -3.92 15.83
CA LYS C 189 -34.38 -3.19 15.00
C LYS C 189 -33.95 -4.00 13.78
N SER C 190 -33.64 -5.28 13.99
CA SER C 190 -33.26 -6.14 12.87
C SER C 190 -34.42 -6.35 11.90
N THR C 191 -35.64 -6.51 12.44
CA THR C 191 -36.81 -6.66 11.57
C THR C 191 -37.03 -5.41 10.74
N THR C 192 -36.90 -4.23 11.35
CA THR C 192 -37.03 -2.98 10.61
C THR C 192 -35.96 -2.87 9.54
N LYS C 193 -34.72 -3.23 9.88
CA LYS C 193 -33.63 -3.17 8.91
C LYS C 193 -33.91 -4.09 7.72
N ARG C 194 -34.35 -5.32 7.99
CA ARG C 194 -34.65 -6.25 6.91
C ARG C 194 -35.81 -5.77 6.06
N LEU C 195 -36.84 -5.20 6.69
CA LEU C 195 -37.97 -4.66 5.94
C LEU C 195 -37.54 -3.52 5.03
N LEU C 196 -36.72 -2.61 5.55
CA LEU C 196 -36.22 -1.50 4.74
C LEU C 196 -35.37 -2.02 3.59
N LYS C 197 -34.50 -2.99 3.86
CA LYS C 197 -33.65 -3.54 2.81
C LYS C 197 -34.49 -4.18 1.71
N SER C 198 -35.51 -4.97 2.09
CA SER C 198 -36.37 -5.59 1.10
C SER C 198 -37.17 -4.54 0.33
N ALA C 199 -37.54 -3.45 0.99
CA ALA C 199 -38.35 -2.43 0.34
C ALA C 199 -37.53 -1.62 -0.67
N ILE C 200 -36.27 -1.35 -0.36
CA ILE C 200 -35.48 -0.43 -1.18
C ILE C 200 -34.44 -1.12 -2.04
N GLY C 201 -34.28 -2.44 -1.94
CA GLY C 201 -33.41 -3.16 -2.85
C GLY C 201 -31.97 -2.71 -2.85
N ASP C 202 -31.46 -2.35 -4.03
CA ASP C 202 -30.04 -2.00 -4.17
C ASP C 202 -29.70 -0.73 -3.40
N LEU C 203 -30.68 0.13 -3.14
CA LEU C 203 -30.40 1.36 -2.42
C LEU C 203 -29.94 1.09 -0.98
N PHE C 204 -30.25 -0.08 -0.44
CA PHE C 204 -29.84 -0.41 0.91
C PHE C 204 -28.35 -0.77 0.95
N VAL C 205 -27.73 -0.44 2.08
CA VAL C 205 -26.36 -0.88 2.37
C VAL C 205 -26.19 -0.90 3.88
N GLU C 206 -25.45 -1.88 4.37
CA GLU C 206 -25.21 -2.05 5.79
C GLU C 206 -23.70 -2.17 6.05
N THR C 207 -23.30 -1.79 7.26
CA THR C 207 -21.91 -1.87 7.65
C THR C 207 -21.83 -2.13 9.15
N GLY C 208 -20.65 -2.49 9.62
CA GLY C 208 -20.39 -2.81 11.00
C GLY C 208 -19.92 -1.61 11.80
N GLN C 209 -19.09 -1.89 12.79
CA GLN C 209 -18.54 -0.85 13.67
C GLN C 209 -17.25 -0.25 13.16
N THR C 210 -16.77 -0.68 11.98
CA THR C 210 -15.48 -0.22 11.48
C THR C 210 -15.47 1.28 11.24
N ILE C 211 -16.50 1.81 10.58
CA ILE C 211 -16.52 3.23 10.26
C ILE C 211 -16.77 4.10 11.48
N LEU C 212 -17.26 3.51 12.58
CA LEU C 212 -17.61 4.29 13.75
C LEU C 212 -16.45 4.45 14.74
N THR C 213 -15.49 3.51 14.74
CA THR C 213 -14.39 3.54 15.69
C THR C 213 -13.03 3.59 15.03
N ASP C 214 -12.95 3.69 13.70
CA ASP C 214 -11.69 3.73 12.98
C ASP C 214 -11.66 4.92 12.04
N VAL C 215 -10.45 5.36 11.70
CA VAL C 215 -10.27 6.49 10.81
C VAL C 215 -10.52 6.03 9.38
N LEU C 216 -11.50 6.65 8.72
CA LEU C 216 -11.85 6.24 7.36
C LEU C 216 -10.82 6.70 6.34
N ASP C 217 -10.31 7.92 6.50
CA ASP C 217 -9.38 8.50 5.53
C ASP C 217 -7.98 7.93 5.78
N LYS C 218 -7.79 6.69 5.36
CA LYS C 218 -6.50 6.02 5.46
C LYS C 218 -6.37 5.08 4.27
N GLY C 219 -5.74 5.56 3.20
CA GLY C 219 -5.58 4.80 2.00
C GLY C 219 -6.92 4.46 1.35
N PRO C 220 -6.98 3.31 0.67
CA PRO C 220 -8.26 2.87 0.11
C PRO C 220 -9.26 2.56 1.21
N ASN C 221 -10.54 2.79 0.90
CA ASN C 221 -11.63 2.53 1.85
C ASN C 221 -12.84 2.02 1.07
N PRO C 222 -13.03 0.70 1.04
CA PRO C 222 -14.21 0.16 0.34
C PRO C 222 -15.53 0.62 0.93
N PHE C 223 -15.60 0.83 2.25
CA PHE C 223 -16.86 1.21 2.88
C PHE C 223 -17.37 2.55 2.33
N ILE C 224 -16.49 3.54 2.23
CA ILE C 224 -16.90 4.85 1.73
C ILE C 224 -17.32 4.74 0.27
N ALA C 225 -16.61 3.94 -0.52
CA ALA C 225 -16.97 3.76 -1.92
C ALA C 225 -18.34 3.13 -2.06
N ASN C 226 -18.66 2.14 -1.22
CA ASN C 226 -19.98 1.52 -1.26
C ASN C 226 -21.07 2.47 -0.79
N MET C 227 -20.78 3.28 0.23
CA MET C 227 -21.80 4.16 0.79
C MET C 227 -22.13 5.35 -0.11
N HIS C 228 -21.32 5.61 -1.13
CA HIS C 228 -21.60 6.74 -2.01
C HIS C 228 -22.86 6.49 -2.82
N LEU C 229 -23.62 7.56 -3.06
CA LEU C 229 -24.84 7.52 -3.87
C LEU C 229 -25.84 6.50 -3.33
N LYS C 230 -25.93 6.41 -2.01
CA LYS C 230 -26.84 5.48 -1.35
C LYS C 230 -28.02 6.22 -0.73
N ARG C 231 -28.99 5.45 -0.25
CA ARG C 231 -30.17 6.01 0.38
C ARG C 231 -30.24 5.76 1.88
N SER C 232 -29.65 4.68 2.37
CA SER C 232 -29.71 4.36 3.80
C SER C 232 -28.54 3.48 4.17
N VAL C 233 -27.97 3.72 5.35
CA VAL C 233 -26.84 2.96 5.87
C VAL C 233 -27.20 2.47 7.26
N PHE C 234 -26.93 1.19 7.53
CA PHE C 234 -27.17 0.59 8.84
C PHE C 234 -25.82 0.23 9.46
N CYS C 235 -25.59 0.72 10.67
CA CYS C 235 -24.36 0.46 11.43
C CYS C 235 -24.73 -0.34 12.67
N SER C 236 -24.67 -1.66 12.56
CA SER C 236 -25.03 -2.55 13.64
C SER C 236 -23.78 -3.10 14.32
N GLU C 237 -23.98 -4.04 15.25
CA GLU C 237 -22.89 -4.76 15.92
C GLU C 237 -21.98 -3.81 16.69
N LEU C 238 -22.57 -3.11 17.67
CA LEU C 238 -21.74 -2.28 18.53
C LEU C 238 -21.36 -3.03 19.80
N PRO C 239 -20.18 -2.75 20.36
CA PRO C 239 -19.70 -3.49 21.51
C PRO C 239 -20.21 -2.89 22.83
N ASP C 240 -19.90 -3.60 23.91
CA ASP C 240 -20.19 -3.10 25.25
C ASP C 240 -19.19 -2.00 25.58
N PHE C 241 -19.64 -0.75 25.45
CA PHE C 241 -18.74 0.39 25.61
C PHE C 241 -18.26 0.54 27.05
N ALA C 242 -19.09 0.13 28.02
CA ALA C 242 -18.69 0.21 29.42
C ALA C 242 -17.58 -0.78 29.78
N CYS C 243 -17.37 -1.81 28.96
CA CYS C 243 -16.37 -2.82 29.24
C CYS C 243 -15.10 -2.57 28.44
N SER C 244 -14.00 -3.14 28.92
CA SER C 244 -12.70 -2.97 28.27
C SER C 244 -12.65 -3.73 26.95
N GLY C 245 -11.73 -3.32 26.09
CA GLY C 245 -11.59 -3.92 24.78
C GLY C 245 -12.55 -3.40 23.73
N SER C 246 -13.37 -2.41 24.07
CA SER C 246 -14.34 -1.83 23.16
C SER C 246 -13.97 -0.38 22.90
N LYS C 247 -13.84 -0.01 21.64
CA LYS C 247 -13.50 1.35 21.27
C LYS C 247 -14.70 2.27 21.43
N LYS C 248 -14.44 3.56 21.48
CA LYS C 248 -15.48 4.58 21.57
C LYS C 248 -15.83 5.11 20.19
N ILE C 249 -17.05 5.62 20.07
CA ILE C 249 -17.51 6.19 18.80
C ILE C 249 -16.77 7.50 18.55
N ARG C 250 -16.05 7.57 17.44
CA ARG C 250 -15.26 8.74 17.12
C ARG C 250 -16.16 9.87 16.63
N SER C 251 -16.21 10.96 17.39
CA SER C 251 -16.98 12.12 16.96
C SER C 251 -16.45 12.68 15.65
N ASP C 252 -15.14 12.53 15.41
CA ASP C 252 -14.59 12.97 14.13
C ASP C 252 -15.18 12.20 12.97
N ASN C 253 -15.34 10.89 13.13
CA ASN C 253 -15.97 10.08 12.08
C ASN C 253 -17.41 10.50 11.86
N ILE C 254 -18.14 10.77 12.95
CA ILE C 254 -19.55 11.16 12.84
C ILE C 254 -19.66 12.48 12.08
N LYS C 255 -18.79 13.45 12.41
CA LYS C 255 -18.80 14.70 11.69
C LYS C 255 -18.34 14.54 10.24
N LYS C 256 -17.47 13.57 9.97
CA LYS C 256 -17.08 13.27 8.60
C LYS C 256 -18.27 12.76 7.79
N LEU C 257 -19.10 11.92 8.39
CA LEU C 257 -20.29 11.41 7.69
C LEU C 257 -21.48 12.36 7.86
N THR C 258 -21.26 13.64 7.52
CA THR C 258 -22.33 14.62 7.55
C THR C 258 -22.22 15.62 6.39
N GLU C 259 -21.40 15.32 5.39
CA GLU C 259 -21.20 16.25 4.28
C GLU C 259 -21.78 15.69 2.99
N PRO C 260 -22.19 16.55 2.07
CA PRO C 260 -22.72 16.06 0.78
C PRO C 260 -21.74 15.19 0.01
N CYS C 261 -20.44 15.49 0.11
CA CYS C 261 -19.41 14.71 -0.58
C CYS C 261 -18.37 14.29 0.46
N VAL C 262 -18.52 13.09 0.99
CA VAL C 262 -17.62 12.56 1.99
C VAL C 262 -16.39 11.98 1.30
N ILE C 263 -15.21 12.35 1.80
CA ILE C 263 -13.94 11.94 1.21
C ILE C 263 -13.70 10.46 1.51
N GLY C 264 -12.72 9.87 0.83
CA GLY C 264 -12.38 8.47 1.01
C GLY C 264 -11.99 7.81 -0.30
N ARG C 265 -10.83 7.17 -0.32
CA ARG C 265 -10.28 6.63 -1.56
C ARG C 265 -10.90 5.27 -1.87
N PRO C 266 -11.41 5.07 -3.08
CA PRO C 266 -11.86 3.72 -3.48
C PRO C 266 -10.68 2.81 -3.82
N CYS C 267 -10.98 1.61 -4.31
CA CYS C 267 -9.95 0.61 -4.60
C CYS C 267 -9.49 0.75 -6.05
N PHE C 268 -8.22 1.11 -6.23
CA PHE C 268 -7.60 1.21 -7.56
C PHE C 268 -8.37 2.15 -8.47
N SER C 269 -8.86 3.24 -7.91
CA SER C 269 -9.59 4.24 -8.68
C SER C 269 -9.57 5.56 -7.91
N ASN C 270 -9.85 6.64 -8.63
CA ASN C 270 -9.86 7.99 -8.06
C ASN C 270 -11.31 8.48 -8.03
N LYS C 271 -12.02 8.11 -6.97
CA LYS C 271 -13.39 8.56 -6.72
C LYS C 271 -13.53 9.01 -5.27
N ILE C 272 -12.58 9.83 -4.80
CA ILE C 272 -12.57 10.26 -3.42
C ILE C 272 -13.81 11.09 -3.10
N ASN C 273 -14.29 11.87 -4.07
CA ASN C 273 -15.48 12.67 -3.90
C ASN C 273 -16.68 11.74 -3.93
N ASN C 274 -16.98 11.15 -2.78
CA ASN C 274 -18.10 10.22 -2.64
C ASN C 274 -19.31 10.98 -2.15
N ARG C 275 -20.35 11.08 -2.98
CA ARG C 275 -21.55 11.80 -2.60
C ARG C 275 -22.32 11.03 -1.54
N ASN C 276 -22.67 11.71 -0.46
CA ASN C 276 -23.35 11.09 0.68
C ASN C 276 -24.80 11.55 0.68
N HIS C 277 -25.70 10.67 0.26
CA HIS C 277 -27.13 10.93 0.25
C HIS C 277 -27.90 9.92 1.08
N ALA C 278 -27.20 9.13 1.88
CA ALA C 278 -27.81 8.00 2.57
C ALA C 278 -28.18 8.35 4.00
N THR C 279 -29.25 7.74 4.49
CA THR C 279 -29.69 7.91 5.87
C THR C 279 -28.97 6.88 6.74
N ILE C 280 -28.02 7.34 7.56
CA ILE C 280 -27.19 6.46 8.37
C ILE C 280 -27.92 6.17 9.67
N ILE C 281 -28.16 4.89 9.94
CA ILE C 281 -28.84 4.44 11.15
C ILE C 281 -27.93 3.48 11.88
N ILE C 282 -27.82 3.65 13.19
CA ILE C 282 -26.93 2.84 14.02
C ILE C 282 -27.78 1.89 14.86
N ASP C 283 -27.50 0.59 14.72
CA ASP C 283 -28.17 -0.44 15.50
C ASP C 283 -27.25 -0.86 16.64
N THR C 284 -27.76 -0.79 17.87
CA THR C 284 -26.97 -1.15 19.03
C THR C 284 -27.89 -1.66 20.14
N ASN C 285 -27.29 -2.43 21.05
CA ASN C 285 -27.98 -2.91 22.24
C ASN C 285 -27.53 -2.20 23.50
N TYR C 286 -26.60 -1.26 23.39
CA TYR C 286 -26.07 -0.53 24.55
C TYR C 286 -26.04 0.95 24.23
N LYS C 287 -26.06 1.77 25.28
CA LYS C 287 -25.97 3.21 25.11
C LYS C 287 -24.55 3.59 24.73
N PRO C 288 -24.34 4.28 23.62
CA PRO C 288 -22.97 4.50 23.13
C PRO C 288 -22.19 5.47 23.99
N VAL C 289 -20.87 5.32 23.94
CA VAL C 289 -19.92 6.21 24.62
C VAL C 289 -18.98 6.77 23.57
N PHE C 290 -18.80 8.09 23.57
CA PHE C 290 -18.02 8.78 22.56
C PHE C 290 -16.70 9.26 23.13
N ASP C 291 -15.66 9.22 22.29
CA ASP C 291 -14.34 9.72 22.69
C ASP C 291 -14.37 11.22 22.92
N ARG C 292 -15.07 11.96 22.06
CA ARG C 292 -15.22 13.40 22.18
C ARG C 292 -16.69 13.75 22.12
N ILE C 293 -17.11 14.68 22.97
CA ILE C 293 -18.49 15.14 23.03
C ILE C 293 -18.50 16.66 22.98
N ASP C 294 -19.33 17.22 22.10
CA ASP C 294 -19.46 18.66 21.96
C ASP C 294 -20.88 18.99 21.53
N ASN C 295 -21.18 20.28 21.47
CA ASN C 295 -22.52 20.72 21.08
C ASN C 295 -22.84 20.30 19.65
N ALA C 296 -21.86 20.41 18.75
CA ALA C 296 -22.09 20.03 17.36
C ALA C 296 -22.42 18.55 17.23
N LEU C 297 -21.70 17.69 17.96
CA LEU C 297 -21.98 16.26 17.91
C LEU C 297 -23.37 15.96 18.48
N MET C 298 -23.73 16.59 19.59
CA MET C 298 -25.04 16.38 20.17
C MET C 298 -26.15 16.87 19.25
N ARG C 299 -25.88 17.88 18.43
CA ARG C 299 -26.83 18.32 17.41
C ARG C 299 -26.77 17.48 16.15
N ARG C 300 -25.81 16.58 16.04
CA ARG C 300 -25.70 15.67 14.91
C ARG C 300 -26.17 14.26 15.23
N ILE C 301 -26.70 14.02 16.42
CA ILE C 301 -27.01 12.68 16.88
C ILE C 301 -28.44 12.66 17.43
N ALA C 302 -29.22 11.68 16.97
CA ALA C 302 -30.55 11.40 17.50
C ALA C 302 -30.64 9.94 17.89
N VAL C 303 -31.47 9.65 18.88
CA VAL C 303 -31.60 8.30 19.45
C VAL C 303 -33.06 7.88 19.40
N VAL C 304 -33.31 6.66 18.91
CA VAL C 304 -34.64 6.06 18.90
C VAL C 304 -34.57 4.81 19.76
N ARG C 305 -35.50 4.68 20.70
CA ARG C 305 -35.53 3.55 21.63
C ARG C 305 -36.59 2.54 21.20
N PHE C 306 -36.20 1.27 21.17
CA PHE C 306 -37.12 0.17 20.90
C PHE C 306 -37.52 -0.45 22.23
N ARG C 307 -38.80 -0.38 22.56
CA ARG C 307 -39.29 -0.74 23.89
C ARG C 307 -40.36 -1.82 23.80
N THR C 308 -40.16 -2.81 22.94
CA THR C 308 -41.10 -3.93 22.85
C THR C 308 -40.33 -5.17 22.42
N HIS C 309 -40.13 -6.09 23.36
CA HIS C 309 -39.46 -7.35 23.05
C HIS C 309 -40.44 -8.31 22.38
N PHE C 310 -39.87 -9.31 21.70
CA PHE C 310 -40.64 -10.33 20.98
C PHE C 310 -40.07 -11.70 21.35
N SER C 311 -40.64 -12.31 22.39
CA SER C 311 -40.20 -13.62 22.83
C SER C 311 -40.78 -14.72 21.96
N TYR C 325 -38.82 -3.02 28.58
CA TYR C 325 -39.64 -2.70 27.41
C TYR C 325 -40.98 -2.15 27.85
N ASP C 326 -41.74 -1.60 26.90
CA ASP C 326 -43.10 -1.16 27.15
C ASP C 326 -44.13 -2.25 26.89
N LYS C 327 -43.73 -3.36 26.28
CA LYS C 327 -44.63 -4.47 25.99
C LYS C 327 -43.79 -5.68 25.61
N VAL C 328 -44.35 -6.87 25.84
CA VAL C 328 -43.70 -8.12 25.50
C VAL C 328 -44.70 -8.98 24.73
N LYS C 329 -44.29 -9.48 23.56
CA LYS C 329 -45.12 -10.33 22.72
C LYS C 329 -44.32 -11.56 22.31
N LEU C 330 -44.98 -12.43 21.55
CA LEU C 330 -44.35 -13.65 21.05
C LEU C 330 -43.66 -13.40 19.72
N LEU C 331 -42.79 -14.33 19.35
CA LEU C 331 -42.02 -14.21 18.12
C LEU C 331 -42.72 -14.92 16.97
N ASP C 332 -42.70 -14.28 15.80
CA ASP C 332 -43.27 -14.84 14.58
C ASP C 332 -42.11 -15.37 13.74
N GLU C 333 -41.98 -16.70 13.69
CA GLU C 333 -40.87 -17.30 12.97
C GLU C 333 -41.03 -17.14 11.46
N GLY C 334 -42.25 -17.27 10.95
CA GLY C 334 -42.49 -17.21 9.53
C GLY C 334 -42.50 -15.83 8.91
N LEU C 335 -42.43 -14.78 9.73
CA LEU C 335 -42.42 -13.43 9.19
C LEU C 335 -41.10 -13.11 8.49
N ASP C 336 -40.00 -13.70 8.95
CA ASP C 336 -38.72 -13.49 8.30
C ASP C 336 -38.72 -13.99 6.86
N GLY C 337 -39.37 -15.14 6.63
CA GLY C 337 -39.48 -15.64 5.27
C GLY C 337 -40.29 -14.71 4.38
N LYS C 338 -41.39 -14.17 4.90
CA LYS C 338 -42.19 -13.22 4.15
C LYS C 338 -41.38 -11.96 3.82
N ILE C 339 -40.57 -11.50 4.78
CA ILE C 339 -39.70 -10.35 4.52
C ILE C 339 -38.71 -10.68 3.41
N GLN C 340 -38.09 -11.87 3.49
CA GLN C 340 -37.15 -12.28 2.46
C GLN C 340 -37.82 -12.52 1.12
N ASN C 341 -39.12 -12.79 1.10
CA ASN C 341 -39.86 -12.94 -0.14
C ASN C 341 -40.37 -11.62 -0.69
N ASN C 342 -40.06 -10.51 -0.02
CA ASN C 342 -40.51 -9.17 -0.42
C ASN C 342 -42.03 -9.09 -0.48
N ARG C 343 -42.71 -9.83 0.39
CA ARG C 343 -44.15 -9.77 0.47
C ARG C 343 -44.62 -8.39 0.91
N TYR C 344 -43.92 -7.79 1.87
CA TYR C 344 -44.26 -6.48 2.41
C TYR C 344 -43.37 -5.38 1.85
N ARG C 345 -42.69 -5.64 0.73
CA ARG C 345 -41.81 -4.64 0.13
C ARG C 345 -42.61 -3.43 -0.33
N PHE C 346 -43.67 -3.64 -1.11
CA PHE C 346 -44.46 -2.53 -1.61
C PHE C 346 -45.29 -1.88 -0.50
N ALA C 347 -45.75 -2.67 0.46
CA ALA C 347 -46.44 -2.09 1.61
C ALA C 347 -45.50 -1.20 2.41
N PHE C 348 -44.27 -1.65 2.64
CA PHE C 348 -43.29 -0.82 3.33
C PHE C 348 -42.98 0.43 2.52
N LEU C 349 -42.88 0.30 1.20
CA LEU C 349 -42.62 1.46 0.36
C LEU C 349 -43.75 2.47 0.45
N TYR C 350 -45.01 1.99 0.43
CA TYR C 350 -46.14 2.90 0.55
C TYR C 350 -46.17 3.58 1.90
N LEU C 351 -45.85 2.83 2.96
CA LEU C 351 -45.79 3.42 4.29
C LEU C 351 -44.70 4.49 4.36
N LEU C 352 -43.54 4.22 3.77
CA LEU C 352 -42.47 5.21 3.75
C LEU C 352 -42.86 6.45 2.97
N VAL C 353 -43.56 6.28 1.85
CA VAL C 353 -44.04 7.42 1.07
C VAL C 353 -45.02 8.24 1.90
N LYS C 354 -45.93 7.56 2.59
CA LYS C 354 -46.89 8.28 3.44
C LYS C 354 -46.18 9.06 4.54
N TRP C 355 -45.18 8.45 5.18
CA TRP C 355 -44.44 9.14 6.23
C TRP C 355 -43.64 10.30 5.68
N TYR C 356 -43.07 10.15 4.48
CA TYR C 356 -42.33 11.23 3.86
C TYR C 356 -43.24 12.41 3.55
N LYS C 357 -44.44 12.12 3.04
CA LYS C 357 -45.40 13.20 2.81
C LYS C 357 -45.85 13.84 4.12
N LYS C 358 -46.00 13.03 5.17
CA LYS C 358 -46.43 13.56 6.47
C LYS C 358 -45.37 14.44 7.10
N TYR C 359 -44.09 14.09 6.95
CA TYR C 359 -43.01 14.75 7.67
C TYR C 359 -42.14 15.60 6.76
N HIS C 360 -41.57 15.02 5.71
CA HIS C 360 -40.49 15.65 4.96
C HIS C 360 -40.98 16.45 3.77
N VAL C 361 -42.27 16.46 3.49
CA VAL C 361 -42.85 17.28 2.45
C VAL C 361 -43.20 18.64 3.05
N PRO C 362 -42.73 19.75 2.47
CA PRO C 362 -41.88 19.85 1.29
C PRO C 362 -40.39 19.89 1.60
N ILE C 363 -39.99 20.00 2.87
CA ILE C 363 -38.60 20.21 3.25
C ILE C 363 -38.18 19.12 4.23
N MET C 364 -36.97 18.59 4.04
CA MET C 364 -36.42 17.61 4.95
C MET C 364 -36.21 18.22 6.33
N LYS C 365 -36.48 17.41 7.37
CA LYS C 365 -36.29 17.82 8.74
C LYS C 365 -35.58 16.71 9.50
N LEU C 366 -34.45 17.04 10.12
CA LEU C 366 -33.63 16.10 10.88
C LEU C 366 -33.20 16.78 12.18
N TYR C 367 -33.98 16.59 13.22
CA TYR C 367 -33.70 17.25 14.49
C TYR C 367 -33.00 16.28 15.44
N PRO C 368 -32.06 16.75 16.25
CA PRO C 368 -31.31 15.86 17.13
C PRO C 368 -32.04 15.55 18.42
N THR C 369 -31.85 14.33 18.90
CA THR C 369 -32.32 13.90 20.21
C THR C 369 -31.18 13.20 20.94
N PRO C 370 -30.24 13.96 21.50
CA PRO C 370 -29.09 13.35 22.18
C PRO C 370 -29.33 13.03 23.66
N GLU C 371 -30.51 13.40 24.18
CA GLU C 371 -30.77 13.25 25.61
C GLU C 371 -31.07 11.82 26.01
N GLU C 372 -30.85 10.85 25.13
CA GLU C 372 -31.11 9.45 25.43
C GLU C 372 -29.78 8.69 25.54
N ILE C 373 -28.74 9.39 26.00
CA ILE C 373 -27.41 8.82 26.13
C ILE C 373 -26.80 9.33 27.43
N PRO C 374 -26.24 8.45 28.28
CA PRO C 374 -25.79 8.90 29.61
C PRO C 374 -24.74 10.00 29.56
N ASP C 375 -23.67 9.80 28.78
CA ASP C 375 -22.65 10.82 28.64
C ASP C 375 -23.21 12.07 27.96
N PHE C 376 -24.04 11.87 26.93
CA PHE C 376 -24.68 13.01 26.28
C PHE C 376 -25.61 13.76 27.23
N ALA C 377 -26.37 13.01 28.05
CA ALA C 377 -27.22 13.67 29.04
C ALA C 377 -26.40 14.44 30.06
N PHE C 378 -25.27 13.87 30.50
CA PHE C 378 -24.39 14.57 31.42
C PHE C 378 -23.87 15.86 30.81
N TYR C 379 -23.45 15.82 29.54
CA TYR C 379 -22.93 17.02 28.90
C TYR C 379 -24.03 18.04 28.66
N LEU C 380 -25.25 17.59 28.35
CA LEU C 380 -26.37 18.51 28.19
C LEU C 380 -26.70 19.21 29.50
N LYS C 381 -26.73 18.45 30.60
CA LYS C 381 -26.97 19.06 31.90
C LYS C 381 -25.85 20.02 32.28
N ILE C 382 -24.60 19.67 31.97
CA ILE C 382 -23.49 20.58 32.20
C ILE C 382 -23.70 21.87 31.44
N GLY C 383 -23.99 21.77 30.14
CA GLY C 383 -24.19 22.96 29.33
C GLY C 383 -25.34 23.81 29.81
N THR C 384 -26.40 23.19 30.32
CA THR C 384 -27.50 23.95 30.89
C THR C 384 -27.09 24.58 32.22
N LEU C 385 -26.12 24.00 32.91
CA LEU C 385 -25.70 24.50 34.22
C LEU C 385 -24.33 25.17 34.20
N LEU C 386 -23.56 25.01 33.14
CA LEU C 386 -22.18 25.50 33.09
C LEU C 386 -21.97 26.38 31.87
N VAL C 387 -22.84 27.37 31.69
CA VAL C 387 -22.68 28.33 30.60
C VAL C 387 -21.31 28.98 30.70
N SER C 388 -20.63 29.08 29.56
CA SER C 388 -19.24 29.53 29.54
C SER C 388 -19.14 31.00 29.96
N SER C 389 -18.05 31.31 30.66
CA SER C 389 -17.79 32.68 31.08
C SER C 389 -17.45 33.55 29.87
N SER C 390 -17.77 34.83 29.98
CA SER C 390 -17.54 35.77 28.89
C SER C 390 -17.43 37.18 29.46
N VAL C 391 -17.11 38.13 28.58
CA VAL C 391 -17.07 39.53 28.98
C VAL C 391 -18.45 40.02 29.38
N LYS C 392 -19.49 39.52 28.70
CA LYS C 392 -20.86 39.84 29.10
C LYS C 392 -21.17 39.39 30.52
N HIS C 393 -20.47 38.37 31.02
CA HIS C 393 -20.64 37.89 32.38
C HIS C 393 -19.72 38.57 33.38
N ILE C 394 -18.81 39.43 32.91
CA ILE C 394 -17.94 40.18 33.83
C ILE C 394 -18.73 41.06 34.78
N PRO C 395 -19.76 41.82 34.35
CA PRO C 395 -20.52 42.63 35.31
C PRO C 395 -21.17 41.83 36.44
N LEU C 396 -21.30 40.52 36.29
CA LEU C 396 -21.80 39.67 37.36
C LEU C 396 -20.77 39.43 38.46
N MET C 397 -19.53 39.86 38.26
CA MET C 397 -18.49 39.63 39.26
C MET C 397 -18.83 40.28 40.59
N THR C 398 -19.61 41.36 40.58
CA THR C 398 -19.98 42.02 41.84
C THR C 398 -20.71 41.05 42.76
N ASP C 399 -21.59 40.22 42.22
CA ASP C 399 -22.28 39.22 43.02
C ASP C 399 -21.54 37.89 43.06
N LEU C 400 -20.68 37.62 42.09
CA LEU C 400 -19.98 36.33 42.04
C LEU C 400 -18.69 36.29 42.85
N SER C 401 -18.18 37.44 43.30
CA SER C 401 -16.96 37.45 44.09
C SER C 401 -17.15 36.76 45.44
N LYS C 402 -18.30 36.96 46.07
CA LYS C 402 -18.59 36.36 47.37
C LYS C 402 -18.99 34.90 47.26
N LYS C 403 -19.19 34.38 46.04
CA LYS C 403 -19.59 33.00 45.82
C LYS C 403 -18.44 32.13 45.35
N GLY C 404 -17.20 32.60 45.49
CA GLY C 404 -16.04 31.86 45.10
C GLY C 404 -15.54 32.10 43.69
N TYR C 405 -16.32 32.79 42.85
CA TYR C 405 -15.92 33.08 41.48
C TYR C 405 -14.94 34.25 41.50
N ILE C 406 -13.70 34.00 41.08
CA ILE C 406 -12.66 35.01 41.06
C ILE C 406 -12.40 35.41 39.60
N LEU C 407 -12.33 36.72 39.35
CA LEU C 407 -12.10 37.23 38.01
C LEU C 407 -10.63 37.05 37.66
N TYR C 408 -10.35 36.18 36.69
CA TYR C 408 -8.99 35.87 36.27
C TYR C 408 -8.88 36.13 34.77
N ASP C 409 -8.08 37.12 34.39
CA ASP C 409 -7.88 37.50 33.00
C ASP C 409 -9.21 37.81 32.31
N ASN C 410 -10.02 38.64 32.96
CA ASN C 410 -11.33 39.05 32.45
C ASN C 410 -12.25 37.85 32.22
N VAL C 411 -12.07 36.79 32.99
CA VAL C 411 -12.88 35.59 32.91
C VAL C 411 -13.36 35.22 34.30
N VAL C 412 -14.66 34.96 34.44
CA VAL C 412 -15.22 34.51 35.71
C VAL C 412 -14.80 33.06 35.92
N THR C 413 -13.93 32.83 36.91
CA THR C 413 -13.32 31.54 37.12
C THR C 413 -13.73 30.99 38.48
N LEU C 414 -14.16 29.72 38.50
CA LEU C 414 -14.53 29.02 39.71
C LEU C 414 -13.45 28.01 40.08
N PRO C 415 -13.02 27.96 41.34
CA PRO C 415 -11.95 27.04 41.71
C PRO C 415 -12.34 25.59 41.46
N LEU C 416 -11.34 24.77 41.13
CA LEU C 416 -11.60 23.37 40.84
C LEU C 416 -12.19 22.64 42.04
N THR C 417 -11.73 22.97 43.25
CA THR C 417 -12.29 22.36 44.44
C THR C 417 -13.77 22.70 44.58
N THR C 418 -14.13 23.97 44.41
CA THR C 418 -15.52 24.38 44.50
C THR C 418 -16.35 23.74 43.39
N PHE C 419 -15.78 23.67 42.18
CA PHE C 419 -16.50 23.05 41.07
C PHE C 419 -16.78 21.58 41.34
N GLN C 420 -15.79 20.86 41.86
CA GLN C 420 -16.00 19.44 42.17
C GLN C 420 -16.99 19.27 43.32
N GLN C 421 -16.94 20.15 44.31
CA GLN C 421 -17.90 20.07 45.41
C GLN C 421 -19.32 20.30 44.93
N LYS C 422 -19.53 21.28 44.07
CA LYS C 422 -20.87 21.62 43.60
C LYS C 422 -21.35 20.73 42.47
N ILE C 423 -20.45 20.01 41.78
CA ILE C 423 -20.88 19.10 40.74
C ILE C 423 -21.44 17.81 41.33
N SER C 424 -21.14 17.51 42.60
CA SER C 424 -21.73 16.37 43.27
C SER C 424 -23.18 16.61 43.68
N LYS C 425 -23.61 17.87 43.71
CA LYS C 425 -24.99 18.17 44.06
C LYS C 425 -25.95 17.82 42.93
N TYR C 426 -25.57 18.14 41.69
CA TYR C 426 -26.42 17.87 40.53
C TYR C 426 -26.15 16.51 39.91
N PHE C 427 -24.89 16.07 39.91
CA PHE C 427 -24.51 14.77 39.35
C PHE C 427 -23.95 13.90 40.46
N ASN C 428 -24.15 12.60 40.32
CA ASN C 428 -23.51 11.65 41.24
C ASN C 428 -22.01 11.69 41.01
N SER C 429 -21.26 12.18 42.00
CA SER C 429 -19.82 12.31 41.85
C SER C 429 -19.12 10.96 41.67
N ARG C 430 -19.81 9.86 41.99
CA ARG C 430 -19.25 8.52 41.82
C ARG C 430 -19.70 7.89 40.51
N LEU C 431 -21.00 7.95 40.20
CA LEU C 431 -21.50 7.41 38.94
C LEU C 431 -20.87 8.15 37.76
N PHE C 432 -20.83 9.48 37.81
CA PHE C 432 -20.22 10.29 36.78
C PHE C 432 -18.75 10.58 37.08
N GLY C 433 -18.16 9.83 38.00
CA GLY C 433 -16.79 10.12 38.42
C GLY C 433 -15.81 10.10 37.27
N HIS C 434 -15.86 9.04 36.45
CA HIS C 434 -15.05 9.02 35.24
C HIS C 434 -15.48 10.13 34.28
N ASP C 435 -16.79 10.33 34.12
CA ASP C 435 -17.28 11.38 33.24
C ASP C 435 -16.90 12.76 33.75
N ILE C 436 -17.05 13.01 35.05
CA ILE C 436 -16.69 14.31 35.62
C ILE C 436 -15.20 14.55 35.47
N GLU C 437 -14.38 13.54 35.75
CA GLU C 437 -12.93 13.69 35.63
C GLU C 437 -12.52 13.96 34.18
N SER C 438 -13.12 13.23 33.23
CA SER C 438 -12.81 13.45 31.83
C SER C 438 -13.22 14.86 31.39
N PHE C 439 -14.41 15.30 31.81
CA PHE C 439 -14.85 16.65 31.47
C PHE C 439 -13.93 17.71 32.05
N ILE C 440 -13.50 17.53 33.31
CA ILE C 440 -12.59 18.48 33.92
C ILE C 440 -11.27 18.51 33.17
N ASN C 441 -10.67 17.35 32.93
CA ASN C 441 -9.39 17.28 32.23
C ASN C 441 -9.49 17.87 30.83
N ARG C 442 -10.65 17.75 30.19
CA ARG C 442 -10.84 18.34 28.87
C ARG C 442 -11.14 19.83 28.93
N HIS C 443 -11.56 20.35 30.09
CA HIS C 443 -11.99 21.73 30.17
C HIS C 443 -11.43 22.51 31.36
N LYS C 444 -10.47 21.96 32.10
CA LYS C 444 -9.90 22.71 33.22
C LYS C 444 -8.76 23.60 32.74
N LYS C 445 -8.58 24.72 33.43
CA LYS C 445 -7.46 25.62 33.20
C LYS C 445 -6.89 26.04 34.55
N PHE C 446 -5.59 26.27 34.58
CA PHE C 446 -4.87 26.59 35.80
C PHE C 446 -4.63 28.10 35.87
N ALA C 447 -4.97 28.70 37.02
CA ALA C 447 -4.69 30.11 37.21
C ALA C 447 -3.19 30.35 37.29
N ASN C 448 -2.53 29.81 38.33
CA ASN C 448 -1.08 29.75 38.35
C ASN C 448 -0.58 28.30 38.39
N VAL C 449 -0.86 27.55 39.45
CA VAL C 449 -0.61 26.11 39.45
C VAL C 449 -1.80 25.36 40.05
N SER C 450 -2.52 26.01 40.95
CA SER C 450 -3.42 25.29 41.83
C SER C 450 -4.84 25.85 41.84
N ASP C 451 -5.02 27.12 41.51
CA ASP C 451 -6.36 27.70 41.42
C ASP C 451 -6.99 27.29 40.09
N GLU C 452 -7.04 25.98 39.90
CA GLU C 452 -7.56 25.42 38.65
C GLU C 452 -9.03 25.79 38.48
N TYR C 453 -9.39 26.16 37.26
CA TYR C 453 -10.75 26.63 36.98
C TYR C 453 -11.20 26.10 35.64
N LEU C 454 -12.52 26.01 35.49
CA LEU C 454 -13.17 25.76 34.22
C LEU C 454 -14.00 26.97 33.85
N GLN C 455 -13.81 27.46 32.62
CA GLN C 455 -14.41 28.73 32.20
C GLN C 455 -15.90 28.55 31.93
N TYR C 456 -16.62 28.21 33.00
CA TYR C 456 -18.06 28.00 32.97
C TYR C 456 -18.66 28.55 34.26
N ILE C 457 -19.90 29.03 34.16
CA ILE C 457 -20.57 29.69 35.28
C ILE C 457 -21.88 28.98 35.56
N PHE C 458 -22.16 28.76 36.84
CA PHE C 458 -23.46 28.27 37.26
C PHE C 458 -24.53 29.34 37.03
N ILE C 459 -25.73 28.89 36.65
CA ILE C 459 -26.87 29.79 36.54
C ILE C 459 -27.55 30.01 37.89
N GLU C 460 -27.32 29.13 38.86
CA GLU C 460 -27.83 29.34 40.22
C GLU C 460 -27.25 30.59 40.87
N ASP C 461 -26.12 31.09 40.37
CA ASP C 461 -25.47 32.27 40.93
C ASP C 461 -25.53 33.48 40.01
N ILE C 462 -25.85 33.30 38.74
CA ILE C 462 -25.97 34.42 37.81
C ILE C 462 -27.18 35.27 38.16
N ALA D 1 7.25 -3.73 -48.21
CA ALA D 1 5.85 -3.32 -48.12
C ALA D 1 5.71 -2.02 -47.36
N MET D 2 6.83 -1.45 -46.94
CA MET D 2 6.86 -0.21 -46.19
C MET D 2 7.91 0.70 -46.81
N GLY D 3 8.17 1.83 -46.15
CA GLY D 3 9.10 2.82 -46.67
C GLY D 3 10.54 2.54 -46.28
N ASN D 4 11.36 2.21 -47.28
CA ASN D 4 12.78 2.01 -47.03
C ASN D 4 13.46 3.29 -46.59
N LYS D 5 12.99 4.44 -47.09
CA LYS D 5 13.58 5.73 -46.73
C LYS D 5 13.40 6.06 -45.26
N LEU D 6 12.42 5.47 -44.60
CA LEU D 6 12.19 5.77 -43.19
C LEU D 6 13.38 5.35 -42.34
N PHE D 7 13.95 4.17 -42.62
CA PHE D 7 15.14 3.75 -41.90
C PHE D 7 16.32 4.67 -42.20
N ASN D 8 16.42 5.16 -43.44
CA ASN D 8 17.47 6.11 -43.77
C ASN D 8 17.32 7.39 -42.97
N ILE D 9 16.08 7.88 -42.81
CA ILE D 9 15.83 9.06 -42.00
C ILE D 9 16.21 8.80 -40.55
N ALA D 10 15.87 7.62 -40.03
CA ALA D 10 16.24 7.28 -38.66
C ALA D 10 17.76 7.25 -38.50
N GLN D 11 18.46 6.67 -39.48
CA GLN D 11 19.91 6.64 -39.43
C GLN D 11 20.50 8.05 -39.44
N ARG D 12 19.96 8.93 -40.30
CA ARG D 12 20.43 10.31 -40.34
C ARG D 12 20.17 11.03 -39.03
N ILE D 13 19.01 10.79 -38.41
CA ILE D 13 18.70 11.40 -37.13
C ILE D 13 19.69 10.93 -36.07
N LEU D 14 19.96 9.63 -36.03
CA LEU D 14 20.89 9.10 -35.05
C LEU D 14 22.33 9.49 -35.33
N ASP D 15 22.64 9.91 -36.56
CA ASP D 15 23.95 10.49 -36.82
C ASP D 15 24.14 11.79 -36.04
N THR D 16 23.08 12.60 -35.94
CA THR D 16 23.12 13.80 -35.13
C THR D 16 23.23 13.51 -33.64
N ASN D 17 22.92 12.29 -33.21
CA ASN D 17 22.95 11.91 -31.80
C ASN D 17 22.04 12.81 -30.96
N SER D 18 20.91 13.22 -31.54
CA SER D 18 19.95 14.05 -30.83
C SER D 18 19.14 13.29 -29.79
N VAL D 19 19.14 11.96 -29.85
CA VAL D 19 18.42 11.14 -28.89
C VAL D 19 19.39 10.07 -28.38
N LEU D 20 19.46 9.91 -27.07
CA LEU D 20 20.37 8.98 -26.44
C LEU D 20 19.63 8.09 -25.46
N LEU D 21 20.10 6.85 -25.34
CA LEU D 21 19.54 5.87 -24.42
C LEU D 21 20.29 5.96 -23.10
N THR D 22 19.59 6.35 -22.04
CA THR D 22 20.23 6.54 -20.75
C THR D 22 20.63 5.20 -20.13
N GLU D 23 21.50 5.28 -19.12
CA GLU D 23 21.91 4.09 -18.40
C GLU D 23 20.72 3.43 -17.70
N ARG D 24 19.71 4.21 -17.34
CA ARG D 24 18.50 3.68 -16.73
C ARG D 24 17.50 3.14 -17.73
N GLY D 25 17.91 2.93 -18.98
CA GLY D 25 17.00 2.43 -19.99
C GLY D 25 15.96 3.43 -20.44
N ASP D 26 16.23 4.72 -20.29
CA ASP D 26 15.31 5.77 -20.68
C ASP D 26 15.84 6.50 -21.91
N TYR D 27 14.94 7.23 -22.56
CA TYR D 27 15.27 7.98 -23.77
C TYR D 27 15.23 9.47 -23.47
N ILE D 28 16.21 10.19 -24.02
CA ILE D 28 16.27 11.64 -23.89
C ILE D 28 16.32 12.24 -25.30
N VAL D 29 15.89 13.49 -25.40
CA VAL D 29 15.88 14.20 -26.68
C VAL D 29 16.57 15.54 -26.48
N TRP D 30 17.13 16.06 -27.57
CA TRP D 30 17.83 17.34 -27.58
C TRP D 30 16.97 18.32 -28.37
N ILE D 31 16.08 19.02 -27.65
CA ILE D 31 15.13 19.96 -28.26
C ILE D 31 15.28 21.31 -27.58
N ASN D 32 15.30 22.36 -28.39
CA ASN D 32 15.35 23.75 -27.89
C ASN D 32 16.55 23.95 -26.97
N ASN D 33 17.71 23.43 -27.38
CA ASN D 33 18.95 23.55 -26.62
C ASN D 33 18.78 23.02 -25.20
N SER D 34 18.14 21.87 -25.09
CA SER D 34 17.88 21.26 -23.79
C SER D 34 17.70 19.76 -23.97
N TRP D 35 18.26 18.98 -23.05
CA TRP D 35 18.10 17.53 -23.06
C TRP D 35 16.80 17.17 -22.35
N LYS D 36 15.70 17.34 -23.07
CA LYS D 36 14.39 17.00 -22.51
C LYS D 36 14.25 15.50 -22.37
N PHE D 37 13.50 15.09 -21.34
CA PHE D 37 13.35 13.68 -21.02
C PHE D 37 12.01 13.46 -20.33
N ASN D 38 11.34 12.37 -20.67
CA ASN D 38 10.08 12.01 -20.03
C ASN D 38 9.86 10.51 -20.20
N SER D 39 9.84 9.78 -19.09
CA SER D 39 9.60 8.35 -19.15
C SER D 39 8.14 8.05 -19.49
N GLU D 40 7.22 8.87 -18.98
CA GLU D 40 5.80 8.63 -19.21
C GLU D 40 5.45 8.72 -20.69
N GLU D 41 5.96 9.73 -21.38
CA GLU D 41 5.70 9.92 -22.79
C GLU D 41 7.02 9.97 -23.57
N PRO D 42 7.25 9.06 -24.51
CA PRO D 42 8.49 9.12 -25.31
C PRO D 42 8.50 10.36 -26.19
N LEU D 43 9.50 11.21 -25.99
CA LEU D 43 9.63 12.45 -26.73
C LEU D 43 10.31 12.27 -28.08
N ILE D 44 10.50 11.02 -28.51
CA ILE D 44 11.20 10.76 -29.76
C ILE D 44 10.42 11.35 -30.94
N THR D 45 9.10 11.17 -30.94
CA THR D 45 8.28 11.72 -32.01
C THR D 45 8.37 13.25 -32.03
N LYS D 46 8.36 13.86 -30.86
CA LYS D 46 8.52 15.31 -30.79
C LYS D 46 9.89 15.73 -31.30
N LEU D 47 10.93 14.95 -30.99
CA LEU D 47 12.26 15.26 -31.53
C LEU D 47 12.28 15.16 -33.05
N ILE D 48 11.62 14.14 -33.60
CA ILE D 48 11.55 14.00 -35.05
C ILE D 48 10.86 15.20 -35.67
N LEU D 49 9.75 15.63 -35.07
CA LEU D 49 9.07 16.83 -35.57
C LEU D 49 9.96 18.06 -35.44
N SER D 50 10.76 18.15 -34.38
CA SER D 50 11.61 19.31 -34.19
C SER D 50 12.71 19.36 -35.25
N ILE D 51 13.31 18.22 -35.58
CA ILE D 51 14.48 18.19 -36.46
C ILE D 51 14.11 17.82 -37.89
N ARG D 52 12.81 17.78 -38.22
CA ARG D 52 12.44 17.51 -39.60
C ARG D 52 12.92 18.61 -40.53
N HIS D 53 12.98 19.85 -40.04
CA HIS D 53 13.43 20.96 -40.86
C HIS D 53 14.93 20.89 -41.15
N GLN D 54 15.69 20.15 -40.33
CA GLN D 54 17.11 19.95 -40.54
C GLN D 54 17.40 18.81 -41.50
N LEU D 55 16.43 18.40 -42.30
CA LEU D 55 16.52 17.28 -43.21
C LEU D 55 16.06 17.70 -44.59
N PRO D 56 16.48 16.97 -45.63
CA PRO D 56 16.02 17.31 -46.99
C PRO D 56 14.51 17.23 -47.10
N LYS D 57 13.97 18.05 -48.01
CA LYS D 57 12.52 18.13 -48.19
C LYS D 57 11.92 16.78 -48.52
N GLU D 58 12.67 15.91 -49.19
CA GLU D 58 12.21 14.55 -49.45
C GLU D 58 11.95 13.78 -48.17
N TYR D 59 12.62 14.14 -47.07
CA TYR D 59 12.45 13.47 -45.79
C TYR D 59 11.50 14.21 -44.85
N SER D 60 11.53 15.54 -44.86
CA SER D 60 10.63 16.30 -44.00
C SER D 60 9.16 16.03 -44.36
N SER D 61 8.87 15.92 -45.66
CA SER D 61 7.52 15.60 -46.09
C SER D 61 7.10 14.23 -45.60
N GLU D 62 7.99 13.25 -45.65
CA GLU D 62 7.69 11.91 -45.16
C GLU D 62 7.44 11.92 -43.66
N LEU D 63 8.22 12.72 -42.92
CA LEU D 63 8.06 12.79 -41.47
C LEU D 63 6.73 13.38 -41.04
N LEU D 64 6.00 14.02 -41.95
CA LEU D 64 4.70 14.58 -41.60
C LEU D 64 3.68 13.51 -41.26
N CYS D 65 3.85 12.30 -41.76
CA CYS D 65 2.92 11.22 -41.47
C CYS D 65 3.16 10.70 -40.06
N PRO D 66 2.16 10.74 -39.17
CA PRO D 66 2.36 10.19 -37.82
C PRO D 66 2.71 8.71 -37.82
N ARG D 67 2.16 7.93 -38.74
CA ARG D 67 2.50 6.51 -38.80
C ARG D 67 3.97 6.32 -39.18
N LYS D 68 4.41 7.02 -40.22
CA LYS D 68 5.82 6.96 -40.61
C LYS D 68 6.72 7.51 -39.51
N ARG D 69 6.26 8.55 -38.82
CA ARG D 69 7.04 9.13 -37.73
C ARG D 69 7.20 8.13 -36.59
N LYS D 70 6.13 7.42 -36.23
CA LYS D 70 6.23 6.38 -35.21
C LYS D 70 7.11 5.23 -35.68
N THR D 71 7.06 4.90 -36.97
CA THR D 71 7.95 3.88 -37.52
C THR D 71 9.41 4.30 -37.35
N VAL D 72 9.72 5.55 -37.66
CA VAL D 72 11.08 6.04 -37.49
C VAL D 72 11.47 6.05 -36.02
N GLU D 73 10.53 6.39 -35.15
CA GLU D 73 10.80 6.34 -33.71
C GLU D 73 11.15 4.93 -33.25
N ALA D 74 10.39 3.94 -33.74
CA ALA D 74 10.69 2.55 -33.39
C ALA D 74 12.05 2.14 -33.95
N ASN D 75 12.37 2.58 -35.16
CA ASN D 75 13.68 2.29 -35.73
C ASN D 75 14.79 2.88 -34.87
N ILE D 76 14.61 4.12 -34.40
CA ILE D 76 15.59 4.75 -33.53
C ILE D 76 15.73 3.97 -32.23
N ARG D 77 14.60 3.55 -31.66
CA ARG D 77 14.64 2.75 -30.44
C ARG D 77 15.44 1.47 -30.64
N ASP D 78 15.21 0.79 -31.77
CA ASP D 78 15.91 -0.47 -32.03
C ASP D 78 17.40 -0.23 -32.26
N MET D 79 17.75 0.80 -33.02
CA MET D 79 19.16 1.08 -33.27
C MET D 79 19.89 1.49 -31.99
N LEU D 80 19.25 2.28 -31.14
CA LEU D 80 19.84 2.69 -29.87
C LEU D 80 19.88 1.49 -28.94
N VAL D 81 21.06 0.91 -28.78
CA VAL D 81 21.26 -0.27 -27.93
C VAL D 81 22.15 0.05 -26.74
N ASP D 82 23.27 0.74 -26.98
CA ASP D 82 24.18 1.10 -25.90
C ASP D 82 23.52 2.11 -24.97
N SER D 83 23.26 1.69 -23.73
CA SER D 83 22.64 2.56 -22.73
C SER D 83 23.71 3.51 -22.20
N VAL D 84 23.99 4.55 -23.00
CA VAL D 84 25.04 5.50 -22.64
C VAL D 84 24.57 6.35 -21.46
N GLU D 85 25.41 6.43 -20.44
CA GLU D 85 25.09 7.22 -19.27
C GLU D 85 25.38 8.70 -19.51
N THR D 86 24.81 9.54 -18.66
CA THR D 86 24.90 10.98 -18.82
C THR D 86 25.22 11.64 -17.47
N ASP D 87 25.33 12.97 -17.50
CA ASP D 87 25.56 13.78 -16.31
C ASP D 87 26.82 13.34 -15.56
N THR D 88 27.95 13.37 -16.26
CA THR D 88 29.23 12.97 -15.70
C THR D 88 29.97 14.15 -15.09
N TYR D 89 30.11 15.22 -15.86
CA TYR D 89 30.85 16.40 -15.43
C TYR D 89 30.17 17.05 -14.23
N PRO D 90 30.93 17.46 -13.21
CA PRO D 90 30.34 18.23 -12.11
C PRO D 90 30.49 19.73 -12.27
N ASP D 91 31.22 20.17 -13.30
CA ASP D 91 31.59 21.56 -13.46
C ASP D 91 30.73 22.29 -14.49
N LYS D 92 29.65 21.68 -14.98
CA LYS D 92 28.82 22.27 -16.01
C LYS D 92 27.44 22.57 -15.44
N LEU D 93 26.96 23.79 -15.66
CA LEU D 93 25.67 24.21 -15.14
C LEU D 93 24.66 24.33 -16.27
N PRO D 94 23.70 23.42 -16.36
CA PRO D 94 22.71 23.49 -17.45
C PRO D 94 21.69 24.59 -17.24
N PHE D 95 21.15 25.07 -18.36
CA PHE D 95 20.11 26.08 -18.38
C PHE D 95 19.06 25.68 -19.41
N LYS D 96 17.99 26.48 -19.49
CA LYS D 96 17.00 26.29 -20.54
C LYS D 96 17.48 26.79 -21.90
N ASN D 97 18.62 27.51 -21.93
CA ASN D 97 19.21 27.97 -23.17
C ASN D 97 20.53 27.28 -23.48
N GLY D 98 20.95 26.33 -22.64
CA GLY D 98 22.22 25.67 -22.83
C GLY D 98 22.94 25.33 -21.55
N VAL D 99 24.27 25.32 -21.58
CA VAL D 99 25.09 24.90 -20.46
C VAL D 99 26.10 26.01 -20.15
N LEU D 100 26.22 26.36 -18.88
CA LEU D 100 27.20 27.32 -18.40
C LEU D 100 28.32 26.59 -17.69
N ASP D 101 29.56 26.86 -18.09
CA ASP D 101 30.70 26.23 -17.45
C ASP D 101 31.08 26.98 -16.18
N LEU D 102 31.40 26.23 -15.12
CA LEU D 102 31.84 26.82 -13.88
C LEU D 102 33.33 27.12 -13.87
N VAL D 103 34.09 26.62 -14.84
CA VAL D 103 35.53 26.83 -14.85
C VAL D 103 35.87 28.21 -15.40
N ASP D 104 35.53 28.45 -16.65
CA ASP D 104 35.81 29.73 -17.29
C ASP D 104 34.65 30.71 -17.24
N GLY D 105 33.49 30.30 -16.73
CA GLY D 105 32.34 31.18 -16.71
C GLY D 105 31.68 31.38 -18.05
N MET D 106 32.02 30.59 -19.06
CA MET D 106 31.45 30.73 -20.39
C MET D 106 30.21 29.86 -20.54
N PHE D 107 29.15 30.44 -21.07
CA PHE D 107 27.90 29.74 -21.28
C PHE D 107 27.83 29.24 -22.71
N TYR D 108 27.43 27.98 -22.87
CA TYR D 108 27.34 27.34 -24.18
C TYR D 108 25.87 27.13 -24.54
N SER D 109 25.61 27.04 -25.84
CA SER D 109 24.26 26.89 -26.33
C SER D 109 24.29 26.13 -27.66
N GLY D 110 23.14 25.57 -28.02
CA GLY D 110 23.05 24.85 -29.27
C GLY D 110 23.90 23.60 -29.25
N ASP D 111 24.56 23.32 -30.38
CA ASP D 111 25.42 22.14 -30.47
C ASP D 111 26.55 22.17 -29.47
N ASP D 112 26.99 23.38 -29.07
CA ASP D 112 27.98 23.48 -28.01
C ASP D 112 27.45 22.91 -26.71
N ALA D 113 26.20 23.21 -26.37
CA ALA D 113 25.55 22.61 -25.22
C ALA D 113 25.15 21.17 -25.46
N LYS D 114 24.92 20.78 -26.72
CA LYS D 114 24.57 19.40 -27.02
C LYS D 114 25.71 18.44 -26.68
N LYS D 115 26.95 18.91 -26.77
CA LYS D 115 28.08 18.08 -26.36
C LYS D 115 27.95 17.64 -24.91
N TYR D 116 27.23 18.41 -24.10
CA TYR D 116 26.96 18.07 -22.71
C TYR D 116 25.57 17.46 -22.61
N THR D 117 25.45 16.35 -21.89
CA THR D 117 24.20 15.63 -21.74
C THR D 117 23.71 15.82 -20.30
N CYS D 118 22.86 16.82 -20.11
CA CYS D 118 22.33 17.17 -18.79
C CYS D 118 20.85 16.84 -18.74
N THR D 119 20.50 15.82 -17.94
CA THR D 119 19.09 15.44 -17.81
C THR D 119 18.26 16.53 -17.15
N VAL D 120 18.81 17.23 -16.17
CA VAL D 120 18.10 18.29 -15.46
C VAL D 120 18.69 19.63 -15.88
N SER D 121 18.06 20.71 -15.43
CA SER D 121 18.52 22.06 -15.73
C SER D 121 18.06 23.00 -14.64
N THR D 122 18.54 24.24 -14.71
CA THR D 122 18.18 25.24 -13.71
C THR D 122 16.71 25.65 -13.78
N GLY D 123 16.00 25.28 -14.84
CA GLY D 123 14.60 25.59 -14.95
C GLY D 123 14.27 26.96 -15.48
N PHE D 124 15.25 27.71 -15.97
CA PHE D 124 14.99 29.00 -16.58
C PHE D 124 16.07 29.32 -17.60
N LYS D 125 15.75 30.23 -18.51
CA LYS D 125 16.69 30.62 -19.55
C LYS D 125 17.85 31.42 -18.97
N PHE D 126 19.04 31.22 -19.55
CA PHE D 126 20.21 31.96 -19.13
C PHE D 126 20.20 33.36 -19.75
N ASP D 127 20.62 34.34 -18.96
CA ASP D 127 20.71 35.73 -19.42
C ASP D 127 22.06 36.28 -18.97
N ASP D 128 22.97 36.45 -19.93
CA ASP D 128 24.29 37.01 -19.60
C ASP D 128 24.20 38.49 -19.22
N THR D 129 23.21 39.20 -19.77
CA THR D 129 23.06 40.62 -19.43
C THR D 129 22.80 40.81 -17.95
N LYS D 130 21.92 39.98 -17.37
CA LYS D 130 21.72 39.99 -15.94
C LYS D 130 22.86 39.29 -15.20
N PHE D 131 23.59 38.41 -15.87
CA PHE D 131 24.73 37.71 -15.26
C PHE D 131 25.97 38.61 -15.36
N VAL D 132 25.95 39.67 -14.56
CA VAL D 132 27.03 40.63 -14.51
C VAL D 132 27.34 40.96 -13.06
N GLU D 133 28.53 41.51 -12.84
CA GLU D 133 28.98 41.89 -11.51
C GLU D 133 28.75 43.36 -11.21
N ASP D 134 28.91 44.23 -12.20
CA ASP D 134 28.73 45.67 -12.01
C ASP D 134 27.26 46.04 -12.16
N SER D 135 26.46 45.57 -11.22
CA SER D 135 25.04 45.83 -11.19
C SER D 135 24.63 46.23 -9.78
N PRO D 136 23.60 47.08 -9.65
CA PRO D 136 23.11 47.41 -8.30
C PRO D 136 22.63 46.20 -7.53
N GLU D 137 22.02 45.22 -8.21
CA GLU D 137 21.56 44.02 -7.54
C GLU D 137 22.73 43.26 -6.93
N MET D 138 23.85 43.18 -7.65
CA MET D 138 25.02 42.50 -7.11
C MET D 138 25.52 43.17 -5.84
N GLU D 139 25.61 44.50 -5.84
CA GLU D 139 26.06 45.22 -4.66
C GLU D 139 25.10 45.03 -3.49
N GLU D 140 23.79 45.12 -3.77
CA GLU D 140 22.81 44.93 -2.71
C GLU D 140 22.89 43.53 -2.12
N LEU D 141 23.05 42.52 -2.98
CA LEU D 141 23.14 41.15 -2.49
C LEU D 141 24.44 40.91 -1.72
N MET D 142 25.53 41.56 -2.16
CA MET D 142 26.77 41.48 -1.39
C MET D 142 26.59 42.07 0.01
N ASN D 143 25.89 43.21 0.08
CA ASN D 143 25.58 43.80 1.39
C ASN D 143 24.74 42.85 2.23
N ILE D 144 23.76 42.21 1.60
CA ILE D 144 22.90 41.26 2.31
C ILE D 144 23.73 40.11 2.87
N ILE D 145 24.62 39.56 2.05
CA ILE D 145 25.45 38.43 2.48
C ILE D 145 26.38 38.85 3.61
N ASN D 146 26.97 40.04 3.50
CA ASN D 146 27.83 40.54 4.58
C ASN D 146 27.03 40.72 5.86
N ASP D 147 25.77 41.15 5.75
CA ASP D 147 24.90 41.22 6.92
C ASP D 147 24.68 39.83 7.51
N ILE D 148 24.41 38.85 6.65
CA ILE D 148 24.17 37.49 7.14
C ILE D 148 25.44 36.91 7.76
N GLN D 149 26.56 37.02 7.05
CA GLN D 149 27.84 36.55 7.55
C GLN D 149 28.84 37.72 7.49
N PRO D 150 29.19 38.30 8.64
CA PRO D 150 30.12 39.43 8.62
C PRO D 150 31.49 39.04 8.07
N LEU D 151 32.11 39.98 7.38
CA LEU D 151 33.47 39.81 6.88
C LEU D 151 34.51 40.14 7.94
N THR D 152 34.37 39.50 9.10
CA THR D 152 35.25 39.72 10.24
C THR D 152 36.21 38.56 10.39
N ASP D 153 37.41 38.85 10.89
CA ASP D 153 38.42 37.82 11.06
C ASP D 153 37.97 36.74 12.03
N GLU D 154 37.17 37.10 13.03
CA GLU D 154 36.61 36.10 13.94
C GLU D 154 35.69 35.14 13.19
N ASN D 155 34.89 35.67 12.26
CA ASN D 155 34.00 34.87 11.43
C ASN D 155 34.61 34.55 10.07
N LYS D 156 35.89 34.88 9.87
CA LYS D 156 36.51 34.69 8.56
C LYS D 156 36.50 33.22 8.15
N LYS D 157 36.85 32.33 9.09
CA LYS D 157 36.78 30.91 8.78
C LYS D 157 35.34 30.47 8.56
N ASN D 158 34.41 30.93 9.41
CA ASN D 158 33.00 30.56 9.25
C ASN D 158 32.44 31.12 7.95
N ARG D 159 32.75 32.39 7.64
CA ARG D 159 32.29 33.00 6.39
C ARG D 159 32.87 32.27 5.19
N GLU D 160 34.15 31.91 5.24
CA GLU D 160 34.78 31.21 4.13
C GLU D 160 34.17 29.82 3.95
N LEU D 161 33.90 29.12 5.04
CA LEU D 161 33.24 27.82 4.94
C LEU D 161 31.84 27.95 4.35
N TYR D 162 31.11 28.99 4.76
CA TYR D 162 29.78 29.24 4.19
C TYR D 162 29.87 29.51 2.69
N GLU D 163 30.85 30.31 2.28
CA GLU D 163 31.04 30.59 0.86
C GLU D 163 31.41 29.33 0.10
N LYS D 164 32.26 28.49 0.68
CA LYS D 164 32.64 27.24 0.04
C LYS D 164 31.43 26.32 -0.12
N THR D 165 30.58 26.25 0.91
CA THR D 165 29.37 25.44 0.80
C THR D 165 28.44 25.97 -0.29
N LEU D 166 28.26 27.29 -0.35
CA LEU D 166 27.40 27.87 -1.38
C LEU D 166 27.97 27.61 -2.78
N SER D 167 29.29 27.70 -2.93
CA SER D 167 29.90 27.39 -4.21
C SER D 167 29.73 25.91 -4.56
N SER D 168 29.88 25.03 -3.59
CA SER D 168 29.70 23.59 -3.81
C SER D 168 28.24 23.23 -4.06
N CYS D 169 27.31 24.12 -3.76
CA CYS D 169 25.92 23.88 -4.12
C CYS D 169 25.75 23.73 -5.63
N LEU D 170 26.70 24.23 -6.42
CA LEU D 170 26.68 24.06 -7.87
C LEU D 170 27.37 22.79 -8.33
N CYS D 171 27.94 22.01 -7.41
CA CYS D 171 28.67 20.81 -7.79
C CYS D 171 27.74 19.75 -8.36
N GLY D 172 28.20 19.08 -9.42
CA GLY D 172 27.44 18.00 -10.01
C GLY D 172 27.94 16.64 -9.58
N ALA D 173 28.69 16.59 -8.49
CA ALA D 173 29.24 15.36 -7.95
C ALA D 173 28.75 15.15 -6.52
N THR D 174 29.19 14.05 -5.92
CA THR D 174 28.76 13.68 -4.58
C THR D 174 29.37 14.62 -3.55
N LYS D 175 28.60 14.90 -2.50
CA LYS D 175 29.08 15.71 -1.39
C LYS D 175 29.72 14.79 -0.36
N GLY D 176 31.02 14.96 -0.14
CA GLY D 176 31.77 14.12 0.78
C GLY D 176 31.71 14.53 2.24
N CYS D 177 31.04 15.64 2.56
CA CYS D 177 30.97 16.09 3.94
C CYS D 177 29.71 16.92 4.12
N LEU D 178 28.81 16.45 4.97
CA LEU D 178 27.56 17.17 5.24
C LEU D 178 27.85 18.50 5.92
N THR D 179 27.03 19.50 5.59
CA THR D 179 27.17 20.85 6.13
C THR D 179 25.97 21.18 7.01
N PHE D 180 26.25 21.78 8.17
CA PHE D 180 25.24 22.18 9.13
C PHE D 180 25.20 23.69 9.22
N PHE D 181 24.01 24.27 9.10
CA PHE D 181 23.78 25.69 9.32
C PHE D 181 23.21 25.85 10.72
N PHE D 182 24.08 26.20 11.68
CA PHE D 182 23.68 26.36 13.06
C PHE D 182 23.51 27.84 13.39
N GLY D 183 22.58 28.12 14.29
CA GLY D 183 22.32 29.47 14.74
C GLY D 183 21.02 29.56 15.49
N GLU D 184 20.35 30.70 15.39
CA GLU D 184 19.03 30.90 15.95
C GLU D 184 18.03 31.13 14.84
N THR D 185 16.77 31.34 15.22
CA THR D 185 15.72 31.56 14.24
C THR D 185 15.93 32.90 13.53
N ALA D 186 15.75 32.88 12.20
CA ALA D 186 15.83 34.09 11.37
C ALA D 186 17.18 34.78 11.51
N THR D 187 18.24 33.98 11.48
CA THR D 187 19.61 34.50 11.48
C THR D 187 20.17 34.66 10.08
N GLY D 188 19.37 34.42 9.05
CA GLY D 188 19.83 34.48 7.67
C GLY D 188 19.87 33.16 6.96
N LYS D 189 19.67 32.04 7.67
CA LYS D 189 19.67 30.73 7.02
C LYS D 189 18.51 30.61 6.03
N SER D 190 17.31 31.03 6.43
CA SER D 190 16.17 30.99 5.53
C SER D 190 16.35 31.92 4.35
N THR D 191 16.91 33.12 4.58
CA THR D 191 17.17 34.05 3.48
C THR D 191 18.16 33.45 2.49
N THR D 192 19.23 32.82 3.00
CA THR D 192 20.19 32.17 2.12
C THR D 192 19.55 31.04 1.34
N LYS D 193 18.71 30.25 2.00
CA LYS D 193 18.03 29.15 1.32
C LYS D 193 17.13 29.67 0.20
N ARG D 194 16.36 30.73 0.48
CA ARG D 194 15.48 31.29 -0.53
C ARG D 194 16.28 31.88 -1.70
N LEU D 195 17.39 32.56 -1.38
CA LEU D 195 18.23 33.12 -2.45
C LEU D 195 18.80 32.02 -3.33
N LEU D 196 19.29 30.94 -2.72
CA LEU D 196 19.82 29.83 -3.50
C LEU D 196 18.73 29.18 -4.35
N LYS D 197 17.54 29.01 -3.78
CA LYS D 197 16.44 28.42 -4.54
C LYS D 197 16.07 29.29 -5.73
N SER D 198 15.97 30.60 -5.52
CA SER D 198 15.65 31.49 -6.63
C SER D 198 16.76 31.51 -7.66
N ALA D 199 18.02 31.36 -7.23
CA ALA D 199 19.13 31.41 -8.17
C ALA D 199 19.21 30.15 -9.02
N ILE D 200 18.89 28.99 -8.45
CA ILE D 200 19.12 27.72 -9.14
C ILE D 200 17.85 27.07 -9.66
N GLY D 201 16.67 27.63 -9.37
CA GLY D 201 15.45 27.14 -9.98
C GLY D 201 15.13 25.69 -9.67
N ASP D 202 14.94 24.89 -10.73
CA ASP D 202 14.52 23.51 -10.55
C ASP D 202 15.59 22.67 -9.86
N LEU D 203 16.85 23.09 -9.94
CA LEU D 203 17.92 22.34 -9.29
C LEU D 203 17.78 22.30 -7.78
N PHE D 204 17.04 23.25 -7.21
CA PHE D 204 16.84 23.30 -5.77
C PHE D 204 15.83 22.24 -5.33
N VAL D 205 16.05 21.72 -4.12
CA VAL D 205 15.08 20.84 -3.48
C VAL D 205 15.30 20.94 -1.96
N GLU D 206 14.20 20.90 -1.22
CA GLU D 206 14.24 21.00 0.23
C GLU D 206 13.48 19.84 0.85
N THR D 207 13.85 19.49 2.07
CA THR D 207 13.19 18.42 2.80
C THR D 207 13.26 18.72 4.29
N GLY D 208 12.47 17.98 5.06
CA GLY D 208 12.37 18.15 6.49
C GLY D 208 13.33 17.27 7.25
N GLN D 209 12.90 16.84 8.44
CA GLN D 209 13.70 15.99 9.32
C GLN D 209 13.47 14.52 9.07
N THR D 210 12.64 14.15 8.09
CA THR D 210 12.29 12.75 7.87
C THR D 210 13.51 11.93 7.50
N ILE D 211 14.32 12.42 6.56
CA ILE D 211 15.47 11.65 6.09
C ILE D 211 16.58 11.59 7.12
N LEU D 212 16.56 12.48 8.12
CA LEU D 212 17.63 12.55 9.10
C LEU D 212 17.41 11.65 10.30
N THR D 213 16.16 11.34 10.63
CA THR D 213 15.85 10.54 11.81
C THR D 213 15.09 9.26 11.49
N ASP D 214 14.85 8.95 10.23
CA ASP D 214 14.13 7.76 9.83
C ASP D 214 14.93 6.96 8.81
N VAL D 215 14.64 5.67 8.73
CA VAL D 215 15.33 4.79 7.79
C VAL D 215 14.75 5.01 6.40
N LEU D 216 15.62 5.40 5.46
CA LEU D 216 15.15 5.72 4.11
C LEU D 216 14.82 4.45 3.33
N ASP D 217 15.64 3.40 3.48
CA ASP D 217 15.49 2.18 2.70
C ASP D 217 14.38 1.34 3.35
N LYS D 218 13.14 1.76 3.10
CA LYS D 218 11.97 1.03 3.59
C LYS D 218 10.85 1.23 2.57
N GLY D 219 10.74 0.28 1.63
CA GLY D 219 9.76 0.36 0.59
C GLY D 219 9.98 1.55 -0.32
N PRO D 220 8.90 2.10 -0.87
CA PRO D 220 9.02 3.32 -1.68
C PRO D 220 9.48 4.49 -0.83
N ASN D 221 10.23 5.40 -1.45
CA ASN D 221 10.73 6.60 -0.77
C ASN D 221 10.72 7.75 -1.77
N PRO D 222 9.69 8.60 -1.71
CA PRO D 222 9.65 9.76 -2.61
C PRO D 222 10.81 10.73 -2.41
N PHE D 223 11.29 10.87 -1.17
CA PHE D 223 12.36 11.84 -0.91
C PHE D 223 13.62 11.50 -1.70
N ILE D 224 14.02 10.23 -1.68
CA ILE D 224 15.22 9.81 -2.41
C ILE D 224 15.03 9.99 -3.91
N ALA D 225 13.83 9.69 -4.40
CA ALA D 225 13.56 9.87 -5.83
C ALA D 225 13.67 11.33 -6.22
N ASN D 226 13.15 12.23 -5.39
CA ASN D 226 13.26 13.66 -5.69
C ASN D 226 14.68 14.17 -5.59
N MET D 227 15.45 13.66 -4.62
CA MET D 227 16.82 14.14 -4.42
C MET D 227 17.79 13.67 -5.49
N HIS D 228 17.41 12.70 -6.31
CA HIS D 228 18.32 12.21 -7.33
C HIS D 228 18.54 13.27 -8.40
N LEU D 229 19.77 13.32 -8.92
CA LEU D 229 20.15 14.24 -10.00
C LEU D 229 19.88 15.69 -9.60
N LYS D 230 20.13 16.02 -8.34
CA LYS D 230 19.92 17.36 -7.83
C LYS D 230 21.26 18.06 -7.59
N ARG D 231 21.18 19.36 -7.28
CA ARG D 231 22.35 20.17 -7.02
C ARG D 231 22.49 20.58 -5.57
N SER D 232 21.38 20.73 -4.84
CA SER D 232 21.45 21.16 -3.44
C SER D 232 20.20 20.68 -2.71
N VAL D 233 20.39 20.26 -1.46
CA VAL D 233 19.30 19.79 -0.61
C VAL D 233 19.36 20.56 0.70
N PHE D 234 18.19 21.04 1.16
CA PHE D 234 18.08 21.75 2.43
C PHE D 234 17.25 20.90 3.39
N CYS D 235 17.81 20.64 4.57
CA CYS D 235 17.16 19.86 5.61
C CYS D 235 16.92 20.79 6.80
N SER D 236 15.74 21.40 6.85
CA SER D 236 15.38 22.33 7.89
C SER D 236 14.46 21.67 8.91
N GLU D 237 13.96 22.47 9.86
CA GLU D 237 12.97 22.03 10.83
C GLU D 237 13.49 20.88 11.71
N LEU D 238 14.57 21.17 12.44
CA LEU D 238 15.07 20.18 13.37
C LEU D 238 14.51 20.45 14.78
N PRO D 239 14.30 19.40 15.56
CA PRO D 239 13.68 19.55 16.88
C PRO D 239 14.70 19.86 17.97
N ASP D 240 14.19 20.15 19.15
CA ASP D 240 15.03 20.34 20.32
C ASP D 240 15.56 18.98 20.77
N PHE D 241 16.82 18.69 20.41
CA PHE D 241 17.37 17.36 20.66
C PHE D 241 17.58 17.12 22.16
N ALA D 242 17.82 18.16 22.94
CA ALA D 242 18.00 18.01 24.37
C ALA D 242 16.70 17.64 25.08
N CYS D 243 15.55 17.87 24.46
CA CYS D 243 14.26 17.60 25.07
C CYS D 243 13.70 16.27 24.58
N SER D 244 12.77 15.72 25.36
CA SER D 244 12.16 14.44 25.03
C SER D 244 11.21 14.58 23.84
N GLY D 245 10.92 13.46 23.20
CA GLY D 245 10.07 13.45 22.03
C GLY D 245 10.77 13.82 20.74
N SER D 246 12.08 14.07 20.76
CA SER D 246 12.84 14.44 19.58
C SER D 246 13.85 13.34 19.28
N LYS D 247 13.81 12.84 18.05
CA LYS D 247 14.74 11.79 17.64
C LYS D 247 16.13 12.36 17.40
N LYS D 248 17.11 11.46 17.38
CA LYS D 248 18.50 11.82 17.12
C LYS D 248 18.83 11.63 15.65
N ILE D 249 19.83 12.37 15.18
CA ILE D 249 20.26 12.27 13.80
C ILE D 249 20.96 10.94 13.60
N ARG D 250 20.43 10.12 12.68
CA ARG D 250 20.98 8.80 12.44
C ARG D 250 22.27 8.90 11.64
N SER D 251 23.39 8.49 12.25
CA SER D 251 24.66 8.47 11.53
C SER D 251 24.60 7.53 10.33
N ASP D 252 23.79 6.47 10.43
CA ASP D 252 23.62 5.57 9.29
C ASP D 252 23.01 6.30 8.11
N ASN D 253 22.00 7.13 8.36
CA ASN D 253 21.40 7.91 7.28
C ASN D 253 22.41 8.89 6.67
N ILE D 254 23.21 9.53 7.52
CA ILE D 254 24.21 10.48 7.04
C ILE D 254 25.22 9.78 6.14
N LYS D 255 25.70 8.61 6.56
CA LYS D 255 26.61 7.85 5.73
C LYS D 255 25.95 7.32 4.47
N LYS D 256 24.64 7.05 4.52
CA LYS D 256 23.91 6.67 3.31
C LYS D 256 23.89 7.81 2.30
N LEU D 257 23.70 9.03 2.77
CA LEU D 257 23.71 10.19 1.86
C LEU D 257 25.12 10.71 1.64
N THR D 258 26.02 9.81 1.24
CA THR D 258 27.38 10.21 0.90
C THR D 258 27.93 9.43 -0.29
N GLU D 259 27.07 8.74 -1.03
CA GLU D 259 27.53 7.92 -2.14
C GLU D 259 27.05 8.50 -3.47
N PRO D 260 27.80 8.25 -4.55
CA PRO D 260 27.36 8.76 -5.86
C PRO D 260 25.98 8.26 -6.28
N CYS D 261 25.63 7.04 -5.91
CA CYS D 261 24.33 6.46 -6.24
C CYS D 261 23.68 5.96 -4.95
N VAL D 262 22.85 6.80 -4.35
CA VAL D 262 22.18 6.46 -3.11
C VAL D 262 20.94 5.62 -3.42
N ILE D 263 20.80 4.51 -2.70
CA ILE D 263 19.70 3.57 -2.92
C ILE D 263 18.39 4.17 -2.41
N GLY D 264 17.28 3.55 -2.78
CA GLY D 264 15.96 4.02 -2.38
C GLY D 264 14.93 3.83 -3.47
N ARG D 265 13.82 3.18 -3.15
CA ARG D 265 12.84 2.81 -4.16
C ARG D 265 11.92 3.98 -4.47
N PRO D 266 11.73 4.32 -5.75
CA PRO D 266 10.72 5.34 -6.10
C PRO D 266 9.31 4.77 -6.05
N CYS D 267 8.33 5.57 -6.47
CA CYS D 267 6.93 5.18 -6.39
C CYS D 267 6.52 4.50 -7.70
N PHE D 268 6.16 3.22 -7.61
CA PHE D 268 5.66 2.43 -8.74
C PHE D 268 6.65 2.46 -9.92
N SER D 269 7.94 2.39 -9.60
CA SER D 269 8.97 2.36 -10.62
C SER D 269 10.24 1.78 -10.01
N ASN D 270 11.15 1.35 -10.88
CA ASN D 270 12.42 0.75 -10.47
C ASN D 270 13.54 1.71 -10.84
N LYS D 271 13.80 2.67 -9.95
CA LYS D 271 14.89 3.63 -10.09
C LYS D 271 15.65 3.73 -8.78
N ILE D 272 15.98 2.58 -8.17
CA ILE D 272 16.64 2.57 -6.88
C ILE D 272 18.00 3.22 -6.96
N ASN D 273 18.69 3.07 -8.09
CA ASN D 273 20.00 3.69 -8.30
C ASN D 273 19.78 5.18 -8.52
N ASN D 274 19.66 5.92 -7.42
CA ASN D 274 19.45 7.36 -7.47
C ASN D 274 20.79 8.06 -7.35
N ARG D 275 21.18 8.75 -8.41
CA ARG D 275 22.47 9.45 -8.41
C ARG D 275 22.40 10.65 -7.50
N ASN D 276 23.38 10.78 -6.61
CA ASN D 276 23.43 11.83 -5.61
C ASN D 276 24.53 12.82 -6.00
N HIS D 277 24.11 13.96 -6.55
CA HIS D 277 25.03 15.03 -6.92
C HIS D 277 24.71 16.33 -6.21
N ALA D 278 23.88 16.29 -5.17
CA ALA D 278 23.35 17.49 -4.54
C ALA D 278 24.15 17.83 -3.28
N THR D 279 24.25 19.12 -3.01
CA THR D 279 24.89 19.62 -1.80
C THR D 279 23.84 19.68 -0.68
N ILE D 280 23.95 18.78 0.28
CA ILE D 280 22.98 18.66 1.36
C ILE D 280 23.36 19.63 2.47
N ILE D 281 22.45 20.54 2.81
CA ILE D 281 22.66 21.54 3.85
C ILE D 281 21.55 21.38 4.89
N ILE D 282 21.91 21.40 6.16
CA ILE D 282 20.98 21.20 7.26
C ILE D 282 20.74 22.52 7.96
N ASP D 283 19.49 22.94 8.02
CA ASP D 283 19.10 24.16 8.71
C ASP D 283 18.54 23.79 10.08
N THR D 284 19.10 24.36 11.14
CA THR D 284 18.66 24.07 12.49
C THR D 284 18.90 25.27 13.38
N ASN D 285 18.15 25.31 14.49
CA ASN D 285 18.33 26.32 15.52
C ASN D 285 18.99 25.78 16.77
N TYR D 286 19.32 24.49 16.80
CA TYR D 286 19.92 23.85 17.95
C TYR D 286 21.09 23.00 17.51
N LYS D 287 22.01 22.77 18.43
CA LYS D 287 23.16 21.92 18.16
C LYS D 287 22.72 20.45 18.09
N PRO D 288 22.96 19.75 16.99
CA PRO D 288 22.39 18.41 16.82
C PRO D 288 23.02 17.38 17.74
N VAL D 289 22.24 16.35 18.04
CA VAL D 289 22.68 15.19 18.82
C VAL D 289 22.48 13.95 17.98
N PHE D 290 23.51 13.11 17.89
CA PHE D 290 23.50 11.95 17.03
C PHE D 290 23.38 10.68 17.85
N ASP D 291 22.67 9.69 17.29
CA ASP D 291 22.55 8.39 17.95
C ASP D 291 23.89 7.66 18.00
N ARG D 292 24.67 7.73 16.94
CA ARG D 292 25.99 7.13 16.87
C ARG D 292 27.00 8.18 16.42
N ILE D 293 28.17 8.18 17.05
CA ILE D 293 29.24 9.12 16.72
C ILE D 293 30.52 8.32 16.51
N ASP D 294 31.20 8.60 15.40
CA ASP D 294 32.46 7.94 15.09
C ASP D 294 33.34 8.90 14.30
N ASN D 295 34.58 8.47 14.04
CA ASN D 295 35.51 9.31 13.30
C ASN D 295 35.01 9.57 11.88
N ALA D 296 34.43 8.56 11.23
CA ALA D 296 33.93 8.73 9.88
C ALA D 296 32.81 9.76 9.82
N LEU D 297 31.88 9.71 10.78
CA LEU D 297 30.80 10.68 10.82
C LEU D 297 31.32 12.08 11.06
N MET D 298 32.28 12.23 11.99
CA MET D 298 32.85 13.55 12.25
C MET D 298 33.61 14.08 11.04
N ARG D 299 34.16 13.21 10.21
CA ARG D 299 34.79 13.62 8.96
C ARG D 299 33.78 13.80 7.83
N ARG D 300 32.51 13.44 8.06
CA ARG D 300 31.45 13.65 7.09
C ARG D 300 30.55 14.82 7.43
N ILE D 301 30.85 15.58 8.48
CA ILE D 301 29.97 16.61 8.99
C ILE D 301 30.75 17.90 9.17
N ALA D 302 30.21 18.99 8.64
CA ALA D 302 30.74 20.34 8.85
C ALA D 302 29.61 21.23 9.37
N VAL D 303 29.98 22.24 10.15
CA VAL D 303 29.01 23.13 10.80
C VAL D 303 29.36 24.57 10.44
N VAL D 304 28.34 25.33 10.04
CA VAL D 304 28.47 26.76 9.78
C VAL D 304 27.55 27.49 10.75
N ARG D 305 28.09 28.48 11.45
CA ARG D 305 27.35 29.24 12.44
C ARG D 305 26.91 30.58 11.88
N PHE D 306 25.63 30.91 12.08
CA PHE D 306 25.08 32.21 11.71
C PHE D 306 25.03 33.07 12.96
N ARG D 307 25.79 34.16 12.97
CA ARG D 307 26.00 34.96 14.17
C ARG D 307 25.59 36.41 13.94
N THR D 308 24.46 36.64 13.25
CA THR D 308 23.95 37.99 13.06
C THR D 308 22.43 37.91 12.96
N HIS D 309 21.75 38.37 13.99
CA HIS D 309 20.29 38.41 14.00
C HIS D 309 19.80 39.62 13.21
N PHE D 310 18.54 39.56 12.80
CA PHE D 310 17.89 40.62 12.02
C PHE D 310 16.53 40.91 12.65
N SER D 311 16.51 41.87 13.58
CA SER D 311 15.28 42.24 14.26
C SER D 311 14.44 43.17 13.38
N TYR D 325 24.82 36.48 19.04
CA TYR D 325 25.24 36.83 17.68
C TYR D 325 26.46 37.75 17.72
N ASP D 326 27.09 37.94 16.57
CA ASP D 326 28.18 38.90 16.44
C ASP D 326 27.68 40.29 16.05
N LYS D 327 26.42 40.43 15.66
CA LYS D 327 25.86 41.73 15.29
C LYS D 327 24.34 41.58 15.24
N VAL D 328 23.66 42.70 15.46
CA VAL D 328 22.20 42.76 15.42
C VAL D 328 21.80 43.93 14.52
N LYS D 329 20.92 43.65 13.55
CA LYS D 329 20.43 44.67 12.62
C LYS D 329 18.92 44.57 12.54
N LEU D 330 18.32 45.45 11.74
CA LEU D 330 16.88 45.49 11.54
C LEU D 330 16.48 44.56 10.40
N LEU D 331 15.19 44.25 10.34
CA LEU D 331 14.65 43.35 9.33
C LEU D 331 14.16 44.13 8.12
N ASP D 332 14.44 43.60 6.93
CA ASP D 332 13.99 44.18 5.67
C ASP D 332 12.80 43.35 5.19
N GLU D 333 11.59 43.92 5.31
CA GLU D 333 10.39 43.19 4.94
C GLU D 333 10.29 43.00 3.43
N GLY D 334 10.65 44.02 2.67
CA GLY D 334 10.52 43.97 1.23
C GLY D 334 11.57 43.17 0.49
N LEU D 335 12.60 42.69 1.18
CA LEU D 335 13.63 41.90 0.53
C LEU D 335 13.11 40.52 0.13
N ASP D 336 12.17 39.97 0.90
CA ASP D 336 11.60 38.68 0.56
C ASP D 336 10.87 38.73 -0.78
N GLY D 337 10.15 39.82 -1.03
CA GLY D 337 9.50 39.98 -2.33
C GLY D 337 10.50 40.03 -3.47
N LYS D 338 11.60 40.76 -3.29
CA LYS D 338 12.64 40.81 -4.31
C LYS D 338 13.24 39.43 -4.56
N ILE D 339 13.45 38.66 -3.49
CA ILE D 339 13.94 37.30 -3.64
C ILE D 339 12.95 36.46 -4.43
N GLN D 340 11.67 36.57 -4.09
CA GLN D 340 10.63 35.83 -4.81
C GLN D 340 10.47 36.31 -6.24
N ASN D 341 10.87 37.54 -6.55
CA ASN D 341 10.83 38.06 -7.90
C ASN D 341 12.09 37.71 -8.69
N ASN D 342 13.02 36.97 -8.09
CA ASN D 342 14.29 36.60 -8.73
C ASN D 342 15.09 37.83 -9.16
N ARG D 343 14.96 38.92 -8.40
CA ARG D 343 15.74 40.11 -8.69
C ARG D 343 17.23 39.86 -8.51
N TYR D 344 17.59 39.11 -7.47
CA TYR D 344 18.99 38.80 -7.17
C TYR D 344 19.38 37.39 -7.62
N ARG D 345 18.59 36.78 -8.50
CA ARG D 345 18.89 35.43 -8.97
C ARG D 345 20.21 35.40 -9.73
N PHE D 346 20.37 36.29 -10.72
CA PHE D 346 21.61 36.29 -11.50
C PHE D 346 22.78 36.83 -10.71
N ALA D 347 22.54 37.78 -9.80
CA ALA D 347 23.60 38.24 -8.92
C ALA D 347 24.08 37.11 -8.01
N PHE D 348 23.14 36.35 -7.46
CA PHE D 348 23.52 35.20 -6.63
C PHE D 348 24.26 34.16 -7.46
N LEU D 349 23.83 33.94 -8.70
CA LEU D 349 24.51 32.99 -9.57
C LEU D 349 25.93 33.44 -9.86
N TYR D 350 26.13 34.73 -10.14
CA TYR D 350 27.47 35.24 -10.39
C TYR D 350 28.35 35.12 -9.15
N LEU D 351 27.78 35.40 -7.98
CA LEU D 351 28.54 35.25 -6.74
C LEU D 351 28.93 33.78 -6.52
N LEU D 352 28.01 32.86 -6.79
CA LEU D 352 28.33 31.45 -6.64
C LEU D 352 29.41 31.01 -7.62
N VAL D 353 29.36 31.52 -8.86
CA VAL D 353 30.40 31.21 -9.83
C VAL D 353 31.75 31.73 -9.36
N LYS D 354 31.77 32.95 -8.84
CA LYS D 354 33.01 33.52 -8.33
C LYS D 354 33.57 32.70 -7.18
N TRP D 355 32.69 32.27 -6.26
CA TRP D 355 33.14 31.46 -5.13
C TRP D 355 33.63 30.09 -5.60
N TYR D 356 32.97 29.51 -6.59
CA TYR D 356 33.39 28.23 -7.12
C TYR D 356 34.78 28.33 -7.77
N LYS D 357 35.01 29.41 -8.51
CA LYS D 357 36.33 29.63 -9.08
C LYS D 357 37.37 29.88 -7.99
N LYS D 358 36.98 30.59 -6.93
CA LYS D 358 37.91 30.88 -5.85
C LYS D 358 38.29 29.62 -5.06
N TYR D 359 37.34 28.71 -4.87
CA TYR D 359 37.52 27.57 -3.98
C TYR D 359 37.63 26.25 -4.73
N HIS D 360 36.64 25.91 -5.54
CA HIS D 360 36.49 24.57 -6.07
C HIS D 360 37.16 24.37 -7.43
N VAL D 361 37.74 25.42 -8.00
CA VAL D 361 38.50 25.31 -9.24
C VAL D 361 39.95 25.00 -8.89
N PRO D 362 40.54 23.93 -9.43
CA PRO D 362 39.96 22.99 -10.39
C PRO D 362 39.34 21.75 -9.72
N ILE D 363 39.51 21.56 -8.42
CA ILE D 363 39.10 20.34 -7.74
C ILE D 363 38.17 20.71 -6.58
N MET D 364 37.10 19.94 -6.43
CA MET D 364 36.19 20.12 -5.30
C MET D 364 36.90 19.84 -3.98
N LYS D 365 36.57 20.64 -2.97
CA LYS D 365 37.10 20.49 -1.63
C LYS D 365 35.97 20.59 -0.62
N LEU D 366 35.85 19.56 0.22
CA LEU D 366 34.81 19.47 1.24
C LEU D 366 35.46 18.96 2.53
N TYR D 367 35.89 19.88 3.37
CA TYR D 367 36.58 19.49 4.60
C TYR D 367 35.63 19.56 5.78
N PRO D 368 35.74 18.64 6.74
CA PRO D 368 34.80 18.62 7.86
C PRO D 368 35.17 19.58 8.97
N THR D 369 34.14 20.13 9.60
CA THR D 369 34.28 20.96 10.79
C THR D 369 33.29 20.47 11.84
N PRO D 370 33.60 19.37 12.53
CA PRO D 370 32.66 18.83 13.53
C PRO D 370 32.82 19.43 14.92
N GLU D 371 33.81 20.30 15.11
CA GLU D 371 34.12 20.82 16.44
C GLU D 371 33.13 21.89 16.92
N GLU D 372 32.02 22.06 16.20
CA GLU D 372 31.01 23.05 16.58
C GLU D 372 29.76 22.34 17.08
N ILE D 373 29.94 21.18 17.69
CA ILE D 373 28.83 20.38 18.21
C ILE D 373 29.25 19.80 19.56
N PRO D 374 28.42 19.91 20.60
CA PRO D 374 28.85 19.50 21.94
C PRO D 374 29.27 18.04 22.04
N ASP D 375 28.41 17.14 21.57
CA ASP D 375 28.77 15.72 21.57
C ASP D 375 29.95 15.44 20.65
N PHE D 376 29.97 16.08 19.48
CA PHE D 376 31.11 15.93 18.58
C PHE D 376 32.38 16.48 19.20
N ALA D 377 32.30 17.62 19.88
CA ALA D 377 33.47 18.16 20.57
C ALA D 377 33.95 17.23 21.67
N PHE D 378 33.01 16.63 22.41
CA PHE D 378 33.38 15.67 23.45
C PHE D 378 34.10 14.48 22.85
N TYR D 379 33.57 13.94 21.74
CA TYR D 379 34.21 12.78 21.12
C TYR D 379 35.57 13.15 20.52
N LEU D 380 35.70 14.36 19.96
CA LEU D 380 37.00 14.79 19.45
C LEU D 380 38.03 14.91 20.57
N LYS D 381 37.63 15.50 21.69
CA LYS D 381 38.54 15.60 22.83
C LYS D 381 38.90 14.21 23.37
N ILE D 382 37.93 13.30 23.41
CA ILE D 382 38.21 11.92 23.81
C ILE D 382 39.25 11.31 22.89
N GLY D 383 39.02 11.41 21.57
CA GLY D 383 39.96 10.83 20.62
C GLY D 383 41.35 11.43 20.72
N THR D 384 41.42 12.73 21.02
CA THR D 384 42.74 13.35 21.23
C THR D 384 43.36 12.88 22.54
N LEU D 385 42.54 12.49 23.50
CA LEU D 385 43.03 12.07 24.81
C LEU D 385 42.94 10.57 25.07
N LEU D 386 42.20 9.83 24.24
CA LEU D 386 41.94 8.41 24.47
C LEU D 386 42.33 7.59 23.25
N VAL D 387 43.56 7.78 22.77
CA VAL D 387 44.05 6.98 21.66
C VAL D 387 43.97 5.50 22.02
N SER D 388 43.48 4.70 21.08
CA SER D 388 43.20 3.30 21.34
C SER D 388 44.47 2.52 21.62
N SER D 389 44.37 1.55 22.53
CA SER D 389 45.49 0.68 22.85
C SER D 389 45.80 -0.24 21.68
N SER D 390 47.07 -0.62 21.57
CA SER D 390 47.53 -1.46 20.47
C SER D 390 48.79 -2.20 20.91
N VAL D 391 49.26 -3.10 20.04
CA VAL D 391 50.52 -3.80 20.30
C VAL D 391 51.68 -2.82 20.30
N LYS D 392 51.62 -1.79 19.45
CA LYS D 392 52.63 -0.75 19.47
C LYS D 392 52.70 -0.03 20.81
N HIS D 393 51.60 -0.02 21.56
CA HIS D 393 51.57 0.59 22.89
C HIS D 393 51.91 -0.38 24.00
N ILE D 394 52.10 -1.67 23.68
CA ILE D 394 52.52 -2.64 24.69
C ILE D 394 53.85 -2.29 25.34
N PRO D 395 54.89 -1.88 24.60
CA PRO D 395 56.16 -1.53 25.27
C PRO D 395 56.03 -0.38 26.26
N LEU D 396 54.94 0.38 26.23
CA LEU D 396 54.69 1.42 27.22
C LEU D 396 54.22 0.84 28.56
N MET D 397 53.94 -0.46 28.62
CA MET D 397 53.46 -1.06 29.86
C MET D 397 54.45 -0.91 31.01
N THR D 398 55.74 -0.81 30.69
CA THR D 398 56.75 -0.65 31.74
C THR D 398 56.49 0.61 32.57
N ASP D 399 56.08 1.70 31.91
CA ASP D 399 55.74 2.93 32.62
C ASP D 399 54.27 3.00 32.98
N LEU D 400 53.40 2.26 32.28
CA LEU D 400 51.97 2.34 32.53
C LEU D 400 51.48 1.40 33.62
N SER D 401 52.31 0.44 34.06
CA SER D 401 51.88 -0.47 35.13
C SER D 401 51.67 0.26 36.45
N LYS D 402 52.55 1.22 36.76
CA LYS D 402 52.44 1.98 38.00
C LYS D 402 51.37 3.05 37.95
N LYS D 403 50.77 3.29 36.78
CA LYS D 403 49.75 4.32 36.61
C LYS D 403 48.34 3.73 36.52
N GLY D 404 48.18 2.46 36.90
CA GLY D 404 46.90 1.81 36.89
C GLY D 404 46.58 1.05 35.62
N TYR D 405 47.35 1.23 34.55
CA TYR D 405 47.12 0.52 33.30
C TYR D 405 47.64 -0.91 33.43
N ILE D 406 46.74 -1.88 33.35
CA ILE D 406 47.10 -3.30 33.48
C ILE D 406 47.01 -3.94 32.10
N LEU D 407 48.02 -4.72 31.73
CA LEU D 407 48.06 -5.38 30.44
C LEU D 407 47.12 -6.58 30.47
N TYR D 408 46.04 -6.52 29.70
CA TYR D 408 45.03 -7.56 29.65
C TYR D 408 44.88 -8.02 28.21
N ASP D 409 45.26 -9.27 27.93
CA ASP D 409 45.19 -9.85 26.60
C ASP D 409 45.95 -8.99 25.58
N ASN D 410 47.19 -8.65 25.93
CA ASN D 410 48.06 -7.84 25.08
C ASN D 410 47.43 -6.48 24.75
N VAL D 411 46.61 -5.95 25.66
CA VAL D 411 45.97 -4.66 25.50
C VAL D 411 46.18 -3.86 26.77
N VAL D 412 46.61 -2.60 26.62
CA VAL D 412 46.78 -1.72 27.76
C VAL D 412 45.39 -1.28 28.21
N THR D 413 44.98 -1.74 29.38
CA THR D 413 43.62 -1.55 29.89
C THR D 413 43.64 -0.70 31.14
N LEU D 414 42.79 0.32 31.18
CA LEU D 414 42.63 1.17 32.35
C LEU D 414 41.33 0.84 33.06
N PRO D 415 41.34 0.70 34.39
CA PRO D 415 40.12 0.35 35.10
C PRO D 415 39.02 1.39 34.90
N LEU D 416 37.77 0.91 34.92
CA LEU D 416 36.64 1.81 34.72
C LEU D 416 36.57 2.87 35.80
N THR D 417 36.89 2.50 37.05
CA THR D 417 36.89 3.48 38.14
C THR D 417 37.92 4.58 37.88
N THR D 418 39.13 4.18 37.49
CA THR D 418 40.17 5.17 37.21
C THR D 418 39.80 6.01 36.00
N PHE D 419 39.21 5.39 34.98
CA PHE D 419 38.80 6.14 33.79
C PHE D 419 37.75 7.18 34.14
N GLN D 420 36.76 6.80 34.95
CA GLN D 420 35.73 7.76 35.35
C GLN D 420 36.29 8.85 36.24
N GLN D 421 37.24 8.51 37.11
CA GLN D 421 37.86 9.53 37.96
C GLN D 421 38.64 10.53 37.13
N LYS D 422 39.39 10.06 36.13
CA LYS D 422 40.23 10.95 35.33
C LYS D 422 39.47 11.64 34.20
N ILE D 423 38.28 11.15 33.85
CA ILE D 423 37.49 11.83 32.83
C ILE D 423 36.79 13.05 33.39
N SER D 424 36.67 13.14 34.72
CA SER D 424 36.12 14.34 35.34
C SER D 424 37.11 15.49 35.37
N LYS D 425 38.40 15.21 35.16
CA LYS D 425 39.40 16.28 35.14
C LYS D 425 39.32 17.09 33.86
N TYR D 426 39.14 16.41 32.72
CA TYR D 426 39.08 17.08 31.42
C TYR D 426 37.67 17.46 31.02
N PHE D 427 36.68 16.64 31.36
CA PHE D 427 35.28 16.89 31.05
C PHE D 427 34.51 17.06 32.35
N ASN D 428 33.45 17.86 32.30
CA ASN D 428 32.54 17.97 33.44
C ASN D 428 31.81 16.64 33.57
N SER D 429 32.06 15.92 34.67
CA SER D 429 31.44 14.61 34.86
C SER D 429 29.93 14.71 34.97
N ARG D 430 29.39 15.89 35.24
CA ARG D 430 27.95 16.09 35.34
C ARG D 430 27.35 16.60 34.03
N LEU D 431 27.98 17.61 33.42
CA LEU D 431 27.49 18.10 32.14
C LEU D 431 27.56 17.03 31.07
N PHE D 432 28.68 16.31 31.01
CA PHE D 432 28.86 15.21 30.07
C PHE D 432 28.45 13.88 30.68
N GLY D 433 27.72 13.90 31.79
CA GLY D 433 27.40 12.67 32.50
C GLY D 433 26.66 11.68 31.63
N HIS D 434 25.61 12.15 30.93
CA HIS D 434 24.95 11.28 29.95
C HIS D 434 25.89 10.92 28.82
N ASP D 435 26.66 11.90 28.33
CA ASP D 435 27.61 11.62 27.24
C ASP D 435 28.70 10.66 27.69
N ILE D 436 29.27 10.87 28.88
CA ILE D 436 30.31 9.98 29.38
C ILE D 436 29.76 8.57 29.57
N GLU D 437 28.56 8.46 30.15
CA GLU D 437 27.97 7.15 30.37
C GLU D 437 27.69 6.44 29.04
N SER D 438 27.17 7.17 28.05
CA SER D 438 26.91 6.57 26.74
C SER D 438 28.21 6.12 26.09
N PHE D 439 29.26 6.95 26.15
CA PHE D 439 30.54 6.58 25.58
C PHE D 439 31.11 5.34 26.26
N ILE D 440 31.02 5.27 27.58
CA ILE D 440 31.51 4.10 28.31
C ILE D 440 30.74 2.86 27.89
N ASN D 441 29.41 2.93 27.92
CA ASN D 441 28.60 1.78 27.56
C ASN D 441 28.85 1.33 26.13
N ARG D 442 29.17 2.28 25.25
CA ARG D 442 29.48 1.94 23.86
C ARG D 442 30.90 1.42 23.71
N HIS D 443 31.79 1.68 24.67
CA HIS D 443 33.20 1.34 24.50
C HIS D 443 33.83 0.65 25.71
N LYS D 444 33.06 0.24 26.71
CA LYS D 444 33.65 -0.45 27.84
C LYS D 444 33.76 -1.95 27.56
N LYS D 445 34.77 -2.57 28.16
CA LYS D 445 34.94 -4.01 28.12
C LYS D 445 35.30 -4.50 29.51
N PHE D 446 34.87 -5.72 29.83
CA PHE D 446 35.06 -6.30 31.15
C PHE D 446 36.24 -7.27 31.11
N ALA D 447 37.15 -7.11 32.08
CA ALA D 447 38.26 -8.06 32.19
C ALA D 447 37.75 -9.43 32.60
N ASN D 448 37.20 -9.53 33.82
CA ASN D 448 36.45 -10.72 34.20
C ASN D 448 34.98 -10.39 34.50
N VAL D 449 34.70 -9.60 35.53
CA VAL D 449 33.37 -9.06 35.74
C VAL D 449 33.42 -7.59 36.12
N SER D 450 34.52 -7.18 36.75
CA SER D 450 34.53 -5.90 37.45
C SER D 450 35.69 -5.00 37.05
N ASP D 451 36.80 -5.56 36.56
CA ASP D 451 37.91 -4.75 36.10
C ASP D 451 37.59 -4.21 34.71
N GLU D 452 36.45 -3.51 34.64
CA GLU D 452 35.97 -2.99 33.37
C GLU D 452 36.96 -1.97 32.81
N TYR D 453 37.19 -2.04 31.51
CA TYR D 453 38.18 -1.18 30.87
C TYR D 453 37.67 -0.74 29.51
N LEU D 454 38.21 0.39 29.06
CA LEU D 454 38.03 0.87 27.70
C LEU D 454 39.39 0.87 27.02
N GLN D 455 39.45 0.28 25.84
CA GLN D 455 40.73 0.06 25.15
C GLN D 455 41.25 1.37 24.56
N TYR D 456 41.53 2.32 25.45
CA TYR D 456 42.05 3.63 25.09
C TYR D 456 43.07 4.05 26.13
N ILE D 457 44.06 4.82 25.70
CA ILE D 457 45.18 5.23 26.55
C ILE D 457 45.28 6.74 26.58
N PHE D 458 45.49 7.29 27.76
CA PHE D 458 45.79 8.71 27.89
C PHE D 458 47.17 9.01 27.31
N ILE D 459 47.29 10.20 26.71
CA ILE D 459 48.59 10.67 26.23
C ILE D 459 49.39 11.33 27.34
N GLU D 460 48.73 11.75 28.43
CA GLU D 460 49.45 12.28 29.59
C GLU D 460 50.36 11.25 30.23
N ASP D 461 50.13 9.96 29.98
CA ASP D 461 50.93 8.89 30.55
C ASP D 461 51.81 8.17 29.52
N ILE D 462 51.54 8.33 28.23
CA ILE D 462 52.35 7.71 27.20
C ILE D 462 53.73 8.34 27.16
N ALA E 1 0.98 7.38 -46.90
CA ALA E 1 0.01 6.31 -46.73
C ALA E 1 -1.12 6.76 -45.82
N MET E 2 -1.05 8.02 -45.37
CA MET E 2 -2.07 8.59 -44.49
C MET E 2 -2.46 9.95 -45.04
N GLY E 3 -3.26 10.68 -44.27
CA GLY E 3 -3.76 11.97 -44.70
C GLY E 3 -2.82 13.12 -44.40
N ASN E 4 -2.27 13.73 -45.45
CA ASN E 4 -1.41 14.89 -45.28
C ASN E 4 -2.19 16.07 -44.71
N LYS E 5 -3.47 16.19 -45.07
CA LYS E 5 -4.30 17.29 -44.59
C LYS E 5 -4.50 17.26 -43.08
N LEU E 6 -4.35 16.09 -42.46
CA LEU E 6 -4.56 16.00 -41.01
C LEU E 6 -3.54 16.84 -40.26
N PHE E 7 -2.28 16.82 -40.69
CA PHE E 7 -1.28 17.68 -40.06
C PHE E 7 -1.59 19.15 -40.29
N ASN E 8 -2.13 19.49 -41.47
CA ASN E 8 -2.52 20.86 -41.73
C ASN E 8 -3.63 21.29 -40.78
N ILE E 9 -4.59 20.41 -40.53
CA ILE E 9 -5.66 20.71 -39.59
C ILE E 9 -5.09 20.90 -38.18
N ALA E 10 -4.15 20.03 -37.80
CA ALA E 10 -3.51 20.18 -36.49
C ALA E 10 -2.79 21.52 -36.38
N GLN E 11 -2.08 21.90 -37.44
CA GLN E 11 -1.38 23.18 -37.45
C GLN E 11 -2.36 24.34 -37.31
N ARG E 12 -3.47 24.28 -38.05
CA ARG E 12 -4.48 25.33 -37.95
C ARG E 12 -5.07 25.41 -36.55
N ILE E 13 -5.33 24.25 -35.93
CA ILE E 13 -5.85 24.22 -34.57
C ILE E 13 -4.86 24.87 -33.61
N LEU E 14 -3.59 24.50 -33.73
CA LEU E 14 -2.58 25.07 -32.84
C LEU E 14 -2.32 26.54 -33.12
N ASP E 15 -2.68 27.03 -34.31
CA ASP E 15 -2.63 28.47 -34.55
C ASP E 15 -3.59 29.21 -33.63
N THR E 16 -4.77 28.64 -33.41
CA THR E 16 -5.74 29.21 -32.47
C THR E 16 -5.25 29.15 -31.03
N ASN E 17 -4.27 28.29 -30.73
CA ASN E 17 -3.76 28.12 -29.37
C ASN E 17 -4.87 27.70 -28.40
N SER E 18 -5.80 26.89 -28.90
CA SER E 18 -6.90 26.41 -28.07
C SER E 18 -6.48 25.33 -27.10
N VAL E 19 -5.32 24.71 -27.31
CA VAL E 19 -4.79 23.68 -26.42
C VAL E 19 -3.36 24.03 -26.07
N LEU E 20 -3.04 23.99 -24.78
CA LEU E 20 -1.73 24.37 -24.29
C LEU E 20 -1.16 23.28 -23.40
N LEU E 21 0.16 23.13 -23.44
CA LEU E 21 0.87 22.17 -22.61
C LEU E 21 1.29 22.85 -21.32
N THR E 22 0.75 22.38 -20.19
CA THR E 22 1.01 23.01 -18.91
C THR E 22 2.45 22.73 -18.46
N GLU E 23 2.90 23.52 -17.49
CA GLU E 23 4.22 23.32 -16.91
C GLU E 23 4.35 21.95 -16.26
N ARG E 24 3.23 21.39 -15.78
CA ARG E 24 3.23 20.06 -15.18
C ARG E 24 3.13 18.96 -16.21
N GLY E 25 3.36 19.26 -17.49
CA GLY E 25 3.26 18.24 -18.52
C GLY E 25 1.85 17.79 -18.82
N ASP E 26 0.86 18.61 -18.53
CA ASP E 26 -0.53 18.27 -18.77
C ASP E 26 -1.08 19.11 -19.92
N TYR E 27 -2.21 18.66 -20.46
CA TYR E 27 -2.86 19.32 -21.58
C TYR E 27 -4.15 19.96 -21.12
N ILE E 28 -4.41 21.17 -21.61
CA ILE E 28 -5.65 21.89 -21.33
C ILE E 28 -6.32 22.23 -22.66
N VAL E 29 -7.63 22.41 -22.61
CA VAL E 29 -8.41 22.77 -23.79
C VAL E 29 -9.26 23.98 -23.47
N TRP E 30 -9.58 24.74 -24.51
CA TRP E 30 -10.39 25.95 -24.40
C TRP E 30 -11.75 25.65 -25.04
N ILE E 31 -12.69 25.16 -24.23
CA ILE E 31 -14.01 24.76 -24.69
C ILE E 31 -15.05 25.49 -23.87
N ASN E 32 -16.08 26.01 -24.55
CA ASN E 32 -17.22 26.68 -23.90
C ASN E 32 -16.75 27.82 -23.00
N ASN E 33 -15.80 28.62 -23.51
CA ASN E 33 -15.26 29.76 -22.78
C ASN E 33 -14.70 29.34 -21.42
N SER E 34 -13.96 28.23 -21.42
CA SER E 34 -13.39 27.70 -20.19
C SER E 34 -12.18 26.85 -20.53
N TRP E 35 -11.13 26.98 -19.73
CA TRP E 35 -9.92 26.18 -19.89
C TRP E 35 -10.11 24.85 -19.18
N LYS E 36 -10.84 23.95 -19.84
CA LYS E 36 -11.08 22.63 -19.29
C LYS E 36 -9.80 21.80 -19.31
N PHE E 37 -9.66 20.94 -18.31
CA PHE E 37 -8.45 20.14 -18.15
C PHE E 37 -8.79 18.84 -17.44
N ASN E 38 -8.16 17.76 -17.89
CA ASN E 38 -8.35 16.45 -17.25
C ASN E 38 -7.15 15.57 -17.57
N SER E 39 -6.38 15.21 -16.55
CA SER E 39 -5.24 14.33 -16.77
C SER E 39 -5.68 12.91 -17.09
N GLU E 40 -6.77 12.45 -16.46
CA GLU E 40 -7.23 11.08 -16.66
C GLU E 40 -7.63 10.84 -18.11
N GLU E 41 -8.37 11.78 -18.70
CA GLU E 41 -8.82 11.67 -20.08
C GLU E 41 -8.35 12.88 -20.88
N PRO E 42 -7.56 12.69 -21.93
CA PRO E 42 -7.14 13.83 -22.76
C PRO E 42 -8.33 14.43 -23.50
N LEU E 43 -8.60 15.70 -23.24
CA LEU E 43 -9.72 16.40 -23.83
C LEU E 43 -9.40 16.96 -25.21
N ILE E 44 -8.26 16.58 -25.79
CA ILE E 44 -7.87 17.10 -27.09
C ILE E 44 -8.86 16.70 -28.16
N THR E 45 -9.31 15.44 -28.14
CA THR E 45 -10.31 14.99 -29.11
C THR E 45 -11.61 15.76 -28.96
N LYS E 46 -12.02 16.01 -27.72
CA LYS E 46 -13.21 16.82 -27.49
C LYS E 46 -13.03 18.23 -28.01
N LEU E 47 -11.83 18.80 -27.83
CA LEU E 47 -11.56 20.13 -28.37
C LEU E 47 -11.64 20.13 -29.89
N ILE E 48 -11.10 19.10 -30.53
CA ILE E 48 -11.17 19.00 -31.98
C ILE E 48 -12.61 18.95 -32.44
N LEU E 49 -13.44 18.15 -31.76
CA LEU E 49 -14.86 18.10 -32.09
C LEU E 49 -15.52 19.45 -31.87
N SER E 50 -15.11 20.17 -30.82
CA SER E 50 -15.72 21.46 -30.54
C SER E 50 -15.40 22.50 -31.62
N ILE E 51 -14.15 22.51 -32.09
CA ILE E 51 -13.70 23.55 -33.01
C ILE E 51 -13.70 23.09 -34.46
N ARG E 52 -14.29 21.93 -34.75
CA ARG E 52 -14.40 21.49 -36.14
C ARG E 52 -15.25 22.45 -36.95
N HIS E 53 -16.26 23.05 -36.32
CA HIS E 53 -17.13 23.99 -37.03
C HIS E 53 -16.42 25.29 -37.37
N GLN E 54 -15.32 25.61 -36.68
CA GLN E 54 -14.52 26.79 -36.95
C GLN E 54 -13.50 26.55 -38.04
N LEU E 55 -13.68 25.52 -38.85
CA LEU E 55 -12.74 25.11 -39.88
C LEU E 55 -13.48 24.92 -41.20
N PRO E 56 -12.77 24.97 -42.32
CA PRO E 56 -13.43 24.75 -43.62
C PRO E 56 -14.07 23.37 -43.69
N LYS E 57 -15.15 23.29 -44.48
CA LYS E 57 -15.89 22.05 -44.60
C LYS E 57 -15.01 20.89 -45.06
N GLU E 58 -13.98 21.19 -45.85
CA GLU E 58 -13.02 20.16 -46.24
C GLU E 58 -12.30 19.55 -45.05
N TYR E 59 -12.20 20.29 -43.94
CA TYR E 59 -11.54 19.80 -42.74
C TYR E 59 -12.51 19.27 -41.69
N SER E 60 -13.68 19.91 -41.56
CA SER E 60 -14.66 19.43 -40.58
C SER E 60 -15.12 18.02 -40.92
N SER E 61 -15.32 17.74 -42.21
CA SER E 61 -15.70 16.39 -42.63
C SER E 61 -14.62 15.38 -42.28
N GLU E 62 -13.36 15.74 -42.48
CA GLU E 62 -12.26 14.84 -42.13
C GLU E 62 -12.20 14.59 -40.63
N LEU E 63 -12.47 15.63 -39.83
CA LEU E 63 -12.44 15.49 -38.38
C LEU E 63 -13.52 14.57 -37.84
N LEU E 64 -14.52 14.23 -38.65
CA LEU E 64 -15.57 13.33 -38.19
C LEU E 64 -15.05 11.91 -37.94
N CYS E 65 -13.96 11.53 -38.59
CA CYS E 65 -13.39 10.20 -38.38
C CYS E 65 -12.67 10.15 -37.04
N PRO E 66 -13.04 9.25 -36.13
CA PRO E 66 -12.32 9.15 -34.86
C PRO E 66 -10.85 8.79 -35.03
N ARG E 67 -10.52 7.96 -36.02
CA ARG E 67 -9.12 7.62 -36.26
C ARG E 67 -8.33 8.85 -36.70
N LYS E 68 -8.87 9.59 -37.67
CA LYS E 68 -8.21 10.82 -38.11
C LYS E 68 -8.17 11.84 -36.98
N ARG E 69 -9.22 11.89 -36.17
CA ARG E 69 -9.24 12.83 -35.04
C ARG E 69 -8.15 12.49 -34.02
N LYS E 70 -7.97 11.20 -33.72
CA LYS E 70 -6.89 10.79 -32.83
C LYS E 70 -5.53 11.06 -33.45
N THR E 71 -5.41 10.89 -34.77
CA THR E 71 -4.17 11.24 -35.46
C THR E 71 -3.85 12.72 -35.30
N VAL E 72 -4.85 13.58 -35.47
CA VAL E 72 -4.64 15.02 -35.29
C VAL E 72 -4.31 15.33 -33.84
N GLU E 73 -4.93 14.62 -32.90
CA GLU E 73 -4.61 14.81 -31.49
C GLU E 73 -3.15 14.46 -31.21
N ALA E 74 -2.66 13.35 -31.78
CA ALA E 74 -1.26 12.98 -31.60
C ALA E 74 -0.34 14.00 -32.24
N ASN E 75 -0.73 14.52 -33.41
CA ASN E 75 0.06 15.57 -34.05
C ASN E 75 0.14 16.80 -33.17
N ILE E 76 -0.98 17.20 -32.56
CA ILE E 76 -0.99 18.35 -31.65
C ILE E 76 -0.09 18.08 -30.46
N ARG E 77 -0.17 16.87 -29.90
CA ARG E 77 0.70 16.51 -28.78
C ARG E 77 2.17 16.64 -29.15
N ASP E 78 2.54 16.16 -30.33
CA ASP E 78 3.93 16.21 -30.76
C ASP E 78 4.38 17.64 -31.01
N MET E 79 3.54 18.45 -31.66
CA MET E 79 3.90 19.84 -31.92
C MET E 79 4.02 20.63 -30.64
N LEU E 80 3.13 20.41 -29.68
CA LEU E 80 3.19 21.11 -28.39
C LEU E 80 4.37 20.57 -27.61
N VAL E 81 5.44 21.34 -27.55
CA VAL E 81 6.67 20.97 -26.85
C VAL E 81 6.92 21.89 -25.65
N ASP E 82 6.80 23.20 -25.85
CA ASP E 82 7.02 24.15 -24.78
C ASP E 82 5.94 23.99 -23.71
N SER E 83 6.34 23.55 -22.52
CA SER E 83 5.40 23.38 -21.41
C SER E 83 5.11 24.75 -20.81
N VAL E 84 4.24 25.49 -21.49
CA VAL E 84 3.91 26.84 -21.07
C VAL E 84 3.09 26.80 -19.79
N GLU E 85 3.52 27.55 -18.79
CA GLU E 85 2.80 27.61 -17.52
C GLU E 85 1.60 28.54 -17.62
N THR E 86 0.70 28.41 -16.66
CA THR E 86 -0.55 29.15 -16.64
C THR E 86 -0.82 29.69 -15.25
N ASP E 87 -1.95 30.40 -15.13
CA ASP E 87 -2.42 30.94 -13.86
C ASP E 87 -1.38 31.85 -13.21
N THR E 88 -0.97 32.88 -13.95
CA THR E 88 0.03 33.83 -13.47
C THR E 88 -0.61 35.02 -12.76
N TYR E 89 -1.58 35.65 -13.41
CA TYR E 89 -2.22 36.83 -12.88
C TYR E 89 -2.97 36.49 -11.59
N PRO E 90 -2.87 37.33 -10.55
CA PRO E 90 -3.69 37.13 -9.36
C PRO E 90 -4.97 37.96 -9.34
N ASP E 91 -5.14 38.83 -10.34
CA ASP E 91 -6.23 39.79 -10.36
C ASP E 91 -7.37 39.39 -11.27
N LYS E 92 -7.38 38.17 -11.79
CA LYS E 92 -8.40 37.72 -12.72
C LYS E 92 -9.22 36.62 -12.07
N LEU E 93 -10.54 36.75 -12.13
CA LEU E 93 -11.45 35.78 -11.52
C LEU E 93 -12.14 34.96 -12.61
N PRO E 94 -11.78 33.69 -12.77
CA PRO E 94 -12.42 32.87 -13.80
C PRO E 94 -13.85 32.47 -13.43
N PHE E 95 -14.64 32.23 -14.48
CA PHE E 95 -16.02 31.76 -14.35
C PHE E 95 -16.26 30.67 -15.38
N LYS E 96 -17.46 30.09 -15.35
CA LYS E 96 -17.87 29.14 -16.37
C LYS E 96 -18.24 29.83 -17.67
N ASN E 97 -18.36 31.16 -17.67
CA ASN E 97 -18.63 31.94 -18.87
C ASN E 97 -17.46 32.80 -19.29
N GLY E 98 -16.34 32.72 -18.58
CA GLY E 98 -15.19 33.55 -18.90
C GLY E 98 -14.42 34.01 -17.67
N VAL E 99 -13.81 35.19 -17.76
CA VAL E 99 -12.94 35.71 -16.71
C VAL E 99 -13.42 37.09 -16.32
N LEU E 100 -13.53 37.34 -15.01
CA LEU E 100 -13.88 38.64 -14.47
C LEU E 100 -12.63 39.28 -13.87
N ASP E 101 -12.34 40.51 -14.29
CA ASP E 101 -11.20 41.24 -13.76
C ASP E 101 -11.54 41.89 -12.43
N LEU E 102 -10.62 41.80 -11.48
CA LEU E 102 -10.79 42.44 -10.18
C LEU E 102 -10.38 43.91 -10.18
N VAL E 103 -9.69 44.37 -11.24
CA VAL E 103 -9.22 45.75 -11.27
C VAL E 103 -10.35 46.69 -11.67
N ASP E 104 -10.88 46.52 -12.88
CA ASP E 104 -11.94 47.38 -13.39
C ASP E 104 -13.34 46.79 -13.17
N GLY E 105 -13.44 45.56 -12.67
CA GLY E 105 -14.73 44.93 -12.52
C GLY E 105 -15.37 44.46 -13.80
N MET E 106 -14.63 44.43 -14.91
CA MET E 106 -15.17 44.02 -16.19
C MET E 106 -14.97 42.53 -16.40
N PHE E 107 -16.04 41.85 -16.83
CA PHE E 107 -16.03 40.43 -17.08
C PHE E 107 -15.78 40.16 -18.56
N TYR E 108 -14.87 39.24 -18.84
CA TYR E 108 -14.49 38.90 -20.20
C TYR E 108 -15.02 37.51 -20.54
N SER E 109 -15.21 37.26 -21.83
CA SER E 109 -15.75 35.99 -22.29
C SER E 109 -15.22 35.71 -23.69
N GLY E 110 -15.30 34.44 -24.09
CA GLY E 110 -14.84 34.05 -25.41
C GLY E 110 -13.33 34.25 -25.55
N ASP E 111 -12.93 34.73 -26.72
CA ASP E 111 -11.50 34.95 -26.98
C ASP E 111 -10.91 35.96 -26.01
N ASP E 112 -11.71 36.89 -25.50
CA ASP E 112 -11.23 37.79 -24.46
C ASP E 112 -10.81 37.03 -23.23
N ALA E 113 -11.63 36.05 -22.81
CA ALA E 113 -11.25 35.17 -21.71
C ALA E 113 -10.19 34.16 -22.10
N LYS E 114 -10.10 33.82 -23.39
CA LYS E 114 -9.07 32.87 -23.83
C LYS E 114 -7.68 33.44 -23.65
N LYS E 115 -7.53 34.76 -23.71
CA LYS E 115 -6.24 35.38 -23.43
C LYS E 115 -5.74 35.03 -22.04
N TYR E 116 -6.65 34.73 -21.13
CA TYR E 116 -6.32 34.29 -19.79
C TYR E 116 -6.41 32.78 -19.70
N THR E 117 -5.40 32.16 -19.11
CA THR E 117 -5.31 30.71 -19.00
C THR E 117 -5.54 30.33 -17.54
N CYS E 118 -6.79 30.02 -17.20
CA CYS E 118 -7.18 29.68 -15.84
C CYS E 118 -7.55 28.20 -15.79
N THR E 119 -6.73 27.41 -15.09
CA THR E 119 -7.01 25.99 -14.95
C THR E 119 -8.28 25.74 -14.15
N VAL E 120 -8.54 26.52 -13.11
CA VAL E 120 -9.72 26.36 -12.27
C VAL E 120 -10.68 27.50 -12.55
N SER E 121 -11.86 27.42 -11.96
CA SER E 121 -12.88 28.45 -12.13
C SER E 121 -13.79 28.44 -10.91
N THR E 122 -14.67 29.45 -10.86
CA THR E 122 -15.60 29.56 -9.74
C THR E 122 -16.64 28.45 -9.72
N GLY E 123 -16.76 27.67 -10.79
CA GLY E 123 -17.69 26.56 -10.81
C GLY E 123 -19.12 26.91 -11.19
N PHE E 124 -19.38 28.14 -11.62
CA PHE E 124 -20.72 28.50 -12.07
C PHE E 124 -20.61 29.63 -13.08
N LYS E 125 -21.67 29.79 -13.85
CA LYS E 125 -21.71 30.82 -14.88
C LYS E 125 -21.82 32.21 -14.26
N PHE E 126 -21.17 33.17 -14.90
CA PHE E 126 -21.24 34.56 -14.45
C PHE E 126 -22.54 35.19 -14.89
N ASP E 127 -23.13 36.00 -14.01
CA ASP E 127 -24.36 36.73 -14.31
C ASP E 127 -24.19 38.17 -13.85
N ASP E 128 -24.04 39.09 -14.81
CA ASP E 128 -23.89 40.50 -14.47
C ASP E 128 -25.18 41.08 -13.93
N THR E 129 -26.33 40.55 -14.35
CA THR E 129 -27.61 41.05 -13.85
C THR E 129 -27.73 40.87 -12.35
N LYS E 130 -27.34 39.70 -11.85
CA LYS E 130 -27.26 39.49 -10.40
C LYS E 130 -26.05 40.17 -9.79
N PHE E 131 -25.01 40.44 -10.59
CA PHE E 131 -23.81 41.12 -10.10
C PHE E 131 -24.04 42.63 -10.13
N VAL E 132 -24.90 43.07 -9.22
CA VAL E 132 -25.26 44.49 -9.10
C VAL E 132 -25.23 44.87 -7.63
N GLU E 133 -25.14 46.18 -7.39
CA GLU E 133 -25.11 46.72 -6.03
C GLU E 133 -26.49 47.17 -5.56
N ASP E 134 -27.30 47.74 -6.46
CA ASP E 134 -28.63 48.24 -6.10
C ASP E 134 -29.64 47.10 -6.17
N SER E 135 -29.48 46.15 -5.25
CA SER E 135 -30.36 45.00 -5.15
C SER E 135 -30.74 44.79 -3.69
N PRO E 136 -31.93 44.26 -3.43
CA PRO E 136 -32.30 43.95 -2.03
C PRO E 136 -31.36 42.95 -1.38
N GLU E 137 -30.86 41.98 -2.16
CA GLU E 137 -29.93 41.01 -1.61
C GLU E 137 -28.64 41.68 -1.13
N MET E 138 -28.15 42.66 -1.88
CA MET E 138 -26.95 43.38 -1.47
C MET E 138 -27.18 44.10 -0.15
N GLU E 139 -28.31 44.78 0.00
CA GLU E 139 -28.60 45.49 1.24
C GLU E 139 -28.74 44.53 2.41
N GLU E 140 -29.45 43.41 2.19
CA GLU E 140 -29.60 42.41 3.25
C GLU E 140 -28.26 41.85 3.66
N LEU E 141 -27.39 41.54 2.70
CA LEU E 141 -26.09 40.99 3.03
C LEU E 141 -25.20 42.02 3.71
N MET E 142 -25.31 43.29 3.33
CA MET E 142 -24.59 44.34 4.04
C MET E 142 -25.05 44.42 5.49
N ASN E 143 -26.36 44.32 5.73
CA ASN E 143 -26.87 44.28 7.09
C ASN E 143 -26.32 43.08 7.85
N ILE E 144 -26.27 41.93 7.19
CA ILE E 144 -25.74 40.72 7.83
C ILE E 144 -24.28 40.92 8.21
N ILE E 145 -23.49 41.48 7.30
CA ILE E 145 -22.07 41.69 7.58
C ILE E 145 -21.88 42.68 8.73
N ASN E 146 -22.67 43.76 8.73
CA ASN E 146 -22.59 44.73 9.82
C ASN E 146 -22.97 44.07 11.15
N ASP E 147 -23.94 43.15 11.12
CA ASP E 147 -24.26 42.38 12.32
C ASP E 147 -23.07 41.53 12.76
N ILE E 148 -22.42 40.86 11.80
CA ILE E 148 -21.28 40.01 12.15
C ILE E 148 -20.12 40.87 12.65
N GLN E 149 -19.79 41.92 11.92
CA GLN E 149 -18.73 42.86 12.32
C GLN E 149 -19.30 44.27 12.37
N PRO E 150 -19.53 44.82 13.56
CA PRO E 150 -20.10 46.17 13.64
C PRO E 150 -19.20 47.21 13.00
N LEU E 151 -19.83 48.22 12.40
CA LEU E 151 -19.11 49.36 11.84
C LEU E 151 -18.81 50.41 12.90
N THR E 152 -18.18 49.97 13.98
CA THR E 152 -17.85 50.82 15.11
C THR E 152 -16.35 51.14 15.09
N ASP E 153 -16.01 52.34 15.59
CA ASP E 153 -14.61 52.76 15.59
C ASP E 153 -13.75 51.85 16.46
N GLU E 154 -14.33 51.27 17.52
CA GLU E 154 -13.59 50.30 18.32
C GLU E 154 -13.26 49.06 17.49
N ASN E 155 -14.20 48.61 16.67
CA ASN E 155 -13.98 47.47 15.79
C ASN E 155 -13.59 47.90 14.38
N LYS E 156 -13.33 49.19 14.17
CA LYS E 156 -13.02 49.69 12.84
C LYS E 156 -11.77 49.02 12.26
N LYS E 157 -10.72 48.90 13.07
CA LYS E 157 -9.53 48.19 12.61
C LYS E 157 -9.82 46.71 12.39
N ASN E 158 -10.55 46.08 13.32
CA ASN E 158 -10.89 44.67 13.16
C ASN E 158 -11.80 44.45 11.95
N ARG E 159 -12.80 45.32 11.78
CA ARG E 159 -13.69 45.21 10.63
C ARG E 159 -12.92 45.41 9.33
N GLU E 160 -12.02 46.39 9.29
CA GLU E 160 -11.25 46.65 8.09
C GLU E 160 -10.32 45.49 7.77
N LEU E 161 -9.69 44.90 8.79
CA LEU E 161 -8.86 43.72 8.57
C LEU E 161 -9.68 42.55 8.04
N TYR E 162 -10.88 42.36 8.59
CA TYR E 162 -11.78 41.31 8.10
C TYR E 162 -12.15 41.54 6.64
N GLU E 163 -12.46 42.79 6.29
CA GLU E 163 -12.78 43.11 4.90
C GLU E 163 -11.58 42.89 3.98
N LYS E 164 -10.40 43.26 4.45
CA LYS E 164 -9.18 43.03 3.66
C LYS E 164 -8.95 41.54 3.43
N THR E 165 -9.16 40.73 4.46
CA THR E 165 -9.01 39.29 4.32
C THR E 165 -10.02 38.72 3.33
N LEU E 166 -11.27 39.17 3.42
CA LEU E 166 -12.30 38.69 2.49
C LEU E 166 -11.97 39.10 1.06
N SER E 167 -11.47 40.32 0.88
CA SER E 167 -11.06 40.75 -0.46
C SER E 167 -9.87 39.94 -0.98
N SER E 168 -8.91 39.64 -0.11
CA SER E 168 -7.76 38.83 -0.49
C SER E 168 -8.12 37.38 -0.72
N CYS E 169 -9.31 36.95 -0.28
CA CYS E 169 -9.77 35.62 -0.64
C CYS E 169 -9.88 35.42 -2.14
N LEU E 170 -9.99 36.51 -2.91
CA LEU E 170 -10.02 36.45 -4.36
C LEU E 170 -8.63 36.49 -4.99
N CYS E 171 -7.57 36.63 -4.18
CA CYS E 171 -6.23 36.74 -4.71
C CYS E 171 -5.79 35.45 -5.37
N GLY E 172 -5.11 35.57 -6.50
CA GLY E 172 -4.57 34.41 -7.20
C GLY E 172 -3.08 34.22 -6.94
N ALA E 173 -2.58 34.85 -5.89
CA ALA E 173 -1.18 34.76 -5.51
C ALA E 173 -1.05 34.20 -4.09
N THR E 174 0.19 34.06 -3.64
CA THR E 174 0.47 33.50 -2.35
C THR E 174 0.04 34.44 -1.23
N LYS E 175 -0.43 33.86 -0.13
CA LYS E 175 -0.80 34.64 1.05
C LYS E 175 0.41 34.77 1.96
N GLY E 176 0.90 35.99 2.14
CA GLY E 176 2.08 36.24 2.94
C GLY E 176 1.85 36.35 4.43
N CYS E 177 0.61 36.25 4.90
CA CYS E 177 0.33 36.38 6.33
C CYS E 177 -0.95 35.62 6.65
N LEU E 178 -0.85 34.59 7.46
CA LEU E 178 -2.01 33.81 7.84
C LEU E 178 -2.98 34.65 8.66
N THR E 179 -4.28 34.39 8.48
CA THR E 179 -5.34 35.11 9.15
C THR E 179 -6.07 34.18 10.12
N PHE E 180 -6.34 34.68 11.32
CA PHE E 180 -7.05 33.94 12.35
C PHE E 180 -8.40 34.60 12.63
N PHE E 181 -9.45 33.79 12.61
CA PHE E 181 -10.79 34.25 12.99
C PHE E 181 -11.03 33.78 14.42
N PHE E 182 -10.83 34.68 15.38
CA PHE E 182 -10.99 34.37 16.79
C PHE E 182 -12.33 34.89 17.29
N GLY E 183 -12.91 34.16 18.24
CA GLY E 183 -14.16 34.55 18.85
C GLY E 183 -14.75 33.41 19.64
N GLU E 184 -16.07 33.34 19.69
CA GLU E 184 -16.79 32.24 20.33
C GLU E 184 -17.58 31.48 19.27
N THR E 185 -18.29 30.45 19.72
CA THR E 185 -19.07 29.65 18.81
C THR E 185 -20.24 30.45 18.25
N ALA E 186 -20.47 30.31 16.93
CA ALA E 186 -21.59 30.95 16.24
C ALA E 186 -21.56 32.47 16.41
N THR E 187 -20.38 33.06 16.26
CA THR E 187 -20.22 34.50 16.28
C THR E 187 -20.27 35.12 14.88
N GLY E 188 -20.53 34.31 13.86
CA GLY E 188 -20.54 34.78 12.48
C GLY E 188 -19.43 34.21 11.61
N LYS E 189 -18.45 33.51 12.20
CA LYS E 189 -17.38 32.93 11.41
C LYS E 189 -17.91 31.87 10.45
N SER E 190 -18.78 30.99 10.95
CA SER E 190 -19.37 29.97 10.08
C SER E 190 -20.26 30.59 9.01
N THR E 191 -21.02 31.62 9.35
CA THR E 191 -21.84 32.30 8.36
C THR E 191 -20.98 32.93 7.27
N THR E 192 -19.89 33.58 7.67
CA THR E 192 -18.98 34.17 6.70
C THR E 192 -18.37 33.10 5.81
N LYS E 193 -17.97 31.97 6.40
CA LYS E 193 -17.39 30.87 5.63
C LYS E 193 -18.39 30.33 4.61
N ARG E 194 -19.64 30.14 5.03
CA ARG E 194 -20.66 29.63 4.12
C ARG E 194 -20.95 30.64 3.01
N LEU E 195 -21.00 31.93 3.35
CA LEU E 195 -21.24 32.96 2.33
C LEU E 195 -20.10 32.98 1.31
N LEU E 196 -18.86 32.90 1.78
CA LEU E 196 -17.73 32.88 0.86
C LEU E 196 -17.76 31.64 -0.02
N LYS E 197 -18.07 30.49 0.56
CA LYS E 197 -18.15 29.25 -0.22
C LYS E 197 -19.21 29.35 -1.30
N SER E 198 -20.40 29.86 -0.93
CA SER E 198 -21.46 30.01 -1.93
C SER E 198 -21.09 31.03 -2.99
N ALA E 199 -20.33 32.06 -2.61
CA ALA E 199 -19.97 33.10 -3.58
C ALA E 199 -18.92 32.61 -4.56
N ILE E 200 -17.98 31.79 -4.12
CA ILE E 200 -16.84 31.42 -4.96
C ILE E 200 -16.91 30.01 -5.49
N GLY E 201 -17.90 29.21 -5.12
CA GLY E 201 -18.10 27.91 -5.73
C GLY E 201 -16.92 26.97 -5.58
N ASP E 202 -16.44 26.45 -6.71
CA ASP E 202 -15.38 25.45 -6.69
C ASP E 202 -14.07 26.00 -6.12
N LEU E 203 -13.87 27.32 -6.20
CA LEU E 203 -12.64 27.90 -5.68
C LEU E 203 -12.51 27.74 -4.17
N PHE E 204 -13.62 27.50 -3.47
CA PHE E 204 -13.58 27.31 -2.03
C PHE E 204 -13.05 25.92 -1.69
N VAL E 205 -12.36 25.83 -0.55
CA VAL E 205 -11.95 24.56 0.03
C VAL E 205 -11.77 24.77 1.53
N GLU E 206 -12.14 23.76 2.30
CA GLU E 206 -12.05 23.81 3.75
C GLU E 206 -11.29 22.58 4.26
N THR E 207 -10.68 22.74 5.43
CA THR E 207 -9.95 21.64 6.05
C THR E 207 -10.02 21.80 7.56
N GLY E 208 -9.63 20.75 8.27
CA GLY E 208 -9.66 20.71 9.71
C GLY E 208 -8.36 21.14 10.34
N GLN E 209 -8.04 20.54 11.48
CA GLN E 209 -6.83 20.85 12.23
C GLN E 209 -5.65 19.97 11.83
N THR E 210 -5.83 19.09 10.83
CA THR E 210 -4.77 18.15 10.48
C THR E 210 -3.53 18.86 9.97
N ILE E 211 -3.71 19.82 9.06
CA ILE E 211 -2.56 20.50 8.47
C ILE E 211 -1.89 21.45 9.46
N LEU E 212 -2.57 21.81 10.55
CA LEU E 212 -2.03 22.78 11.49
C LEU E 212 -1.19 22.14 12.59
N THR E 213 -1.45 20.88 12.92
CA THR E 213 -0.75 20.21 14.01
C THR E 213 -0.01 18.96 13.59
N ASP E 214 0.03 18.63 12.30
CA ASP E 214 0.70 17.45 11.80
C ASP E 214 1.64 17.83 10.66
N VAL E 215 2.65 16.98 10.45
CA VAL E 215 3.63 17.21 9.39
C VAL E 215 3.01 16.84 8.05
N LEU E 216 2.95 17.81 7.14
CA LEU E 216 2.31 17.56 5.85
C LEU E 216 3.19 16.71 4.94
N ASP E 217 4.49 16.96 4.95
CA ASP E 217 5.42 16.28 4.05
C ASP E 217 5.73 14.90 4.63
N LYS E 218 4.77 13.99 4.48
CA LYS E 218 4.93 12.60 4.91
C LYS E 218 4.13 11.73 3.95
N GLY E 219 4.80 11.21 2.93
CA GLY E 219 4.17 10.40 1.93
C GLY E 219 3.10 11.16 1.16
N PRO E 220 2.07 10.46 0.70
CA PRO E 220 0.96 11.14 0.04
C PRO E 220 0.23 12.07 1.00
N ASN E 221 -0.31 13.16 0.46
CA ASN E 221 -1.05 14.14 1.24
C ASN E 221 -2.19 14.68 0.40
N PRO E 222 -3.40 14.14 0.58
CA PRO E 222 -4.55 14.66 -0.18
C PRO E 222 -4.85 16.12 0.08
N PHE E 223 -4.61 16.61 1.31
CA PHE E 223 -4.95 17.99 1.65
C PHE E 223 -4.16 18.97 0.78
N ILE E 224 -2.86 18.74 0.64
CA ILE E 224 -2.03 19.63 -0.16
C ILE E 224 -2.45 19.58 -1.62
N ALA E 225 -2.79 18.39 -2.12
CA ALA E 225 -3.23 18.26 -3.50
C ALA E 225 -4.52 19.03 -3.73
N ASN E 226 -5.46 18.97 -2.78
CA ASN E 226 -6.71 19.71 -2.92
C ASN E 226 -6.48 21.22 -2.82
N MET E 227 -5.58 21.65 -1.94
CA MET E 227 -5.36 23.07 -1.72
C MET E 227 -4.62 23.75 -2.87
N HIS E 228 -4.03 22.98 -3.78
CA HIS E 228 -3.30 23.59 -4.89
C HIS E 228 -4.26 24.30 -5.84
N LEU E 229 -3.80 25.42 -6.39
CA LEU E 229 -4.57 26.21 -7.36
C LEU E 229 -5.93 26.63 -6.80
N LYS E 230 -5.96 26.97 -5.52
CA LYS E 230 -7.18 27.39 -4.85
C LYS E 230 -7.16 28.89 -4.58
N ARG E 231 -8.30 29.39 -4.12
CA ARG E 231 -8.46 30.80 -3.81
C ARG E 231 -8.59 31.08 -2.32
N SER E 232 -9.14 30.16 -1.55
CA SER E 232 -9.33 30.38 -0.12
C SER E 232 -9.39 29.04 0.60
N VAL E 233 -8.80 28.99 1.79
CA VAL E 233 -8.77 27.78 2.62
C VAL E 233 -9.28 28.15 4.01
N PHE E 234 -10.17 27.33 4.54
CA PHE E 234 -10.71 27.52 5.89
C PHE E 234 -10.23 26.38 6.78
N CYS E 235 -9.60 26.73 7.90
CA CYS E 235 -9.09 25.77 8.87
C CYS E 235 -9.88 25.95 10.16
N SER E 236 -10.94 25.18 10.32
CA SER E 236 -11.82 25.27 11.47
C SER E 236 -11.53 24.12 12.43
N GLU E 237 -12.36 24.02 13.48
CA GLU E 237 -12.32 22.92 14.44
C GLU E 237 -10.96 22.84 15.16
N LEU E 238 -10.64 23.91 15.88
CA LEU E 238 -9.43 23.88 16.68
C LEU E 238 -9.75 23.47 18.12
N PRO E 239 -8.84 22.80 18.79
CA PRO E 239 -9.11 22.28 20.14
C PRO E 239 -8.79 23.32 21.22
N ASP E 240 -9.13 22.96 22.45
CA ASP E 240 -8.78 23.77 23.61
C ASP E 240 -7.29 23.61 23.88
N PHE E 241 -6.51 24.60 23.45
CA PHE E 241 -5.05 24.49 23.54
C PHE E 241 -4.56 24.52 24.97
N ALA E 242 -5.29 25.20 25.86
CA ALA E 242 -4.90 25.25 27.26
C ALA E 242 -5.09 23.92 27.97
N CYS E 243 -5.89 23.02 27.41
CA CYS E 243 -6.17 21.73 28.03
C CYS E 243 -5.30 20.63 27.41
N SER E 244 -5.15 19.54 28.15
CA SER E 244 -4.35 18.42 27.71
C SER E 244 -5.04 17.67 26.59
N GLY E 245 -4.25 16.92 25.82
CA GLY E 245 -4.77 16.18 24.68
C GLY E 245 -4.93 16.99 23.42
N SER E 246 -4.55 18.27 23.43
CA SER E 246 -4.66 19.14 22.27
C SER E 246 -3.26 19.54 21.81
N LYS E 247 -2.98 19.31 20.54
CA LYS E 247 -1.68 19.66 19.98
C LYS E 247 -1.57 21.17 19.77
N LYS E 248 -0.34 21.63 19.61
CA LYS E 248 -0.06 23.04 19.35
C LYS E 248 0.10 23.28 17.86
N ILE E 249 -0.16 24.52 17.44
CA ILE E 249 -0.04 24.88 16.04
C ILE E 249 1.44 24.89 15.67
N ARG E 250 1.81 24.08 14.68
CA ARG E 250 3.20 23.97 14.28
C ARG E 250 3.61 25.18 13.45
N SER E 251 4.55 25.97 13.98
CA SER E 251 5.07 27.10 13.22
C SER E 251 5.73 26.65 11.92
N ASP E 252 6.31 25.45 11.92
CA ASP E 252 6.89 24.92 10.70
C ASP E 252 5.84 24.72 9.62
N ASN E 253 4.66 24.21 10.00
CA ASN E 253 3.58 24.05 9.04
C ASN E 253 3.11 25.40 8.52
N ILE E 254 3.02 26.40 9.40
CA ILE E 254 2.57 27.72 8.99
C ILE E 254 3.55 28.33 7.99
N LYS E 255 4.84 28.21 8.26
CA LYS E 255 5.84 28.69 7.32
C LYS E 255 5.85 27.88 6.04
N LYS E 256 5.50 26.60 6.09
CA LYS E 256 5.37 25.81 4.87
C LYS E 256 4.24 26.33 4.00
N LEU E 257 3.12 26.70 4.60
CA LEU E 257 2.00 27.26 3.85
C LEU E 257 2.15 28.76 3.63
N THR E 258 3.31 29.16 3.11
CA THR E 258 3.53 30.56 2.76
C THR E 258 4.34 30.72 1.48
N GLU E 259 4.48 29.66 0.69
CA GLU E 259 5.28 29.71 -0.52
C GLU E 259 4.40 29.58 -1.76
N PRO E 260 4.83 30.15 -2.89
CA PRO E 260 4.04 30.03 -4.12
C PRO E 260 3.80 28.59 -4.54
N CYS E 261 4.76 27.70 -4.30
CA CYS E 261 4.63 26.28 -4.65
C CYS E 261 4.93 25.46 -3.41
N VAL E 262 3.88 25.08 -2.69
CA VAL E 262 4.02 24.30 -1.47
C VAL E 262 4.16 22.83 -1.83
N ILE E 263 5.15 22.18 -1.23
CA ILE E 263 5.46 20.78 -1.52
C ILE E 263 4.39 19.89 -0.91
N GLY E 264 4.39 18.61 -1.30
CA GLY E 264 3.42 17.65 -0.81
C GLY E 264 2.99 16.68 -1.89
N ARG E 265 3.10 15.39 -1.60
CA ARG E 265 2.86 14.37 -2.62
C ARG E 265 1.37 14.09 -2.76
N PRO E 266 0.83 14.10 -3.99
CA PRO E 266 -0.56 13.68 -4.18
C PRO E 266 -0.70 12.16 -4.15
N CYS E 267 -1.90 11.66 -4.45
CA CYS E 267 -2.18 10.23 -4.37
C CYS E 267 -1.92 9.59 -5.72
N PHE E 268 -0.94 8.69 -5.77
CA PHE E 268 -0.61 7.91 -6.97
C PHE E 268 -0.32 8.82 -8.16
N SER E 269 0.38 9.93 -7.90
CA SER E 269 0.75 10.86 -8.95
C SER E 269 1.91 11.71 -8.45
N ASN E 270 2.61 12.34 -9.39
CA ASN E 270 3.76 13.18 -9.10
C ASN E 270 3.37 14.63 -9.40
N LYS E 271 2.76 15.28 -8.42
CA LYS E 271 2.39 16.69 -8.47
C LYS E 271 2.79 17.38 -7.18
N ILE E 272 4.03 17.14 -6.74
CA ILE E 272 4.49 17.69 -5.47
C ILE E 272 4.52 19.21 -5.52
N ASN E 273 4.85 19.77 -6.69
CA ASN E 273 4.87 21.21 -6.86
C ASN E 273 3.43 21.72 -6.91
N ASN E 274 2.85 21.92 -5.73
CA ASN E 274 1.47 22.38 -5.60
C ASN E 274 1.48 23.90 -5.45
N ARG E 275 0.93 24.59 -6.45
CA ARG E 275 0.90 26.05 -6.41
C ARG E 275 -0.09 26.52 -5.36
N ASN E 276 0.36 27.43 -4.49
CA ASN E 276 -0.45 27.93 -3.39
C ASN E 276 -0.86 29.36 -3.71
N HIS E 277 -2.13 29.53 -4.09
CA HIS E 277 -2.69 30.85 -4.39
C HIS E 277 -3.90 31.14 -3.51
N ALA E 278 -4.12 30.35 -2.46
CA ALA E 278 -5.34 30.42 -1.69
C ALA E 278 -5.15 31.25 -0.42
N THR E 279 -6.21 31.93 0.00
CA THR E 279 -6.21 32.70 1.23
C THR E 279 -6.61 31.77 2.37
N ILE E 280 -5.65 31.44 3.23
CA ILE E 280 -5.88 30.49 4.32
C ILE E 280 -6.43 31.25 5.52
N ILE E 281 -7.60 30.84 5.99
CA ILE E 281 -8.27 31.46 7.13
C ILE E 281 -8.52 30.38 8.17
N ILE E 282 -8.21 30.69 9.43
CA ILE E 282 -8.34 29.73 10.53
C ILE E 282 -9.54 30.13 11.38
N ASP E 283 -10.48 29.20 11.53
CA ASP E 283 -11.64 29.39 12.37
C ASP E 283 -11.41 28.68 13.70
N THR E 284 -11.55 29.43 14.80
CA THR E 284 -11.32 28.87 16.12
C THR E 284 -12.17 29.62 17.14
N ASN E 285 -12.42 28.94 18.26
CA ASN E 285 -13.12 29.54 19.40
C ASN E 285 -12.19 29.84 20.56
N TYR E 286 -10.90 29.55 20.43
CA TYR E 286 -9.93 29.77 21.49
C TYR E 286 -8.69 30.44 20.91
N LYS E 287 -7.96 31.12 21.77
CA LYS E 287 -6.71 31.77 21.36
C LYS E 287 -5.64 30.71 21.15
N PRO E 288 -5.04 30.63 19.96
CA PRO E 288 -4.13 29.51 19.66
C PRO E 288 -2.83 29.58 20.44
N VAL E 289 -2.23 28.40 20.64
CA VAL E 289 -0.92 28.26 21.28
C VAL E 289 -0.02 27.52 20.31
N PHE E 290 1.18 28.06 20.09
CA PHE E 290 2.10 27.54 19.10
C PHE E 290 3.27 26.84 19.78
N ASP E 291 3.75 25.77 19.14
CA ASP E 291 4.92 25.05 19.65
C ASP E 291 6.17 25.91 19.58
N ARG E 292 6.35 26.66 18.49
CA ARG E 292 7.47 27.56 18.32
C ARG E 292 6.95 28.94 17.96
N ILE E 293 7.56 29.97 18.54
CA ILE E 293 7.18 31.36 18.28
C ILE E 293 8.44 32.15 17.94
N ASP E 294 8.38 32.90 16.85
CA ASP E 294 9.51 33.73 16.42
C ASP E 294 8.96 34.97 15.73
N ASN E 295 9.88 35.87 15.37
CA ASN E 295 9.48 37.10 14.70
C ASN E 295 8.85 36.81 13.34
N ALA E 296 9.41 35.85 12.60
CA ALA E 296 8.87 35.51 11.29
C ALA E 296 7.44 34.99 11.39
N LEU E 297 7.19 34.11 12.38
CA LEU E 297 5.83 33.60 12.55
C LEU E 297 4.86 34.70 12.94
N MET E 298 5.26 35.59 13.85
CA MET E 298 4.40 36.70 14.23
C MET E 298 4.13 37.64 13.06
N ARG E 299 5.06 37.75 12.12
CA ARG E 299 4.84 38.52 10.91
C ARG E 299 4.09 37.74 9.84
N ARG E 300 3.86 36.44 10.06
CA ARG E 300 3.08 35.61 9.15
C ARG E 300 1.67 35.35 9.66
N ILE E 301 1.27 35.93 10.78
CA ILE E 301 0.00 35.61 11.43
C ILE E 301 -0.77 36.89 11.73
N ALA E 302 -2.03 36.92 11.34
CA ALA E 302 -2.95 37.99 11.69
C ALA E 302 -4.20 37.39 12.34
N VAL E 303 -4.83 38.15 13.23
CA VAL E 303 -5.97 37.68 14.00
C VAL E 303 -7.13 38.65 13.79
N VAL E 304 -8.31 38.11 13.51
CA VAL E 304 -9.55 38.89 13.41
C VAL E 304 -10.50 38.39 14.49
N ARG E 305 -11.05 39.30 15.27
CA ARG E 305 -11.94 38.96 16.37
C ARG E 305 -13.38 39.20 15.98
N PHE E 306 -14.23 38.22 16.25
CA PHE E 306 -15.67 38.33 16.06
C PHE E 306 -16.32 38.64 17.40
N ARG E 307 -16.93 39.81 17.50
CA ARG E 307 -17.41 40.33 18.77
C ARG E 307 -18.90 40.64 18.73
N THR E 308 -19.68 39.75 18.10
CA THR E 308 -21.13 39.92 18.09
C THR E 308 -21.77 38.53 18.03
N HIS E 309 -22.37 38.11 19.13
CA HIS E 309 -23.07 36.84 19.19
C HIS E 309 -24.45 36.98 18.55
N PHE E 310 -25.01 35.83 18.18
CA PHE E 310 -26.34 35.77 17.55
C PHE E 310 -27.14 34.67 18.26
N SER E 311 -27.88 35.06 19.29
CA SER E 311 -28.70 34.12 20.05
C SER E 311 -30.01 33.82 19.30
N TYR E 325 -18.71 39.87 23.82
CA TYR E 325 -18.99 40.44 22.51
C TYR E 325 -19.23 41.94 22.61
N ASP E 326 -19.25 42.62 21.46
CA ASP E 326 -19.62 44.02 21.40
C ASP E 326 -21.12 44.23 21.19
N LYS E 327 -21.86 43.18 20.87
CA LYS E 327 -23.30 43.27 20.66
C LYS E 327 -23.87 41.87 20.65
N VAL E 328 -25.15 41.76 21.01
CA VAL E 328 -25.87 40.49 21.02
C VAL E 328 -27.18 40.68 20.27
N LYS E 329 -27.45 39.80 19.31
CA LYS E 329 -28.68 39.85 18.52
C LYS E 329 -29.30 38.46 18.48
N LEU E 330 -30.44 38.35 17.80
CA LEU E 330 -31.14 37.09 17.66
C LEU E 330 -30.65 36.34 16.43
N LEU E 331 -30.96 35.04 16.38
CA LEU E 331 -30.53 34.18 15.30
C LEU E 331 -31.58 34.12 14.20
N ASP E 332 -31.12 34.17 12.95
CA ASP E 332 -31.99 34.05 11.77
C ASP E 332 -31.86 32.62 11.25
N GLU E 333 -32.90 31.81 11.47
CA GLU E 333 -32.84 30.41 11.06
C GLU E 333 -32.90 30.26 9.55
N GLY E 334 -33.71 31.08 8.88
CA GLY E 334 -33.91 30.97 7.45
C GLY E 334 -32.80 31.56 6.60
N LEU E 335 -31.83 32.24 7.21
CA LEU E 335 -30.74 32.80 6.43
C LEU E 335 -29.81 31.72 5.90
N ASP E 336 -29.66 30.61 6.63
CA ASP E 336 -28.81 29.52 6.17
C ASP E 336 -29.34 28.93 4.88
N GLY E 337 -30.66 28.80 4.76
CA GLY E 337 -31.24 28.32 3.52
C GLY E 337 -30.97 29.26 2.35
N LYS E 338 -31.09 30.56 2.59
CA LYS E 338 -30.78 31.53 1.53
C LYS E 338 -29.33 31.44 1.11
N ILE E 339 -28.43 31.26 2.08
CA ILE E 339 -27.01 31.07 1.76
C ILE E 339 -26.82 29.82 0.92
N GLN E 340 -27.46 28.73 1.31
CA GLN E 340 -27.37 27.48 0.54
C GLN E 340 -28.02 27.58 -0.83
N ASN E 341 -28.96 28.52 -1.00
CA ASN E 341 -29.59 28.75 -2.29
C ASN E 341 -28.81 29.73 -3.15
N ASN E 342 -27.66 30.21 -2.67
CA ASN E 342 -26.83 31.18 -3.39
C ASN E 342 -27.60 32.46 -3.70
N ARG E 343 -28.53 32.82 -2.82
CA ARG E 343 -29.26 34.07 -3.00
C ARG E 343 -28.33 35.27 -2.90
N TYR E 344 -27.39 35.23 -1.97
CA TYR E 344 -26.45 36.33 -1.75
C TYR E 344 -25.08 36.04 -2.36
N ARG E 345 -25.00 35.07 -3.28
CA ARG E 345 -23.73 34.74 -3.91
C ARG E 345 -23.19 35.92 -4.71
N PHE E 346 -24.00 36.49 -5.60
CA PHE E 346 -23.54 37.60 -6.42
C PHE E 346 -23.39 38.87 -5.60
N ALA E 347 -24.24 39.08 -4.59
CA ALA E 347 -24.05 40.22 -3.70
C ALA E 347 -22.73 40.11 -2.95
N PHE E 348 -22.42 38.90 -2.44
CA PHE E 348 -21.14 38.70 -1.77
C PHE E 348 -19.98 38.91 -2.74
N LEU E 349 -20.13 38.44 -3.97
CA LEU E 349 -19.08 38.63 -4.97
C LEU E 349 -18.86 40.11 -5.26
N TYR E 350 -19.94 40.88 -5.39
CA TYR E 350 -19.81 42.31 -5.63
C TYR E 350 -19.15 43.01 -4.44
N LEU E 351 -19.53 42.61 -3.23
CA LEU E 351 -18.90 43.19 -2.04
C LEU E 351 -17.41 42.87 -2.00
N LEU E 352 -17.04 41.64 -2.34
CA LEU E 352 -15.64 41.27 -2.36
C LEU E 352 -14.87 42.05 -3.42
N VAL E 353 -15.49 42.27 -4.58
CA VAL E 353 -14.85 43.06 -5.63
C VAL E 353 -14.65 44.50 -5.15
N LYS E 354 -15.66 45.06 -4.49
CA LYS E 354 -15.53 46.41 -3.96
C LYS E 354 -14.41 46.50 -2.93
N TRP E 355 -14.33 45.51 -2.03
CA TRP E 355 -13.28 45.52 -1.02
C TRP E 355 -11.91 45.34 -1.65
N TYR E 356 -11.81 44.50 -2.68
CA TYR E 356 -10.54 44.31 -3.37
C TYR E 356 -10.07 45.60 -4.04
N LYS E 357 -11.01 46.31 -4.68
CA LYS E 357 -10.67 47.61 -5.25
C LYS E 357 -10.29 48.62 -4.18
N LYS E 358 -10.97 48.58 -3.04
CA LYS E 358 -10.68 49.51 -1.95
C LYS E 358 -9.30 49.25 -1.33
N TYR E 359 -8.91 47.99 -1.21
CA TYR E 359 -7.71 47.61 -0.46
C TYR E 359 -6.58 47.13 -1.36
N HIS E 360 -6.84 46.10 -2.18
CA HIS E 360 -5.78 45.37 -2.85
C HIS E 360 -5.46 45.90 -4.23
N VAL E 361 -6.19 46.91 -4.70
CA VAL E 361 -5.89 47.57 -5.98
C VAL E 361 -4.91 48.71 -5.71
N PRO E 362 -3.76 48.76 -6.38
CA PRO E 362 -3.30 47.83 -7.41
C PRO E 362 -2.42 46.70 -6.88
N ILE E 363 -2.03 46.73 -5.61
CA ILE E 363 -1.06 45.79 -5.07
C ILE E 363 -1.67 45.11 -3.84
N MET E 364 -1.45 43.81 -3.73
CA MET E 364 -1.92 43.06 -2.57
C MET E 364 -1.19 43.53 -1.32
N LYS E 365 -1.92 43.58 -0.21
CA LYS E 365 -1.39 43.96 1.08
C LYS E 365 -1.87 42.98 2.14
N LEU E 366 -0.92 42.37 2.86
CA LEU E 366 -1.21 41.39 3.90
C LEU E 366 -0.31 41.70 5.09
N TYR E 367 -0.83 42.49 6.02
CA TYR E 367 -0.03 42.90 7.17
C TYR E 367 -0.39 42.05 8.39
N PRO E 368 0.59 41.72 9.24
CA PRO E 368 0.31 40.83 10.38
C PRO E 368 -0.25 41.59 11.57
N THR E 369 -1.13 40.90 12.30
CA THR E 369 -1.66 41.37 13.57
C THR E 369 -1.56 40.25 14.58
N PRO E 370 -0.36 40.02 15.14
CA PRO E 370 -0.20 38.92 16.11
C PRO E 370 -0.49 39.30 17.54
N GLU E 371 -0.79 40.57 17.81
CA GLU E 371 -0.96 41.06 19.17
C GLU E 371 -2.29 40.65 19.79
N GLU E 372 -3.04 39.76 19.15
CA GLU E 372 -4.32 39.30 19.66
C GLU E 372 -4.21 37.85 20.12
N ILE E 373 -3.03 37.47 20.60
CA ILE E 373 -2.76 36.11 21.05
C ILE E 373 -1.92 36.19 22.31
N PRO E 374 -2.27 35.48 23.39
CA PRO E 374 -1.55 35.65 24.66
C PRO E 374 -0.07 35.34 24.58
N ASP E 375 0.30 34.18 24.04
CA ASP E 375 1.70 33.85 23.87
C ASP E 375 2.38 34.80 22.88
N PHE E 376 1.69 35.13 21.79
CA PHE E 376 2.24 36.09 20.84
C PHE E 376 2.41 37.47 21.47
N ALA E 377 1.44 37.90 22.29
CA ALA E 377 1.58 39.18 22.98
C ALA E 377 2.75 39.15 23.96
N PHE E 378 2.92 38.03 24.66
CA PHE E 378 4.06 37.88 25.57
C PHE E 378 5.38 38.00 24.81
N TYR E 379 5.48 37.32 23.68
CA TYR E 379 6.72 37.36 22.90
C TYR E 379 6.94 38.75 22.30
N LEU E 380 5.88 39.43 21.88
CA LEU E 380 6.02 40.80 21.38
C LEU E 380 6.52 41.73 22.47
N LYS E 381 5.95 41.63 23.67
CA LYS E 381 6.41 42.45 24.78
C LYS E 381 7.85 42.13 25.14
N ILE E 382 8.22 40.85 25.10
CA ILE E 382 9.61 40.46 25.35
C ILE E 382 10.52 41.13 24.32
N GLY E 383 10.19 41.00 23.04
CA GLY E 383 11.01 41.60 22.00
C GLY E 383 11.12 43.10 22.11
N THR E 384 10.05 43.77 22.56
CA THR E 384 10.12 45.20 22.79
C THR E 384 10.96 45.51 24.02
N LEU E 385 11.06 44.58 24.96
CA LEU E 385 11.79 44.80 26.20
C LEU E 385 13.11 44.03 26.28
N LEU E 386 13.33 43.06 25.41
CA LEU E 386 14.49 42.17 25.48
C LEU E 386 15.25 42.16 24.16
N VAL E 387 15.58 43.36 23.67
CA VAL E 387 16.39 43.45 22.45
C VAL E 387 17.70 42.70 22.65
N SER E 388 18.08 41.92 21.64
CA SER E 388 19.21 41.01 21.76
C SER E 388 20.52 41.78 21.90
N SER E 389 21.43 41.24 22.70
CA SER E 389 22.74 41.84 22.88
C SER E 389 23.57 41.72 21.61
N SER E 390 24.47 42.67 21.41
CA SER E 390 25.29 42.72 20.22
C SER E 390 26.57 43.50 20.53
N VAL E 391 27.47 43.52 19.55
CA VAL E 391 28.69 44.31 19.67
C VAL E 391 28.36 45.79 19.74
N LYS E 392 27.32 46.23 19.02
CA LYS E 392 26.87 47.61 19.12
C LYS E 392 26.42 47.97 20.54
N HIS E 393 26.00 46.98 21.32
CA HIS E 393 25.60 47.20 22.71
C HIS E 393 26.75 47.03 23.69
N ILE E 394 27.94 46.62 23.21
CA ILE E 394 29.10 46.52 24.11
C ILE E 394 29.45 47.85 24.74
N PRO E 395 29.50 48.98 24.02
CA PRO E 395 29.83 50.25 24.68
C PRO E 395 28.88 50.64 25.80
N LEU E 396 27.70 50.02 25.89
CA LEU E 396 26.80 50.25 27.01
C LEU E 396 27.24 49.54 28.28
N MET E 397 28.27 48.70 28.21
CA MET E 397 28.72 47.96 29.38
C MET E 397 29.17 48.90 30.50
N THR E 398 29.64 50.10 30.16
CA THR E 398 30.07 51.04 31.19
C THR E 398 28.95 51.36 32.16
N ASP E 399 27.72 51.52 31.65
CA ASP E 399 26.56 51.75 32.49
C ASP E 399 25.86 50.47 32.91
N LEU E 400 26.04 49.38 32.17
CA LEU E 400 25.35 48.13 32.47
C LEU E 400 26.08 47.25 33.46
N SER E 401 27.35 47.54 33.76
CA SER E 401 28.08 46.72 34.73
C SER E 401 27.50 46.84 36.12
N LYS E 402 27.09 48.04 36.52
CA LYS E 402 26.52 48.27 37.84
C LYS E 402 25.07 47.81 37.94
N LYS E 403 24.46 47.41 36.83
CA LYS E 403 23.06 46.98 36.81
C LYS E 403 22.93 45.47 36.71
N GLY E 404 24.03 44.74 36.96
CA GLY E 404 24.01 43.28 36.90
C GLY E 404 24.38 42.68 35.57
N TYR E 405 24.47 43.48 34.51
CA TYR E 405 24.84 42.97 33.18
C TYR E 405 26.35 42.79 33.14
N ILE E 406 26.79 41.55 32.98
CA ILE E 406 28.21 41.21 32.93
C ILE E 406 28.58 40.86 31.49
N LEU E 407 29.68 41.42 31.02
CA LEU E 407 30.15 41.19 29.65
C LEU E 407 30.78 39.80 29.58
N TYR E 408 30.14 38.89 28.85
CA TYR E 408 30.59 37.52 28.72
C TYR E 408 30.76 37.20 27.24
N ASP E 409 32.00 36.98 26.82
CA ASP E 409 32.33 36.67 25.42
C ASP E 409 31.80 37.77 24.48
N ASN E 410 32.11 39.02 24.83
CA ASN E 410 31.68 40.18 24.05
C ASN E 410 30.17 40.25 23.90
N VAL E 411 29.44 39.74 24.89
CA VAL E 411 27.98 39.76 24.89
C VAL E 411 27.52 40.29 26.24
N VAL E 412 26.60 41.25 26.22
CA VAL E 412 26.01 41.78 27.44
C VAL E 412 25.05 40.72 27.99
N THR E 413 25.40 40.13 29.12
CA THR E 413 24.67 39.00 29.68
C THR E 413 24.08 39.37 31.03
N LEU E 414 22.80 39.07 31.21
CA LEU E 414 22.10 39.31 32.47
C LEU E 414 21.88 37.98 33.18
N PRO E 415 22.17 37.89 34.48
CA PRO E 415 22.01 36.62 35.18
C PRO E 415 20.57 36.14 35.15
N LEU E 416 20.42 34.81 35.16
CA LEU E 416 19.08 34.21 35.10
C LEU E 416 18.24 34.62 36.30
N THR E 417 18.85 34.70 37.48
CA THR E 417 18.12 35.12 38.66
C THR E 417 17.59 36.55 38.50
N THR E 418 18.45 37.46 38.04
CA THR E 418 18.02 38.83 37.82
C THR E 418 16.96 38.91 36.72
N PHE E 419 17.12 38.13 35.66
CA PHE E 419 16.14 38.12 34.58
C PHE E 419 14.78 37.66 35.08
N GLN E 420 14.76 36.59 35.88
CA GLN E 420 13.49 36.10 36.42
C GLN E 420 12.88 37.08 37.41
N GLN E 421 13.72 37.76 38.20
CA GLN E 421 13.20 38.75 39.13
C GLN E 421 12.57 39.93 38.39
N LYS E 422 13.22 40.40 37.34
CA LYS E 422 12.73 41.57 36.61
C LYS E 422 11.64 41.23 35.60
N ILE E 423 11.49 39.96 35.22
CA ILE E 423 10.42 39.58 34.31
C ILE E 423 9.08 39.50 35.04
N SER E 424 9.09 39.41 36.37
CA SER E 424 7.86 39.45 37.15
C SER E 424 7.30 40.86 37.26
N LYS E 425 8.11 41.89 36.98
CA LYS E 425 7.62 43.26 37.05
C LYS E 425 6.72 43.59 35.86
N TYR E 426 7.11 43.15 34.67
CA TYR E 426 6.34 43.43 33.46
C TYR E 426 5.32 42.36 33.15
N PHE E 427 5.63 41.10 33.43
CA PHE E 427 4.73 39.97 33.20
C PHE E 427 4.39 39.33 34.53
N ASN E 428 3.18 38.77 34.61
CA ASN E 428 2.81 37.97 35.78
C ASN E 428 3.65 36.71 35.78
N SER E 429 4.54 36.59 36.78
CA SER E 429 5.44 35.43 36.85
C SER E 429 4.68 34.13 37.03
N ARG E 430 3.41 34.18 37.44
CA ARG E 430 2.60 32.99 37.61
C ARG E 430 1.72 32.72 36.39
N LEU E 431 1.04 33.75 35.88
CA LEU E 431 0.22 33.57 34.67
C LEU E 431 1.10 33.16 33.49
N PHE E 432 2.23 33.84 33.31
CA PHE E 432 3.18 33.51 32.24
C PHE E 432 4.24 32.53 32.71
N GLY E 433 4.01 31.87 33.84
CA GLY E 433 5.03 31.01 34.42
C GLY E 433 5.47 29.91 33.46
N HIS E 434 4.50 29.21 32.86
CA HIS E 434 4.84 28.25 31.82
C HIS E 434 5.47 28.95 30.62
N ASP E 435 4.90 30.09 30.21
CA ASP E 435 5.44 30.83 29.08
C ASP E 435 6.84 31.35 29.37
N ILE E 436 7.05 31.91 30.56
CA ILE E 436 8.37 32.43 30.92
C ILE E 436 9.38 31.30 30.97
N GLU E 437 9.00 30.16 31.58
CA GLU E 437 9.92 29.03 31.66
C GLU E 437 10.27 28.50 30.28
N SER E 438 9.27 28.39 29.39
CA SER E 438 9.53 27.91 28.04
C SER E 438 10.44 28.88 27.28
N PHE E 439 10.19 30.18 27.41
CA PHE E 439 11.04 31.16 26.76
C PHE E 439 12.47 31.09 27.27
N ILE E 440 12.64 30.94 28.59
CA ILE E 440 13.98 30.85 29.16
C ILE E 440 14.68 29.60 28.63
N ASN E 441 14.01 28.44 28.71
CA ASN E 441 14.62 27.20 28.25
C ASN E 441 14.95 27.25 26.76
N ARG E 442 14.17 27.99 25.98
CA ARG E 442 14.45 28.14 24.56
C ARG E 442 15.55 29.17 24.30
N HIS E 443 15.82 30.07 25.25
CA HIS E 443 16.74 31.16 25.01
C HIS E 443 17.79 31.39 26.10
N LYS E 444 17.91 30.49 27.08
CA LYS E 444 18.92 30.67 28.11
C LYS E 444 20.26 30.09 27.65
N LYS E 445 21.34 30.69 28.15
CA LYS E 445 22.68 30.19 27.93
C LYS E 445 23.45 30.26 29.25
N PHE E 446 24.35 29.31 29.44
CA PHE E 446 25.11 29.18 30.68
C PHE E 446 26.49 29.80 30.50
N ALA E 447 26.89 30.66 31.45
CA ALA E 447 28.24 31.20 31.41
C ALA E 447 29.26 30.12 31.69
N ASN E 448 29.24 29.55 32.90
CA ASN E 448 29.99 28.33 33.17
C ASN E 448 29.07 27.18 33.56
N VAL E 449 28.36 27.27 34.68
CA VAL E 449 27.30 26.32 34.99
C VAL E 449 26.07 27.03 35.53
N SER E 450 26.28 28.17 36.16
CA SER E 450 25.24 28.76 37.00
C SER E 450 24.93 30.21 36.67
N ASP E 451 25.87 30.95 36.09
CA ASP E 451 25.61 32.33 35.68
C ASP E 451 24.82 32.31 34.37
N GLU E 452 23.69 31.62 34.41
CA GLU E 452 22.86 31.46 33.23
C GLU E 452 22.35 32.81 32.76
N TYR E 453 22.36 33.02 31.45
CA TYR E 453 21.99 34.30 30.88
C TYR E 453 21.20 34.08 29.60
N LEU E 454 20.40 35.09 29.27
CA LEU E 454 19.73 35.18 27.97
C LEU E 454 20.27 36.40 27.25
N GLN E 455 20.69 36.21 26.00
CA GLN E 455 21.39 37.26 25.26
C GLN E 455 20.39 38.33 24.80
N TYR E 456 19.80 39.00 25.78
CA TYR E 456 18.84 40.06 25.55
C TYR E 456 19.05 41.14 26.60
N ILE E 457 18.77 42.39 26.23
CA ILE E 457 19.03 43.55 27.07
C ILE E 457 17.73 44.33 27.27
N PHE E 458 17.47 44.74 28.51
CA PHE E 458 16.38 45.65 28.79
C PHE E 458 16.67 47.03 28.20
N ILE E 459 15.61 47.68 27.73
CA ILE E 459 15.73 49.07 27.26
C ILE E 459 15.64 50.07 28.42
N GLU E 460 15.10 49.65 29.57
CA GLU E 460 15.08 50.49 30.76
C GLU E 460 16.49 50.83 31.24
N ASP E 461 17.49 50.04 30.85
CA ASP E 461 18.86 50.25 31.27
C ASP E 461 19.78 50.72 30.15
N ILE E 462 19.37 50.58 28.89
CA ILE E 462 20.17 51.05 27.76
C ILE E 462 20.24 52.56 27.75
N ALA F 1 -12.80 -12.02 -43.12
CA ALA F 1 -12.09 -12.38 -44.34
C ALA F 1 -10.73 -13.01 -44.03
N MET F 2 -10.74 -14.32 -43.82
CA MET F 2 -9.53 -15.05 -43.46
C MET F 2 -9.51 -16.37 -44.24
N GLY F 3 -8.62 -17.27 -43.85
CA GLY F 3 -8.45 -18.55 -44.53
C GLY F 3 -9.14 -19.67 -43.79
N ASN F 4 -9.80 -20.55 -44.55
CA ASN F 4 -10.52 -21.68 -43.96
C ASN F 4 -9.57 -22.74 -43.42
N LYS F 5 -8.40 -22.91 -44.05
CA LYS F 5 -7.50 -23.99 -43.69
C LYS F 5 -6.99 -23.88 -42.26
N LEU F 6 -6.98 -22.68 -41.68
CA LEU F 6 -6.44 -22.51 -40.33
C LEU F 6 -7.23 -23.29 -39.31
N PHE F 7 -8.56 -23.30 -39.42
CA PHE F 7 -9.37 -24.07 -38.49
C PHE F 7 -9.11 -25.57 -38.64
N ASN F 8 -8.93 -26.02 -39.89
CA ASN F 8 -8.61 -27.43 -40.11
C ASN F 8 -7.26 -27.80 -39.48
N ILE F 9 -6.28 -26.91 -39.61
CA ILE F 9 -4.97 -27.15 -39.00
C ILE F 9 -5.10 -27.21 -37.48
N ALA F 10 -5.89 -26.30 -36.90
CA ALA F 10 -6.09 -26.32 -35.46
C ALA F 10 -6.77 -27.61 -35.02
N GLN F 11 -7.76 -28.07 -35.78
CA GLN F 11 -8.42 -29.33 -35.47
C GLN F 11 -7.44 -30.49 -35.53
N ARG F 12 -6.59 -30.52 -36.56
CA ARG F 12 -5.59 -31.58 -36.67
C ARG F 12 -4.62 -31.55 -35.50
N ILE F 13 -4.20 -30.35 -35.09
CA ILE F 13 -3.30 -30.23 -33.95
C ILE F 13 -3.97 -30.77 -32.69
N LEU F 14 -5.24 -30.39 -32.48
CA LEU F 14 -5.96 -30.88 -31.31
C LEU F 14 -6.23 -32.38 -31.38
N ASP F 15 -6.22 -32.97 -32.58
CA ASP F 15 -6.31 -34.42 -32.68
C ASP F 15 -5.11 -35.08 -32.03
N THR F 16 -3.92 -34.50 -32.22
CA THR F 16 -2.71 -35.01 -31.58
C THR F 16 -2.73 -34.85 -30.07
N ASN F 17 -3.62 -34.00 -29.53
CA ASN F 17 -3.72 -33.76 -28.09
C ASN F 17 -2.42 -33.21 -27.51
N SER F 18 -1.67 -32.47 -28.32
CA SER F 18 -0.40 -31.89 -27.87
C SER F 18 -0.59 -30.72 -26.92
N VAL F 19 -1.79 -30.14 -26.87
CA VAL F 19 -2.09 -29.02 -25.98
C VAL F 19 -3.35 -29.36 -25.19
N LEU F 20 -3.31 -29.12 -23.88
CA LEU F 20 -4.41 -29.45 -22.99
C LEU F 20 -4.72 -28.27 -22.09
N LEU F 21 -5.98 -28.19 -21.67
CA LEU F 21 -6.45 -27.15 -20.77
C LEU F 21 -6.49 -27.69 -19.35
N THR F 22 -5.73 -27.06 -18.46
CA THR F 22 -5.61 -27.55 -17.09
C THR F 22 -6.87 -27.23 -16.29
N GLU F 23 -7.01 -27.93 -15.16
CA GLU F 23 -8.11 -27.65 -14.24
C GLU F 23 -8.03 -26.26 -13.64
N ARG F 24 -6.84 -25.65 -13.63
CA ARG F 24 -6.66 -24.30 -13.11
C ARG F 24 -6.87 -23.23 -14.17
N GLY F 25 -7.47 -23.58 -15.30
CA GLY F 25 -7.67 -22.60 -16.35
C GLY F 25 -6.43 -22.21 -17.11
N ASP F 26 -5.41 -23.06 -17.11
CA ASP F 26 -4.16 -22.80 -17.82
C ASP F 26 -3.98 -23.81 -18.94
N TYR F 27 -2.99 -23.54 -19.79
CA TYR F 27 -2.69 -24.37 -20.94
C TYR F 27 -1.30 -24.97 -20.83
N ILE F 28 -1.16 -26.22 -21.29
CA ILE F 28 0.13 -26.90 -21.33
C ILE F 28 0.35 -27.38 -22.76
N VAL F 29 1.62 -27.52 -23.12
CA VAL F 29 2.01 -27.96 -24.45
C VAL F 29 2.99 -29.12 -24.32
N TRP F 30 3.01 -29.96 -25.35
CA TRP F 30 3.86 -31.15 -25.39
C TRP F 30 4.96 -30.90 -26.41
N ILE F 31 6.09 -30.37 -25.96
CA ILE F 31 7.23 -30.06 -26.80
C ILE F 31 8.46 -30.76 -26.24
N ASN F 32 9.25 -31.36 -27.13
CA ASN F 32 10.51 -32.00 -26.77
C ASN F 32 10.32 -33.05 -25.66
N ASN F 33 9.28 -33.87 -25.81
CA ASN F 33 8.97 -34.93 -24.86
C ASN F 33 8.79 -34.38 -23.44
N SER F 34 8.03 -33.29 -23.34
CA SER F 34 7.80 -32.65 -22.05
C SER F 34 6.53 -31.81 -22.13
N TRP F 35 5.72 -31.87 -21.07
CA TRP F 35 4.51 -31.06 -20.97
C TRP F 35 4.90 -29.68 -20.46
N LYS F 36 5.42 -28.86 -21.37
CA LYS F 36 5.84 -27.52 -21.01
C LYS F 36 4.63 -26.63 -20.71
N PHE F 37 4.79 -25.75 -19.73
CA PHE F 37 3.69 -24.91 -19.26
C PHE F 37 4.23 -23.56 -18.84
N ASN F 38 3.49 -22.50 -19.18
CA ASN F 38 3.87 -21.15 -18.78
C ASN F 38 2.62 -20.29 -18.80
N SER F 39 2.23 -19.77 -17.63
CA SER F 39 1.06 -18.89 -17.56
C SER F 39 1.39 -17.50 -18.10
N GLU F 40 2.62 -17.04 -17.89
CA GLU F 40 3.01 -15.70 -18.33
C GLU F 40 2.91 -15.56 -19.84
N GLU F 41 3.41 -16.56 -20.57
CA GLU F 41 3.40 -16.55 -22.02
C GLU F 41 2.73 -17.81 -22.54
N PRO F 42 1.68 -17.69 -23.37
CA PRO F 42 1.06 -18.89 -23.95
C PRO F 42 2.01 -19.59 -24.91
N LEU F 43 2.34 -20.84 -24.59
CA LEU F 43 3.27 -21.63 -25.38
C LEU F 43 2.60 -22.27 -26.59
N ILE F 44 1.35 -21.91 -26.88
CA ILE F 44 0.63 -22.54 -27.98
C ILE F 44 1.31 -22.24 -29.31
N THR F 45 1.74 -21.00 -29.52
CA THR F 45 2.42 -20.64 -30.76
C THR F 45 3.70 -21.44 -30.93
N LYS F 46 4.48 -21.59 -29.86
CA LYS F 46 5.69 -22.39 -29.92
C LYS F 46 5.38 -23.84 -30.23
N LEU F 47 4.30 -24.38 -29.65
CA LEU F 47 3.90 -25.74 -29.95
C LEU F 47 3.54 -25.90 -31.42
N ILE F 48 2.79 -24.94 -31.97
CA ILE F 48 2.42 -25.00 -33.37
C ILE F 48 3.66 -24.96 -34.25
N LEU F 49 4.62 -24.09 -33.93
CA LEU F 49 5.85 -24.04 -34.70
C LEU F 49 6.62 -25.35 -34.58
N SER F 50 6.62 -25.97 -33.40
CA SER F 50 7.34 -27.22 -33.22
C SER F 50 6.71 -28.35 -34.04
N ILE F 51 5.38 -28.43 -34.05
CA ILE F 51 4.70 -29.55 -34.69
C ILE F 51 4.27 -29.22 -36.11
N ARG F 52 4.72 -28.10 -36.67
CA ARG F 52 4.43 -27.80 -38.06
C ARG F 52 5.03 -28.86 -38.98
N HIS F 53 6.13 -29.49 -38.57
CA HIS F 53 6.77 -30.52 -39.37
C HIS F 53 6.01 -31.83 -39.36
N GLN F 54 5.13 -32.04 -38.36
CA GLN F 54 4.30 -33.22 -38.28
C GLN F 54 3.02 -33.09 -39.11
N LEU F 55 2.99 -32.15 -40.03
CA LEU F 55 1.80 -31.81 -40.81
C LEU F 55 2.16 -31.78 -42.29
N PRO F 56 1.16 -31.89 -43.17
CA PRO F 56 1.44 -31.80 -44.60
C PRO F 56 2.05 -30.46 -44.97
N LYS F 57 2.85 -30.47 -46.04
CA LYS F 57 3.56 -29.27 -46.47
C LYS F 57 2.59 -28.13 -46.78
N GLU F 58 1.35 -28.45 -47.17
CA GLU F 58 0.36 -27.41 -47.40
C GLU F 58 0.03 -26.63 -46.14
N TYR F 59 0.25 -27.21 -44.97
CA TYR F 59 -0.05 -26.57 -43.69
C TYR F 59 1.17 -25.94 -43.04
N SER F 60 2.34 -26.56 -43.18
CA SER F 60 3.56 -26.02 -42.58
C SER F 60 3.88 -24.64 -43.16
N SER F 61 3.68 -24.47 -44.47
CA SER F 61 3.90 -23.16 -45.08
C SER F 61 2.96 -22.12 -44.50
N GLU F 62 1.70 -22.49 -44.28
CA GLU F 62 0.75 -21.56 -43.67
C GLU F 62 1.17 -21.20 -42.26
N LEU F 63 1.65 -22.18 -41.49
CA LEU F 63 2.00 -21.94 -40.10
C LEU F 63 3.23 -21.05 -39.93
N LEU F 64 3.98 -20.79 -40.99
CA LEU F 64 5.17 -19.97 -40.87
C LEU F 64 4.84 -18.54 -40.49
N CYS F 65 3.70 -18.03 -40.94
CA CYS F 65 3.32 -16.67 -40.61
C CYS F 65 2.97 -16.56 -39.12
N PRO F 66 3.62 -15.67 -38.37
CA PRO F 66 3.26 -15.52 -36.95
C PRO F 66 1.81 -15.14 -36.74
N ARG F 67 1.25 -14.31 -37.63
CA ARG F 67 -0.15 -13.93 -37.48
C ARG F 67 -1.07 -15.12 -37.71
N LYS F 68 -0.79 -15.91 -38.75
CA LYS F 68 -1.58 -17.12 -38.98
C LYS F 68 -1.41 -18.11 -37.83
N ARG F 69 -0.20 -18.21 -37.29
CA ARG F 69 0.04 -19.10 -36.17
C ARG F 69 -0.74 -18.66 -34.94
N LYS F 70 -0.79 -17.35 -34.68
CA LYS F 70 -1.59 -16.83 -33.57
C LYS F 70 -3.08 -17.06 -33.82
N THR F 71 -3.51 -16.95 -35.08
CA THR F 71 -4.89 -17.25 -35.42
C THR F 71 -5.24 -18.71 -35.12
N VAL F 72 -4.34 -19.62 -35.48
CA VAL F 72 -4.56 -21.04 -35.19
C VAL F 72 -4.55 -21.27 -33.68
N GLU F 73 -3.70 -20.53 -32.96
CA GLU F 73 -3.69 -20.61 -31.50
C GLU F 73 -5.03 -20.18 -30.92
N ALA F 74 -5.59 -19.09 -31.45
CA ALA F 74 -6.91 -18.64 -31.00
C ALA F 74 -7.97 -19.68 -31.31
N ASN F 75 -7.90 -20.29 -32.49
CA ASN F 75 -8.83 -21.36 -32.82
C ASN F 75 -8.72 -22.52 -31.83
N ILE F 76 -7.50 -22.90 -31.49
CA ILE F 76 -7.29 -23.99 -30.53
C ILE F 76 -7.86 -23.62 -29.17
N ARG F 77 -7.62 -22.37 -28.74
CA ARG F 77 -8.17 -21.92 -27.47
C ARG F 77 -9.70 -21.98 -27.48
N ASP F 78 -10.32 -21.57 -28.58
CA ASP F 78 -11.77 -21.65 -28.68
C ASP F 78 -12.25 -23.09 -28.62
N MET F 79 -11.56 -23.99 -29.32
CA MET F 79 -11.94 -25.40 -29.32
C MET F 79 -11.58 -26.11 -28.02
N LEU F 80 -10.55 -25.65 -27.32
CA LEU F 80 -10.19 -26.22 -26.01
C LEU F 80 -11.18 -25.68 -24.99
N VAL F 81 -12.09 -26.54 -24.53
CA VAL F 81 -13.15 -26.17 -23.60
C VAL F 81 -13.05 -26.95 -22.30
N ASP F 82 -12.89 -28.27 -22.41
CA ASP F 82 -12.83 -29.12 -21.21
C ASP F 82 -11.52 -28.88 -20.47
N SER F 83 -11.62 -28.39 -19.23
CA SER F 83 -10.44 -28.14 -18.40
C SER F 83 -10.04 -29.46 -17.74
N VAL F 84 -9.38 -30.31 -18.53
CA VAL F 84 -8.99 -31.63 -18.05
C VAL F 84 -7.84 -31.49 -17.06
N GLU F 85 -8.00 -32.08 -15.89
CA GLU F 85 -6.96 -32.04 -14.87
C GLU F 85 -5.83 -33.01 -15.22
N THR F 86 -4.66 -32.75 -14.64
CA THR F 86 -3.45 -33.47 -14.97
C THR F 86 -2.73 -33.91 -13.71
N ASP F 87 -1.70 -34.75 -13.90
CA ASP F 87 -0.83 -35.22 -12.82
C ASP F 87 -1.63 -35.95 -11.74
N THR F 88 -2.26 -37.05 -12.13
CA THR F 88 -3.06 -37.86 -11.22
C THR F 88 -2.27 -39.01 -10.63
N TYR F 89 -1.54 -39.73 -11.47
CA TYR F 89 -0.79 -40.89 -11.03
C TYR F 89 0.30 -40.49 -10.03
N PRO F 90 0.45 -41.23 -8.93
CA PRO F 90 1.56 -40.95 -8.01
C PRO F 90 2.77 -41.82 -8.28
N ASP F 91 2.65 -42.75 -9.22
CA ASP F 91 3.66 -43.77 -9.47
C ASP F 91 4.54 -43.45 -10.68
N LYS F 92 4.41 -42.26 -11.26
CA LYS F 92 5.15 -41.89 -12.46
C LYS F 92 6.09 -40.74 -12.14
N LEU F 93 7.35 -40.87 -12.54
CA LEU F 93 8.35 -39.85 -12.28
C LEU F 93 8.75 -39.17 -13.59
N PRO F 94 8.43 -37.89 -13.77
CA PRO F 94 8.76 -37.21 -15.02
C PRO F 94 10.22 -36.79 -15.09
N PHE F 95 10.72 -36.69 -16.32
CA PHE F 95 12.07 -36.20 -16.59
C PHE F 95 12.02 -35.20 -17.74
N LYS F 96 13.19 -34.74 -18.18
CA LYS F 96 13.26 -33.92 -19.38
C LYS F 96 13.27 -34.74 -20.65
N ASN F 97 13.46 -36.06 -20.55
CA ASN F 97 13.40 -36.97 -21.68
C ASN F 97 12.18 -37.88 -21.66
N GLY F 98 11.29 -37.71 -20.68
CA GLY F 98 10.12 -38.56 -20.57
C GLY F 98 9.74 -38.86 -19.14
N VAL F 99 9.10 -40.00 -18.91
CA VAL F 99 8.60 -40.38 -17.59
C VAL F 99 9.13 -41.76 -17.24
N LEU F 100 9.61 -41.91 -16.00
CA LEU F 100 10.05 -43.20 -15.49
C LEU F 100 9.01 -43.73 -14.51
N ASP F 101 8.56 -44.97 -14.73
CA ASP F 101 7.57 -45.58 -13.86
C ASP F 101 8.24 -46.16 -12.62
N LEU F 102 7.59 -45.98 -11.47
CA LEU F 102 8.06 -46.54 -10.22
C LEU F 102 7.62 -47.98 -10.01
N VAL F 103 6.71 -48.49 -10.83
CA VAL F 103 6.20 -49.84 -10.63
C VAL F 103 7.13 -50.86 -11.27
N ASP F 104 7.27 -50.80 -12.59
CA ASP F 104 8.12 -51.74 -13.31
C ASP F 104 9.53 -51.22 -13.54
N GLY F 105 9.81 -49.97 -13.20
CA GLY F 105 11.11 -49.39 -13.45
C GLY F 105 11.38 -49.04 -14.90
N MET F 106 10.37 -49.09 -15.76
CA MET F 106 10.53 -48.78 -17.17
C MET F 106 10.34 -47.29 -17.41
N PHE F 107 11.27 -46.69 -18.17
CA PHE F 107 11.24 -45.28 -18.49
C PHE F 107 10.54 -45.07 -19.83
N TYR F 108 9.59 -44.16 -19.87
CA TYR F 108 8.83 -43.86 -21.08
C TYR F 108 9.32 -42.54 -21.68
N SER F 109 9.14 -42.42 -22.99
CA SER F 109 9.60 -41.23 -23.70
C SER F 109 8.72 -41.03 -24.92
N GLY F 110 8.72 -39.80 -25.42
CA GLY F 110 7.93 -39.47 -26.60
C GLY F 110 6.44 -39.65 -26.33
N ASP F 111 5.74 -40.23 -27.31
CA ASP F 111 4.30 -40.41 -27.18
C ASP F 111 3.95 -41.29 -26.00
N ASP F 112 4.83 -42.22 -25.62
CA ASP F 112 4.58 -43.03 -24.45
C ASP F 112 4.53 -42.17 -23.19
N ALA F 113 5.45 -41.22 -23.07
CA ALA F 113 5.39 -40.25 -21.97
C ALA F 113 4.32 -39.19 -22.21
N LYS F 114 3.89 -38.99 -23.45
CA LYS F 114 2.83 -38.02 -23.72
C LYS F 114 1.50 -38.44 -23.12
N LYS F 115 1.24 -39.75 -23.07
CA LYS F 115 0.03 -40.24 -22.41
C LYS F 115 -0.05 -39.77 -20.98
N TYR F 116 1.10 -39.59 -20.33
CA TYR F 116 1.17 -39.03 -18.99
C TYR F 116 1.28 -37.51 -19.09
N THR F 117 0.45 -36.81 -18.32
CA THR F 117 0.38 -35.36 -18.34
C THR F 117 1.00 -34.85 -17.04
N CYS F 118 2.26 -34.46 -17.10
CA CYS F 118 3.01 -34.00 -15.94
C CYS F 118 3.39 -32.53 -16.13
N THR F 119 2.78 -31.65 -15.33
CA THR F 119 3.13 -30.23 -15.40
C THR F 119 4.56 -29.99 -14.97
N VAL F 120 5.02 -30.70 -13.94
CA VAL F 120 6.36 -30.54 -13.41
C VAL F 120 7.23 -31.69 -13.90
N SER F 121 8.53 -31.56 -13.67
CA SER F 121 9.48 -32.59 -14.06
C SER F 121 10.68 -32.53 -13.13
N THR F 122 11.56 -33.53 -13.23
CA THR F 122 12.73 -33.57 -12.38
C THR F 122 13.75 -32.49 -12.70
N GLY F 123 13.59 -31.79 -13.82
CA GLY F 123 14.49 -30.72 -14.17
C GLY F 123 15.76 -31.13 -14.87
N PHE F 124 15.91 -32.39 -15.24
CA PHE F 124 17.08 -32.83 -15.99
C PHE F 124 16.72 -34.04 -16.84
N LYS F 125 17.54 -34.29 -17.85
CA LYS F 125 17.31 -35.40 -18.74
C LYS F 125 17.63 -36.73 -18.07
N PHE F 126 16.80 -37.73 -18.34
CA PHE F 126 17.02 -39.05 -17.78
C PHE F 126 18.15 -39.76 -18.51
N ASP F 127 18.89 -40.59 -17.77
CA ASP F 127 19.99 -41.36 -18.32
C ASP F 127 19.97 -42.74 -17.67
N ASP F 128 19.55 -43.75 -18.45
CA ASP F 128 19.51 -45.11 -17.91
C ASP F 128 20.91 -45.69 -17.72
N THR F 129 21.89 -45.22 -18.49
CA THR F 129 23.25 -45.73 -18.35
C THR F 129 23.79 -45.47 -16.96
N LYS F 130 23.59 -44.25 -16.44
CA LYS F 130 23.93 -43.97 -15.05
C LYS F 130 22.92 -44.56 -14.08
N PHE F 131 21.71 -44.86 -14.55
CA PHE F 131 20.67 -45.46 -13.70
C PHE F 131 20.84 -46.98 -13.72
N VAL F 132 21.93 -47.42 -13.09
CA VAL F 132 22.25 -48.84 -13.01
C VAL F 132 22.65 -49.16 -11.57
N GLU F 133 22.61 -50.45 -11.25
CA GLU F 133 22.95 -50.92 -9.91
C GLU F 133 24.43 -51.27 -9.77
N ASP F 134 25.03 -51.84 -10.81
CA ASP F 134 26.43 -52.26 -10.77
C ASP F 134 27.32 -51.10 -11.19
N SER F 135 27.37 -50.08 -10.33
CA SER F 135 28.21 -48.92 -10.54
C SER F 135 28.96 -48.62 -9.26
N PRO F 136 30.20 -48.11 -9.36
CA PRO F 136 30.93 -47.73 -8.15
C PRO F 136 30.21 -46.68 -7.33
N GLU F 137 29.52 -45.75 -7.99
CA GLU F 137 28.77 -44.72 -7.26
C GLU F 137 27.67 -45.34 -6.41
N MET F 138 27.02 -46.38 -6.93
CA MET F 138 25.98 -47.06 -6.15
C MET F 138 26.56 -47.67 -4.88
N GLU F 139 27.71 -48.34 -4.99
CA GLU F 139 28.32 -48.94 -3.82
C GLU F 139 28.77 -47.88 -2.82
N GLU F 140 29.38 -46.79 -3.32
CA GLU F 140 29.83 -45.72 -2.43
C GLU F 140 28.64 -45.09 -1.70
N LEU F 141 27.55 -44.85 -2.41
CA LEU F 141 26.38 -44.25 -1.79
C LEU F 141 25.71 -45.22 -0.82
N MET F 142 25.75 -46.52 -1.10
CA MET F 142 25.26 -47.49 -0.14
C MET F 142 26.09 -47.46 1.14
N ASN F 143 27.41 -47.35 1.00
CA ASN F 143 28.26 -47.19 2.17
C ASN F 143 27.92 -45.92 2.94
N ILE F 144 27.67 -44.82 2.22
CA ILE F 144 27.33 -43.56 2.85
C ILE F 144 26.03 -43.70 3.64
N ILE F 145 25.02 -44.33 3.04
CA ILE F 145 23.73 -44.50 3.71
C ILE F 145 23.88 -45.41 4.93
N ASN F 146 24.64 -46.49 4.80
CA ASN F 146 24.88 -47.36 5.94
C ASN F 146 25.57 -46.61 7.07
N ASP F 147 26.49 -45.70 6.72
CA ASP F 147 27.09 -44.84 7.74
C ASP F 147 26.03 -43.95 8.38
N ILE F 148 25.16 -43.35 7.56
CA ILE F 148 24.12 -42.47 8.09
C ILE F 148 23.15 -43.27 8.96
N GLN F 149 22.71 -44.42 8.47
CA GLN F 149 21.81 -45.30 9.21
C GLN F 149 22.37 -46.71 9.17
N PRO F 150 22.89 -47.24 10.28
CA PRO F 150 23.47 -48.58 10.26
C PRO F 150 22.43 -49.65 9.96
N LEU F 151 22.89 -50.71 9.31
CA LEU F 151 22.05 -51.88 9.03
C LEU F 151 22.04 -52.85 10.22
N THR F 152 21.73 -52.31 11.40
CA THR F 152 21.71 -53.08 12.64
C THR F 152 20.28 -53.34 13.07
N ASP F 153 20.09 -54.45 13.79
CA ASP F 153 18.74 -54.81 14.24
C ASP F 153 18.20 -53.79 15.22
N GLU F 154 19.06 -53.15 16.01
CA GLU F 154 18.60 -52.11 16.92
C GLU F 154 18.03 -50.92 16.16
N ASN F 155 18.67 -50.55 15.05
CA ASN F 155 18.20 -49.47 14.19
C ASN F 155 17.44 -49.99 12.98
N LYS F 156 17.12 -51.28 12.95
CA LYS F 156 16.45 -51.85 11.77
C LYS F 156 15.10 -51.20 11.53
N LYS F 157 14.32 -50.97 12.60
CA LYS F 157 13.05 -50.27 12.44
C LYS F 157 13.28 -48.82 12.00
N ASN F 158 14.22 -48.12 12.63
CA ASN F 158 14.51 -46.75 12.25
C ASN F 158 15.05 -46.67 10.82
N ARG F 159 15.96 -47.58 10.46
CA ARG F 159 16.50 -47.61 9.10
C ARG F 159 15.39 -47.90 8.10
N GLU F 160 14.51 -48.85 8.40
CA GLU F 160 13.43 -49.18 7.49
C GLU F 160 12.47 -48.01 7.33
N LEU F 161 12.15 -47.31 8.42
CA LEU F 161 11.29 -46.13 8.32
C LEU F 161 11.94 -45.04 7.49
N TYR F 162 13.25 -44.84 7.68
CA TYR F 162 13.97 -43.86 6.88
C TYR F 162 13.95 -44.22 5.40
N GLU F 163 14.15 -45.51 5.08
CA GLU F 163 14.09 -45.94 3.69
C GLU F 163 12.70 -45.77 3.11
N LYS F 164 11.66 -46.06 3.90
CA LYS F 164 10.30 -45.86 3.44
C LYS F 164 10.02 -44.39 3.17
N THR F 165 10.51 -43.50 4.04
CA THR F 165 10.31 -42.07 3.82
C THR F 165 11.02 -41.62 2.55
N LEU F 166 12.26 -42.08 2.35
CA LEU F 166 12.98 -41.70 1.14
C LEU F 166 12.29 -42.21 -0.11
N SER F 167 11.76 -43.44 -0.07
CA SER F 167 11.02 -43.97 -1.20
C SER F 167 9.75 -43.17 -1.45
N SER F 168 9.05 -42.78 -0.38
CA SER F 168 7.83 -42.01 -0.51
C SER F 168 8.10 -40.58 -0.94
N CYS F 169 9.34 -40.13 -0.85
CA CYS F 169 9.68 -38.81 -1.39
C CYS F 169 9.40 -38.72 -2.88
N LEU F 170 9.31 -39.84 -3.59
CA LEU F 170 8.95 -39.86 -5.00
C LEU F 170 7.45 -39.97 -5.24
N CYS F 171 6.65 -40.05 -4.18
CA CYS F 171 5.22 -40.24 -4.34
C CYS F 171 4.57 -38.97 -4.89
N GLY F 172 3.59 -39.16 -5.77
CA GLY F 172 2.85 -38.06 -6.32
C GLY F 172 1.48 -37.90 -5.70
N ALA F 173 1.28 -38.52 -4.54
CA ALA F 173 0.03 -38.43 -3.80
C ALA F 173 0.26 -37.73 -2.47
N THR F 174 -0.82 -37.60 -1.71
CA THR F 174 -0.76 -36.88 -0.44
C THR F 174 0.01 -37.68 0.61
N LYS F 175 0.70 -36.97 1.48
CA LYS F 175 1.39 -37.62 2.60
C LYS F 175 0.46 -37.63 3.81
N GLY F 176 0.05 -38.83 4.21
CA GLY F 176 -0.86 -38.99 5.34
C GLY F 176 -0.23 -39.02 6.71
N CYS F 177 1.10 -38.89 6.79
CA CYS F 177 1.78 -38.91 8.08
C CYS F 177 3.10 -38.17 7.94
N LEU F 178 3.22 -37.05 8.65
CA LEU F 178 4.45 -36.27 8.62
C LEU F 178 5.61 -37.06 9.22
N THR F 179 6.80 -36.86 8.67
CA THR F 179 8.01 -37.55 9.09
C THR F 179 8.97 -36.56 9.72
N PHE F 180 9.57 -36.96 10.85
CA PHE F 180 10.52 -36.13 11.57
C PHE F 180 11.91 -36.76 11.51
N PHE F 181 12.92 -35.92 11.30
CA PHE F 181 14.32 -36.33 11.37
C PHE F 181 14.90 -35.75 12.65
N PHE F 182 15.03 -36.60 13.68
CA PHE F 182 15.49 -36.18 15.00
C PHE F 182 16.93 -36.61 15.21
N GLY F 183 17.67 -35.83 15.99
CA GLY F 183 19.04 -36.14 16.30
C GLY F 183 19.82 -34.94 16.80
N GLU F 184 21.03 -34.76 16.31
CA GLU F 184 21.87 -33.62 16.63
C GLU F 184 22.32 -32.93 15.34
N THR F 185 23.17 -31.93 15.50
CA THR F 185 23.69 -31.21 14.34
C THR F 185 24.69 -32.06 13.58
N ALA F 186 24.58 -32.07 12.26
CA ALA F 186 25.51 -32.78 11.37
C ALA F 186 25.58 -34.27 11.70
N THR F 187 24.42 -34.88 11.90
CA THR F 187 24.33 -36.32 12.11
C THR F 187 24.07 -37.09 10.82
N GLY F 188 24.03 -36.39 9.68
CA GLY F 188 23.73 -37.00 8.40
C GLY F 188 22.43 -36.54 7.77
N LYS F 189 21.62 -35.77 8.49
CA LYS F 189 20.37 -35.27 7.91
C LYS F 189 20.63 -34.34 6.74
N SER F 190 21.60 -33.45 6.87
CA SER F 190 21.92 -32.53 5.78
C SER F 190 22.44 -33.28 4.55
N THR F 191 23.27 -34.31 4.77
CA THR F 191 23.78 -35.09 3.64
C THR F 191 22.65 -35.80 2.91
N THR F 192 21.73 -36.41 3.66
CA THR F 192 20.60 -37.07 3.02
C THR F 192 19.72 -36.08 2.27
N LYS F 193 19.49 -34.90 2.87
CA LYS F 193 18.69 -33.89 2.20
C LYS F 193 19.34 -33.43 0.91
N ARG F 194 20.66 -33.20 0.93
CA ARG F 194 21.36 -32.78 -0.28
C ARG F 194 21.33 -33.88 -1.34
N LEU F 195 21.50 -35.14 -0.92
CA LEU F 195 21.42 -36.25 -1.87
C LEU F 195 20.05 -36.32 -2.52
N LEU F 196 19.00 -36.18 -1.73
CA LEU F 196 17.64 -36.21 -2.27
C LEU F 196 17.40 -35.06 -3.23
N LYS F 197 17.86 -33.86 -2.87
CA LYS F 197 17.69 -32.70 -3.72
C LYS F 197 18.41 -32.89 -5.05
N SER F 198 19.66 -33.36 -5.00
CA SER F 198 20.40 -33.62 -6.22
C SER F 198 19.76 -34.71 -7.06
N ALA F 199 19.14 -35.70 -6.41
CA ALA F 199 18.54 -36.79 -7.15
C ALA F 199 17.25 -36.36 -7.85
N ILE F 200 16.43 -35.54 -7.19
CA ILE F 200 15.10 -35.23 -7.70
C ILE F 200 15.01 -33.88 -8.37
N GLY F 201 16.10 -33.10 -8.37
CA GLY F 201 16.11 -31.87 -9.17
C GLY F 201 15.05 -30.87 -8.75
N ASP F 202 14.25 -30.43 -9.72
CA ASP F 202 13.27 -29.39 -9.47
C ASP F 202 12.20 -29.83 -8.49
N LEU F 203 11.93 -31.13 -8.42
CA LEU F 203 10.87 -31.63 -7.54
C LEU F 203 11.17 -31.38 -6.07
N PHE F 204 12.41 -31.08 -5.72
CA PHE F 204 12.77 -30.78 -4.34
C PHE F 204 12.39 -29.34 -3.99
N VAL F 205 12.00 -29.15 -2.74
CA VAL F 205 11.77 -27.83 -2.18
C VAL F 205 12.05 -27.89 -0.68
N GLU F 206 12.72 -26.87 -0.17
CA GLU F 206 13.11 -26.82 1.25
C GLU F 206 12.67 -25.49 1.84
N THR F 207 12.22 -25.53 3.09
CA THR F 207 11.78 -24.34 3.80
C THR F 207 12.26 -24.42 5.24
N GLY F 208 11.99 -23.36 5.99
CA GLY F 208 12.40 -23.25 7.38
C GLY F 208 11.27 -23.58 8.33
N GLN F 209 11.23 -22.86 9.45
CA GLN F 209 10.23 -23.06 10.49
C GLN F 209 8.98 -22.19 10.29
N THR F 210 8.91 -21.45 9.20
CA THR F 210 7.80 -20.51 9.01
C THR F 210 6.47 -21.25 8.91
N ILE F 211 6.40 -22.27 8.04
CA ILE F 211 5.15 -22.98 7.82
C ILE F 211 4.77 -23.90 8.97
N LEU F 212 5.69 -24.15 9.91
CA LEU F 212 5.43 -25.06 11.01
C LEU F 212 4.88 -24.39 12.26
N THR F 213 5.21 -23.11 12.49
CA THR F 213 4.83 -22.43 13.71
C THR F 213 3.98 -21.19 13.45
N ASP F 214 3.58 -20.93 12.22
CA ASP F 214 2.80 -19.76 11.87
C ASP F 214 1.55 -20.16 11.09
N VAL F 215 0.65 -19.20 10.93
CA VAL F 215 -0.61 -19.43 10.22
C VAL F 215 -0.34 -19.30 8.72
N LEU F 216 -0.60 -20.38 7.98
CA LEU F 216 -0.34 -20.36 6.55
C LEU F 216 -1.37 -19.51 5.79
N ASP F 217 -2.65 -19.67 6.12
CA ASP F 217 -3.72 -19.00 5.39
C ASP F 217 -3.90 -17.59 5.95
N LYS F 218 -3.03 -16.69 5.49
CA LYS F 218 -3.13 -15.27 5.83
C LYS F 218 -2.60 -14.47 4.65
N GLY F 219 -3.50 -14.06 3.77
CA GLY F 219 -3.13 -13.32 2.58
C GLY F 219 -2.26 -14.14 1.65
N PRO F 220 -1.41 -13.46 0.87
CA PRO F 220 -0.47 -14.18 0.01
C PRO F 220 0.50 -15.01 0.84
N ASN F 221 0.84 -16.18 0.32
CA ASN F 221 1.77 -17.10 0.97
C ASN F 221 2.65 -17.73 -0.10
N PRO F 222 3.81 -17.13 -0.38
CA PRO F 222 4.70 -17.69 -1.42
C PRO F 222 5.18 -19.09 -1.11
N PHE F 223 5.36 -19.44 0.16
CA PHE F 223 5.86 -20.76 0.51
C PHE F 223 4.89 -21.85 0.06
N ILE F 224 3.62 -21.71 0.40
CA ILE F 224 2.63 -22.71 0.03
C ILE F 224 2.47 -22.74 -1.49
N ALA F 225 2.54 -21.58 -2.13
CA ALA F 225 2.45 -21.53 -3.59
C ALA F 225 3.59 -22.31 -4.23
N ASN F 226 4.81 -22.17 -3.70
CA ASN F 226 5.93 -22.95 -4.22
C ASN F 226 5.77 -24.43 -3.90
N MET F 227 5.17 -24.76 -2.75
CA MET F 227 5.02 -26.16 -2.36
C MET F 227 4.05 -26.94 -3.23
N HIS F 228 3.28 -26.26 -4.08
CA HIS F 228 2.31 -26.96 -4.91
C HIS F 228 3.02 -27.84 -5.94
N LEU F 229 2.41 -28.99 -6.22
CA LEU F 229 2.89 -29.93 -7.24
C LEU F 229 4.34 -30.36 -6.98
N LYS F 230 4.70 -30.49 -5.71
CA LYS F 230 6.05 -30.90 -5.31
C LYS F 230 6.05 -32.35 -4.87
N ARG F 231 7.26 -32.91 -4.77
CA ARG F 231 7.43 -34.30 -4.37
C ARG F 231 7.94 -34.47 -2.95
N SER F 232 8.67 -33.48 -2.42
CA SER F 232 9.16 -33.57 -1.05
C SER F 232 9.48 -32.18 -0.54
N VAL F 233 9.19 -31.94 0.74
CA VAL F 233 9.47 -30.68 1.41
C VAL F 233 10.36 -30.96 2.61
N PHE F 234 11.43 -30.18 2.75
CA PHE F 234 12.32 -30.27 3.90
C PHE F 234 12.13 -29.02 4.76
N CYS F 235 11.80 -29.24 6.03
CA CYS F 235 11.54 -28.16 6.98
C CYS F 235 12.62 -28.19 8.04
N SER F 236 13.69 -27.45 7.81
CA SER F 236 14.82 -27.38 8.72
C SER F 236 14.68 -26.15 9.62
N GLU F 237 15.75 -25.86 10.36
CA GLU F 237 15.82 -24.67 11.22
C GLU F 237 14.75 -24.69 12.32
N LEU F 238 14.75 -25.78 13.11
CA LEU F 238 13.85 -25.69 14.26
C LEU F 238 14.61 -25.21 15.49
N PRO F 239 14.03 -24.29 16.24
CA PRO F 239 14.72 -23.73 17.41
C PRO F 239 14.67 -24.68 18.60
N ASP F 240 15.44 -24.34 19.62
CA ASP F 240 15.45 -25.11 20.87
C ASP F 240 14.13 -24.90 21.60
N PHE F 241 13.33 -25.96 21.69
CA PHE F 241 12.01 -25.85 22.31
C PHE F 241 12.11 -25.49 23.78
N ALA F 242 13.13 -26.00 24.47
CA ALA F 242 13.28 -25.69 25.89
C ALA F 242 13.52 -24.19 26.11
N CYS F 243 14.33 -23.57 25.25
CA CYS F 243 14.60 -22.15 25.38
C CYS F 243 13.35 -21.33 25.11
N SER F 244 13.21 -20.23 25.86
CA SER F 244 12.09 -19.33 25.67
C SER F 244 12.23 -18.55 24.36
N GLY F 245 11.10 -18.03 23.89
CA GLY F 245 11.07 -17.30 22.64
C GLY F 245 11.02 -18.18 21.40
N SER F 246 10.93 -19.50 21.58
CA SER F 246 10.82 -20.44 20.47
C SER F 246 9.40 -20.97 20.42
N LYS F 247 8.71 -20.75 19.30
CA LYS F 247 7.32 -21.17 19.19
C LYS F 247 7.23 -22.68 19.03
N LYS F 248 6.09 -23.21 19.46
CA LYS F 248 5.81 -24.64 19.33
C LYS F 248 5.27 -24.95 17.94
N ILE F 249 5.33 -26.24 17.59
CA ILE F 249 4.81 -26.70 16.31
C ILE F 249 3.29 -26.72 16.40
N ARG F 250 2.63 -26.01 15.49
CA ARG F 250 1.18 -25.90 15.52
C ARG F 250 0.56 -27.17 14.92
N SER F 251 -0.26 -27.86 15.71
CA SER F 251 -0.96 -29.03 15.19
C SER F 251 -1.91 -28.66 14.07
N ASP F 252 -2.45 -27.44 14.11
CA ASP F 252 -3.31 -26.98 13.02
C ASP F 252 -2.54 -26.92 11.70
N ASN F 253 -1.30 -26.43 11.75
CA ASN F 253 -0.47 -26.41 10.53
C ASN F 253 -0.22 -27.83 10.02
N ILE F 254 0.08 -28.76 10.93
CA ILE F 254 0.35 -30.13 10.52
C ILE F 254 -0.88 -30.75 9.87
N LYS F 255 -2.05 -30.55 10.47
CA LYS F 255 -3.28 -31.07 9.88
C LYS F 255 -3.60 -30.39 8.55
N LYS F 256 -3.23 -29.10 8.41
CA LYS F 256 -3.42 -28.43 7.12
C LYS F 256 -2.54 -29.03 6.05
N LEU F 257 -1.31 -29.40 6.39
CA LEU F 257 -0.41 -29.99 5.40
C LEU F 257 -0.60 -31.50 5.31
N THR F 258 -1.85 -31.94 5.17
CA THR F 258 -2.17 -33.36 5.02
C THR F 258 -3.28 -33.59 4.01
N GLU F 259 -3.67 -32.57 3.24
CA GLU F 259 -4.75 -32.69 2.28
C GLU F 259 -4.20 -32.73 0.85
N PRO F 260 -4.91 -33.37 -0.07
CA PRO F 260 -4.42 -33.42 -1.46
C PRO F 260 -4.25 -32.05 -2.10
N CYS F 261 -5.09 -31.08 -1.74
CA CYS F 261 -5.03 -29.73 -2.30
C CYS F 261 -5.08 -28.74 -1.14
N VAL F 262 -3.89 -28.37 -0.64
CA VAL F 262 -3.80 -27.44 0.48
C VAL F 262 -4.03 -26.03 -0.01
N ILE F 263 -4.83 -25.28 0.74
CA ILE F 263 -5.20 -23.91 0.38
C ILE F 263 -4.04 -22.97 0.65
N GLY F 264 -4.15 -21.73 0.16
CA GLY F 264 -3.13 -20.72 0.35
C GLY F 264 -3.01 -19.80 -0.85
N ARG F 265 -3.02 -18.49 -0.60
CA ARG F 265 -3.06 -17.53 -1.70
C ARG F 265 -1.66 -17.30 -2.26
N PRO F 266 -1.48 -17.42 -3.57
CA PRO F 266 -0.22 -17.02 -4.19
C PRO F 266 -0.16 -15.50 -4.34
N CYS F 267 0.90 -15.03 -4.98
CA CYS F 267 1.15 -13.60 -5.14
C CYS F 267 0.59 -13.14 -6.48
N PHE F 268 -0.43 -12.27 -6.42
CA PHE F 268 -1.01 -11.64 -7.61
C PHE F 268 -1.51 -12.69 -8.60
N SER F 269 -2.10 -13.76 -8.09
CA SER F 269 -2.66 -14.80 -8.93
C SER F 269 -3.68 -15.59 -8.12
N ASN F 270 -4.52 -16.33 -8.85
CA ASN F 270 -5.57 -17.15 -8.24
C ASN F 270 -5.19 -18.62 -8.40
N LYS F 271 -4.36 -19.10 -7.47
CA LYS F 271 -3.94 -20.50 -7.40
C LYS F 271 -4.06 -21.00 -5.97
N ILE F 272 -5.20 -20.70 -5.34
CA ILE F 272 -5.39 -21.06 -3.93
C ILE F 272 -5.35 -22.56 -3.74
N ASN F 273 -6.00 -23.30 -4.64
CA ASN F 273 -6.04 -24.76 -4.56
C ASN F 273 -4.69 -25.29 -5.03
N ASN F 274 -3.78 -25.48 -4.07
CA ASN F 274 -2.43 -25.96 -4.35
C ASN F 274 -2.37 -27.45 -4.05
N ARG F 275 -2.14 -28.26 -5.08
CA ARG F 275 -2.07 -29.70 -4.90
C ARG F 275 -0.85 -30.06 -4.08
N ASN F 276 -1.05 -30.93 -3.08
CA ASN F 276 0.00 -31.32 -2.15
C ASN F 276 0.35 -32.78 -2.39
N HIS F 277 1.44 -33.02 -3.12
CA HIS F 277 1.94 -34.36 -3.38
C HIS F 277 3.32 -34.57 -2.75
N ALA F 278 3.75 -33.65 -1.88
CA ALA F 278 5.12 -33.62 -1.41
C ALA F 278 5.29 -34.35 -0.10
N THR F 279 6.39 -35.10 0.01
CA THR F 279 6.74 -35.80 1.24
C THR F 279 7.46 -34.82 2.16
N ILE F 280 6.74 -34.34 3.17
CA ILE F 280 7.25 -33.28 4.04
C ILE F 280 8.14 -33.92 5.11
N ILE F 281 9.37 -33.44 5.20
CA ILE F 281 10.35 -33.93 6.17
C ILE F 281 10.84 -32.75 6.99
N ILE F 282 10.90 -32.92 8.31
CA ILE F 282 11.29 -31.87 9.23
C ILE F 282 12.67 -32.19 9.79
N ASP F 283 13.59 -31.24 9.67
CA ASP F 283 14.94 -31.39 10.19
C ASP F 283 15.07 -30.60 11.49
N THR F 284 15.48 -31.27 12.56
CA THR F 284 15.62 -30.62 13.86
C THR F 284 16.65 -31.36 14.69
N ASN F 285 17.11 -30.69 15.74
CA ASN F 285 18.07 -31.26 16.69
C ASN F 285 17.48 -31.42 18.08
N TYR F 286 16.17 -31.23 18.24
CA TYR F 286 15.52 -31.32 19.54
C TYR F 286 14.25 -32.12 19.40
N LYS F 287 13.80 -32.69 20.52
CA LYS F 287 12.53 -33.40 20.53
C LYS F 287 11.40 -32.41 20.28
N PRO F 288 10.50 -32.68 19.34
CA PRO F 288 9.47 -31.69 19.00
C PRO F 288 8.50 -31.45 20.14
N VAL F 289 8.03 -30.20 20.23
CA VAL F 289 7.04 -29.78 21.21
C VAL F 289 5.89 -29.13 20.47
N PHE F 290 4.67 -29.58 20.75
CA PHE F 290 3.49 -29.16 20.02
C PHE F 290 2.55 -28.39 20.93
N ASP F 291 1.83 -27.42 20.34
CA ASP F 291 0.85 -26.66 21.11
C ASP F 291 -0.27 -27.54 21.61
N ARG F 292 -0.73 -28.47 20.78
CA ARG F 292 -1.81 -29.40 21.14
C ARG F 292 -1.35 -30.82 20.87
N ILE F 293 -1.81 -31.74 21.70
CA ILE F 293 -1.50 -33.16 21.55
C ILE F 293 -2.81 -33.93 21.43
N ASP F 294 -2.92 -34.75 20.40
CA ASP F 294 -4.12 -35.52 20.15
C ASP F 294 -3.77 -36.73 19.31
N ASN F 295 -4.73 -37.65 19.19
CA ASN F 295 -4.48 -38.90 18.49
C ASN F 295 -4.15 -38.67 17.03
N ALA F 296 -4.92 -37.80 16.35
CA ALA F 296 -4.71 -37.58 14.93
C ALA F 296 -3.32 -37.00 14.65
N LEU F 297 -2.89 -36.03 15.47
CA LEU F 297 -1.53 -35.53 15.33
C LEU F 297 -0.51 -36.63 15.61
N MET F 298 -0.75 -37.42 16.67
CA MET F 298 0.12 -38.56 16.93
C MET F 298 0.02 -39.60 15.82
N ARG F 299 -1.12 -39.68 15.14
CA ARG F 299 -1.27 -40.54 13.99
C ARG F 299 -0.79 -39.88 12.70
N ARG F 300 -0.37 -38.62 12.77
CA ARG F 300 0.18 -37.91 11.62
C ARG F 300 1.68 -37.69 11.72
N ILE F 301 2.34 -38.20 12.75
CA ILE F 301 3.74 -37.91 13.02
C ILE F 301 4.54 -39.20 12.99
N ALA F 302 5.62 -39.20 12.21
CA ALA F 302 6.60 -40.27 12.19
C ALA F 302 7.97 -39.70 12.57
N VAL F 303 8.69 -40.42 13.41
CA VAL F 303 9.96 -39.95 13.95
C VAL F 303 11.07 -40.87 13.46
N VAL F 304 12.09 -40.28 12.83
CA VAL F 304 13.29 -40.99 12.41
C VAL F 304 14.46 -40.37 13.14
N ARG F 305 15.23 -41.19 13.84
CA ARG F 305 16.36 -40.72 14.62
C ARG F 305 17.66 -41.00 13.89
N PHE F 306 18.51 -39.97 13.85
CA PHE F 306 19.85 -40.09 13.27
C PHE F 306 20.84 -40.32 14.40
N ARG F 307 21.51 -41.47 14.39
CA ARG F 307 22.35 -41.91 15.50
C ARG F 307 23.74 -42.25 15.00
N THR F 308 24.31 -41.36 14.19
CA THR F 308 25.70 -41.52 13.76
C THR F 308 26.28 -40.14 13.48
N HIS F 309 27.09 -39.64 14.41
CA HIS F 309 27.79 -38.39 14.19
C HIS F 309 29.03 -38.61 13.34
N PHE F 310 29.40 -37.59 12.57
CA PHE F 310 30.55 -37.65 11.67
C PHE F 310 31.49 -36.51 12.04
N SER F 311 32.38 -36.77 12.98
CA SER F 311 33.34 -35.76 13.44
C SER F 311 34.44 -35.54 12.42
N TYR F 325 24.46 -41.12 19.96
CA TYR F 325 24.41 -41.76 18.66
C TYR F 325 24.61 -43.27 18.79
N ASP F 326 24.64 -43.97 17.65
CA ASP F 326 24.98 -45.38 17.62
C ASP F 326 26.36 -45.65 17.03
N LYS F 327 26.92 -44.69 16.29
CA LYS F 327 28.26 -44.83 15.73
C LYS F 327 28.89 -43.44 15.64
N VAL F 328 30.21 -43.41 15.65
CA VAL F 328 30.98 -42.19 15.45
C VAL F 328 32.04 -42.48 14.39
N LYS F 329 31.98 -41.75 13.29
CA LYS F 329 32.90 -41.93 12.18
C LYS F 329 33.54 -40.59 11.81
N LEU F 330 34.49 -40.65 10.89
CA LEU F 330 35.22 -39.47 10.45
C LEU F 330 34.41 -38.68 9.43
N LEU F 331 34.85 -37.44 9.20
CA LEU F 331 34.17 -36.54 8.28
C LEU F 331 34.77 -36.65 6.89
N ASP F 332 33.90 -36.76 5.89
CA ASP F 332 34.29 -36.78 4.48
C ASP F 332 33.96 -35.40 3.91
N GLU F 333 34.97 -34.54 3.83
CA GLU F 333 34.75 -33.18 3.36
C GLU F 333 34.47 -33.13 1.87
N GLY F 334 35.11 -34.01 1.09
CA GLY F 334 34.96 -33.99 -0.35
C GLY F 334 33.70 -34.63 -0.88
N LEU F 335 32.88 -35.23 0.00
CA LEU F 335 31.65 -35.87 -0.46
C LEU F 335 30.62 -34.84 -0.92
N ASP F 336 30.59 -33.66 -0.30
CA ASP F 336 29.65 -32.63 -0.71
C ASP F 336 29.92 -32.16 -2.13
N GLY F 337 31.20 -32.14 -2.53
CA GLY F 337 31.52 -31.80 -3.91
C GLY F 337 30.97 -32.82 -4.89
N LYS F 338 31.07 -34.11 -4.57
CA LYS F 338 30.47 -35.14 -5.41
C LYS F 338 28.96 -35.00 -5.45
N ILE F 339 28.35 -34.68 -4.31
CA ILE F 339 26.90 -34.50 -4.28
C ILE F 339 26.47 -33.34 -5.17
N GLN F 340 27.18 -32.21 -5.07
CA GLN F 340 26.86 -31.05 -5.90
C GLN F 340 27.19 -31.28 -7.37
N ASN F 341 28.07 -32.24 -7.67
CA ASN F 341 28.38 -32.61 -9.05
C ASN F 341 27.42 -33.65 -9.60
N ASN F 342 26.40 -34.04 -8.83
CA ASN F 342 25.40 -35.02 -9.23
C ASN F 342 26.03 -36.38 -9.55
N ARG F 343 27.17 -36.67 -8.91
CA ARG F 343 27.82 -37.96 -9.11
C ARG F 343 26.95 -39.10 -8.61
N TYR F 344 26.30 -38.90 -7.46
CA TYR F 344 25.43 -39.91 -6.86
C TYR F 344 23.96 -39.65 -7.12
N ARG F 345 23.64 -38.87 -8.15
CA ARG F 345 22.25 -38.56 -8.45
C ARG F 345 21.50 -39.80 -8.94
N PHE F 346 22.03 -40.44 -9.97
CA PHE F 346 21.36 -41.60 -10.54
C PHE F 346 21.44 -42.81 -9.62
N ALA F 347 22.54 -42.95 -8.87
CA ALA F 347 22.61 -44.01 -7.87
C ALA F 347 21.56 -43.81 -6.79
N PHE F 348 21.39 -42.57 -6.32
CA PHE F 348 20.35 -42.28 -5.34
C PHE F 348 18.97 -42.55 -5.92
N LEU F 349 18.76 -42.19 -7.19
CA LEU F 349 17.48 -42.45 -7.83
C LEU F 349 17.20 -43.95 -7.91
N TYR F 350 18.22 -44.74 -8.26
CA TYR F 350 18.05 -46.18 -8.32
C TYR F 350 17.73 -46.75 -6.94
N LEU F 351 18.41 -46.25 -5.91
CA LEU F 351 18.12 -46.69 -4.55
C LEU F 351 16.69 -46.34 -4.15
N LEU F 352 16.24 -45.14 -4.51
CA LEU F 352 14.88 -44.74 -4.19
C LEU F 352 13.85 -45.60 -4.91
N VAL F 353 14.11 -45.93 -6.18
CA VAL F 353 13.20 -46.79 -6.92
C VAL F 353 13.16 -48.18 -6.30
N LYS F 354 14.33 -48.71 -5.91
CA LYS F 354 14.37 -50.00 -5.26
C LYS F 354 13.58 -49.99 -3.95
N TRP F 355 13.73 -48.93 -3.16
CA TRP F 355 12.99 -48.84 -1.91
C TRP F 355 11.49 -48.68 -2.16
N TYR F 356 11.12 -47.93 -3.20
CA TYR F 356 9.71 -47.78 -3.54
C TYR F 356 9.10 -49.12 -3.92
N LYS F 357 9.81 -49.91 -4.72
CA LYS F 357 9.32 -51.24 -5.06
C LYS F 357 9.28 -52.16 -3.85
N LYS F 358 10.25 -52.02 -2.94
CA LYS F 358 10.26 -52.83 -1.72
C LYS F 358 9.10 -52.50 -0.79
N TYR F 359 8.74 -51.22 -0.71
CA TYR F 359 7.76 -50.75 0.27
C TYR F 359 6.44 -50.34 -0.36
N HIS F 360 6.47 -49.42 -1.32
CA HIS F 360 5.28 -48.72 -1.77
C HIS F 360 4.59 -49.40 -2.95
N VAL F 361 5.16 -50.46 -3.48
CA VAL F 361 4.52 -51.26 -4.52
C VAL F 361 3.68 -52.34 -3.84
N PRO F 362 2.38 -52.43 -4.13
CA PRO F 362 1.61 -51.60 -5.06
C PRO F 362 0.91 -50.42 -4.38
N ILE F 363 0.96 -50.30 -3.05
CA ILE F 363 0.19 -49.32 -2.31
C ILE F 363 1.12 -48.48 -1.45
N MET F 364 0.92 -47.16 -1.47
CA MET F 364 1.66 -46.27 -0.59
C MET F 364 1.30 -46.55 0.87
N LYS F 365 2.31 -46.42 1.73
CA LYS F 365 2.14 -46.67 3.16
C LYS F 365 2.87 -45.60 3.96
N LEU F 366 2.17 -45.04 4.94
CA LEU F 366 2.72 -44.01 5.84
C LEU F 366 2.16 -44.27 7.24
N TYR F 367 2.93 -44.99 8.04
CA TYR F 367 2.47 -45.36 9.38
C TYR F 367 3.14 -44.49 10.43
N PRO F 368 2.39 -43.85 11.31
CA PRO F 368 2.98 -42.98 12.32
C PRO F 368 3.75 -43.75 13.38
N THR F 369 4.70 -43.05 13.99
CA THR F 369 5.49 -43.56 15.11
C THR F 369 5.49 -42.53 16.22
N PRO F 370 4.36 -42.36 16.91
CA PRO F 370 4.27 -41.32 17.94
C PRO F 370 4.94 -41.66 19.25
N GLU F 371 5.31 -42.93 19.48
CA GLU F 371 5.92 -43.31 20.75
C GLU F 371 7.33 -42.75 20.90
N GLU F 372 7.94 -42.27 19.83
CA GLU F 372 9.26 -41.67 19.91
C GLU F 372 9.18 -40.17 20.18
#